data_3MXC
# 
_entry.id   3MXC 
# 
_audit_conform.dict_name       mmcif_pdbx.dic 
_audit_conform.dict_version    5.399 
_audit_conform.dict_location   http://mmcif.pdb.org/dictionaries/ascii/mmcif_pdbx.dic 
# 
loop_
_database_2.database_id 
_database_2.database_code 
_database_2.pdbx_database_accession 
_database_2.pdbx_DOI 
PDB   3MXC         pdb_00003mxc 10.2210/pdb3mxc/pdb 
RCSB  RCSB059111   ?            ?                   
WWPDB D_1000059111 ?            ?                   
# 
loop_
_pdbx_audit_revision_history.ordinal 
_pdbx_audit_revision_history.data_content_type 
_pdbx_audit_revision_history.major_revision 
_pdbx_audit_revision_history.minor_revision 
_pdbx_audit_revision_history.revision_date 
1 'Structure model' 1 0 2011-05-11 
2 'Structure model' 1 1 2011-07-13 
3 'Structure model' 1 2 2011-10-12 
4 'Structure model' 1 3 2011-11-02 
5 'Structure model' 1 4 2011-12-14 
6 'Structure model' 1 5 2023-09-06 
7 'Structure model' 1 6 2023-11-22 
8 'Structure model' 1 7 2024-11-27 
# 
_pdbx_audit_revision_details.ordinal             1 
_pdbx_audit_revision_details.revision_ordinal    1 
_pdbx_audit_revision_details.data_content_type   'Structure model' 
_pdbx_audit_revision_details.provider            repository 
_pdbx_audit_revision_details.type                'Initial release' 
_pdbx_audit_revision_details.description         ? 
_pdbx_audit_revision_details.details             ? 
# 
loop_
_pdbx_audit_revision_group.ordinal 
_pdbx_audit_revision_group.revision_ordinal 
_pdbx_audit_revision_group.data_content_type 
_pdbx_audit_revision_group.group 
1  2 'Structure model' 'Version format compliance' 
2  3 'Structure model' 'Database references'       
3  4 'Structure model' 'Database references'       
4  5 'Structure model' 'Database references'       
5  6 'Structure model' 'Data collection'           
6  6 'Structure model' 'Database references'       
7  6 'Structure model' 'Derived calculations'      
8  6 'Structure model' 'Refinement description'    
9  7 'Structure model' 'Data collection'           
10 8 'Structure model' 'Structure summary'         
# 
loop_
_pdbx_audit_revision_category.ordinal 
_pdbx_audit_revision_category.revision_ordinal 
_pdbx_audit_revision_category.data_content_type 
_pdbx_audit_revision_category.category 
1  6 'Structure model' chem_comp_atom                
2  6 'Structure model' chem_comp_bond                
3  6 'Structure model' database_2                    
4  6 'Structure model' pdbx_initial_refinement_model 
5  6 'Structure model' struct_conn                   
6  6 'Structure model' struct_ref_seq_dif            
7  7 'Structure model' chem_comp_atom                
8  7 'Structure model' chem_comp_bond                
9  8 'Structure model' pdbx_entry_details            
10 8 'Structure model' pdbx_modification_feature     
# 
loop_
_pdbx_audit_revision_item.ordinal 
_pdbx_audit_revision_item.revision_ordinal 
_pdbx_audit_revision_item.data_content_type 
_pdbx_audit_revision_item.item 
1  6 'Structure model' '_database_2.pdbx_DOI'                
2  6 'Structure model' '_database_2.pdbx_database_accession' 
3  6 'Structure model' '_struct_conn.pdbx_dist_value'        
4  6 'Structure model' '_struct_conn.pdbx_leaving_atom_flag' 
5  6 'Structure model' '_struct_conn.ptnr1_auth_comp_id'     
6  6 'Structure model' '_struct_conn.ptnr1_auth_seq_id'      
7  6 'Structure model' '_struct_conn.ptnr1_label_comp_id'    
8  6 'Structure model' '_struct_conn.ptnr1_label_seq_id'     
9  6 'Structure model' '_struct_conn.ptnr2_auth_comp_id'     
10 6 'Structure model' '_struct_conn.ptnr2_auth_seq_id'      
11 6 'Structure model' '_struct_conn.ptnr2_label_comp_id'    
12 6 'Structure model' '_struct_conn.ptnr2_label_seq_id'     
13 6 'Structure model' '_struct_ref_seq_dif.details'         
14 7 'Structure model' '_chem_comp_atom.atom_id'             
15 7 'Structure model' '_chem_comp_bond.atom_id_2'           
# 
_pdbx_database_status.status_code                     REL 
_pdbx_database_status.entry_id                        3MXC 
_pdbx_database_status.recvd_initial_deposition_date   2010-05-07 
_pdbx_database_status.deposit_site                    RCSB 
_pdbx_database_status.process_site                    RCSB 
_pdbx_database_status.status_code_sf                  REL 
_pdbx_database_status.status_code_mr                  ? 
_pdbx_database_status.SG_entry                        ? 
_pdbx_database_status.status_code_cs                  ? 
_pdbx_database_status.pdb_format_compatible           Y 
_pdbx_database_status.status_code_nmr_data            ? 
_pdbx_database_status.methods_development_category    ? 
# 
loop_
_pdbx_database_related.db_name 
_pdbx_database_related.db_id 
_pdbx_database_related.details 
_pdbx_database_related.content_type 
PDB 3MXY . unspecified 
PDB 3KFJ . unspecified 
PDB 1JYR . unspecified 
PDB 1JYQ . unspecified 
# 
loop_
_audit_author.name 
_audit_author.pdbx_ordinal 
'Sen, U.' 1 
'Das, S.' 2 
# 
_citation.id                        primary 
_citation.title                     
'Functional Implications of the Conformational Switch in AICD Peptide upon Binding to Grb2-SH2 Domain.' 
_citation.journal_abbrev            J.Mol.Biol. 
_citation.journal_volume            414 
_citation.page_first                217 
_citation.page_last                 230 
_citation.year                      2011 
_citation.journal_id_ASTM           JMOBAK 
_citation.country                   UK 
_citation.journal_id_ISSN           0022-2836 
_citation.journal_id_CSD            0070 
_citation.book_publisher            ? 
_citation.pdbx_database_id_PubMed   22001015 
_citation.pdbx_database_id_DOI      10.1016/j.jmb.2011.09.046 
# 
loop_
_citation_author.citation_id 
_citation_author.name 
_citation_author.ordinal 
_citation_author.identifier_ORCID 
primary 'Das, S.'          1 ? 
primary 'Raychaudhuri, M.' 2 ? 
primary 'Sen, U.'          3 ? 
primary 'Mukhopadhyay, D.' 4 ? 
# 
loop_
_entity.id 
_entity.type 
_entity.src_method 
_entity.pdbx_description 
_entity.formula_weight 
_entity.pdbx_number_of_molecules 
_entity.pdbx_ec 
_entity.pdbx_mutation 
_entity.pdbx_fragment 
_entity.details 
1 polymer man 'Growth factor receptor-bound protein 2' 11729.305 1   ? ? ? ? 
2 polymer syn 'AICD peptide'                           1165.060  1   ? ? ? ? 
3 water   nat water                                    18.015    122 ? ? ? ? 
# 
_entity_name_com.entity_id   1 
_entity_name_com.name        'Adapter protein GRB2, SH2/SH3 adapter GRB2, Protein Ash' 
# 
loop_
_entity_poly.entity_id 
_entity_poly.type 
_entity_poly.nstd_linkage 
_entity_poly.nstd_monomer 
_entity_poly.pdbx_seq_one_letter_code 
_entity_poly.pdbx_seq_one_letter_code_can 
_entity_poly.pdbx_strand_id 
_entity_poly.pdbx_target_identifier 
1 'polypeptide(L)' no no  
;GSHMKPHPWFFGKIPRAKAEEMLSKQRHDGAFLIRESESAPGDFSLSVKFGNDVQHFKVLRDGAGKYFLWVVKFNSLNEL
VDYHRSTSVSRNQQIFLRDIE
;
;GSHMKPHPWFFGKIPRAKAEEMLSKQRHDGAFLIRESESAPGDFSLSVKFGNDVQHFKVLRDGAGKYFLWVVKFNSLNEL
VDYHRSTSVSRNQQIFLRDIE
;
A ? 
2 'polypeptide(L)' no yes 'QNG(PTR)ENPTY'                                                                                          
QNGYENPTY                                                                                                L ? 
# 
_pdbx_entity_nonpoly.entity_id   3 
_pdbx_entity_nonpoly.name        water 
_pdbx_entity_nonpoly.comp_id     HOH 
# 
loop_
_entity_poly_seq.entity_id 
_entity_poly_seq.num 
_entity_poly_seq.mon_id 
_entity_poly_seq.hetero 
1 1   GLY n 
1 2   SER n 
1 3   HIS n 
1 4   MET n 
1 5   LYS n 
1 6   PRO n 
1 7   HIS n 
1 8   PRO n 
1 9   TRP n 
1 10  PHE n 
1 11  PHE n 
1 12  GLY n 
1 13  LYS n 
1 14  ILE n 
1 15  PRO n 
1 16  ARG n 
1 17  ALA n 
1 18  LYS n 
1 19  ALA n 
1 20  GLU n 
1 21  GLU n 
1 22  MET n 
1 23  LEU n 
1 24  SER n 
1 25  LYS n 
1 26  GLN n 
1 27  ARG n 
1 28  HIS n 
1 29  ASP n 
1 30  GLY n 
1 31  ALA n 
1 32  PHE n 
1 33  LEU n 
1 34  ILE n 
1 35  ARG n 
1 36  GLU n 
1 37  SER n 
1 38  GLU n 
1 39  SER n 
1 40  ALA n 
1 41  PRO n 
1 42  GLY n 
1 43  ASP n 
1 44  PHE n 
1 45  SER n 
1 46  LEU n 
1 47  SER n 
1 48  VAL n 
1 49  LYS n 
1 50  PHE n 
1 51  GLY n 
1 52  ASN n 
1 53  ASP n 
1 54  VAL n 
1 55  GLN n 
1 56  HIS n 
1 57  PHE n 
1 58  LYS n 
1 59  VAL n 
1 60  LEU n 
1 61  ARG n 
1 62  ASP n 
1 63  GLY n 
1 64  ALA n 
1 65  GLY n 
1 66  LYS n 
1 67  TYR n 
1 68  PHE n 
1 69  LEU n 
1 70  TRP n 
1 71  VAL n 
1 72  VAL n 
1 73  LYS n 
1 74  PHE n 
1 75  ASN n 
1 76  SER n 
1 77  LEU n 
1 78  ASN n 
1 79  GLU n 
1 80  LEU n 
1 81  VAL n 
1 82  ASP n 
1 83  TYR n 
1 84  HIS n 
1 85  ARG n 
1 86  SER n 
1 87  THR n 
1 88  SER n 
1 89  VAL n 
1 90  SER n 
1 91  ARG n 
1 92  ASN n 
1 93  GLN n 
1 94  GLN n 
1 95  ILE n 
1 96  PHE n 
1 97  LEU n 
1 98  ARG n 
1 99  ASP n 
1 100 ILE n 
1 101 GLU n 
2 1   GLN n 
2 2   ASN n 
2 3   GLY n 
2 4   PTR n 
2 5   GLU n 
2 6   ASN n 
2 7   PRO n 
2 8   THR n 
2 9   TYR n 
# 
_entity_src_gen.entity_id                          1 
_entity_src_gen.pdbx_src_id                        1 
_entity_src_gen.pdbx_alt_source_flag               sample 
_entity_src_gen.pdbx_seq_type                      ? 
_entity_src_gen.pdbx_beg_seq_num                   ? 
_entity_src_gen.pdbx_end_seq_num                   ? 
_entity_src_gen.gene_src_common_name               human 
_entity_src_gen.gene_src_genus                     ? 
_entity_src_gen.pdbx_gene_src_gene                 'GRB2, ASH' 
_entity_src_gen.gene_src_species                   ? 
_entity_src_gen.gene_src_strain                    ? 
_entity_src_gen.gene_src_tissue                    ? 
_entity_src_gen.gene_src_tissue_fraction           ? 
_entity_src_gen.gene_src_details                   ? 
_entity_src_gen.pdbx_gene_src_fragment             ? 
_entity_src_gen.pdbx_gene_src_scientific_name      'Homo sapiens' 
_entity_src_gen.pdbx_gene_src_ncbi_taxonomy_id     9606 
_entity_src_gen.pdbx_gene_src_variant              ? 
_entity_src_gen.pdbx_gene_src_cell_line            ? 
_entity_src_gen.pdbx_gene_src_atcc                 ? 
_entity_src_gen.pdbx_gene_src_organ                ? 
_entity_src_gen.pdbx_gene_src_organelle            ? 
_entity_src_gen.pdbx_gene_src_cell                 ? 
_entity_src_gen.pdbx_gene_src_cellular_location    ? 
_entity_src_gen.host_org_common_name               ? 
_entity_src_gen.pdbx_host_org_scientific_name      'Escherichia coli' 
_entity_src_gen.pdbx_host_org_ncbi_taxonomy_id     562 
_entity_src_gen.host_org_genus                     ? 
_entity_src_gen.pdbx_host_org_gene                 ? 
_entity_src_gen.pdbx_host_org_organ                ? 
_entity_src_gen.host_org_species                   ? 
_entity_src_gen.pdbx_host_org_tissue               ? 
_entity_src_gen.pdbx_host_org_tissue_fraction      ? 
_entity_src_gen.pdbx_host_org_strain               'BL21 (DE3)' 
_entity_src_gen.pdbx_host_org_variant              ? 
_entity_src_gen.pdbx_host_org_cell_line            ? 
_entity_src_gen.pdbx_host_org_atcc                 ? 
_entity_src_gen.pdbx_host_org_culture_collection   ? 
_entity_src_gen.pdbx_host_org_cell                 ? 
_entity_src_gen.pdbx_host_org_organelle            ? 
_entity_src_gen.pdbx_host_org_cellular_location    ? 
_entity_src_gen.pdbx_host_org_vector_type          plasmid 
_entity_src_gen.pdbx_host_org_vector               ? 
_entity_src_gen.host_org_details                   ? 
_entity_src_gen.expression_system_id               ? 
_entity_src_gen.plasmid_name                       'pET(28a)' 
_entity_src_gen.plasmid_details                    ? 
_entity_src_gen.pdbx_description                   ? 
# 
loop_
_chem_comp.id 
_chem_comp.type 
_chem_comp.mon_nstd_flag 
_chem_comp.name 
_chem_comp.pdbx_synonyms 
_chem_comp.formula 
_chem_comp.formula_weight 
ALA 'L-peptide linking' y ALANINE           ?                 'C3 H7 N O2'     89.093  
ARG 'L-peptide linking' y ARGININE          ?                 'C6 H15 N4 O2 1' 175.209 
ASN 'L-peptide linking' y ASPARAGINE        ?                 'C4 H8 N2 O3'    132.118 
ASP 'L-peptide linking' y 'ASPARTIC ACID'   ?                 'C4 H7 N O4'     133.103 
GLN 'L-peptide linking' y GLUTAMINE         ?                 'C5 H10 N2 O3'   146.144 
GLU 'L-peptide linking' y 'GLUTAMIC ACID'   ?                 'C5 H9 N O4'     147.129 
GLY 'peptide linking'   y GLYCINE           ?                 'C2 H5 N O2'     75.067  
HIS 'L-peptide linking' y HISTIDINE         ?                 'C6 H10 N3 O2 1' 156.162 
HOH non-polymer         . WATER             ?                 'H2 O'           18.015  
ILE 'L-peptide linking' y ISOLEUCINE        ?                 'C6 H13 N O2'    131.173 
LEU 'L-peptide linking' y LEUCINE           ?                 'C6 H13 N O2'    131.173 
LYS 'L-peptide linking' y LYSINE            ?                 'C6 H15 N2 O2 1' 147.195 
MET 'L-peptide linking' y METHIONINE        ?                 'C5 H11 N O2 S'  149.211 
PHE 'L-peptide linking' y PHENYLALANINE     ?                 'C9 H11 N O2'    165.189 
PRO 'L-peptide linking' y PROLINE           ?                 'C5 H9 N O2'     115.130 
PTR 'L-peptide linking' n O-PHOSPHOTYROSINE PHOSPHONOTYROSINE 'C9 H12 N O6 P'  261.168 
SER 'L-peptide linking' y SERINE            ?                 'C3 H7 N O3'     105.093 
THR 'L-peptide linking' y THREONINE         ?                 'C4 H9 N O3'     119.119 
TRP 'L-peptide linking' y TRYPTOPHAN        ?                 'C11 H12 N2 O2'  204.225 
TYR 'L-peptide linking' y TYROSINE          ?                 'C9 H11 N O3'    181.189 
VAL 'L-peptide linking' y VALINE            ?                 'C5 H11 N O2'    117.146 
# 
loop_
_pdbx_poly_seq_scheme.asym_id 
_pdbx_poly_seq_scheme.entity_id 
_pdbx_poly_seq_scheme.seq_id 
_pdbx_poly_seq_scheme.mon_id 
_pdbx_poly_seq_scheme.ndb_seq_num 
_pdbx_poly_seq_scheme.pdb_seq_num 
_pdbx_poly_seq_scheme.auth_seq_num 
_pdbx_poly_seq_scheme.pdb_mon_id 
_pdbx_poly_seq_scheme.auth_mon_id 
_pdbx_poly_seq_scheme.pdb_strand_id 
_pdbx_poly_seq_scheme.pdb_ins_code 
_pdbx_poly_seq_scheme.hetero 
A 1 1   GLY 1   52  ?   ?   ?   A . n 
A 1 2   SER 2   53  ?   ?   ?   A . n 
A 1 3   HIS 3   54  ?   ?   ?   A . n 
A 1 4   MET 4   55  55  MET MET A . n 
A 1 5   LYS 5   56  56  LYS LYS A . n 
A 1 6   PRO 6   57  57  PRO PRO A . n 
A 1 7   HIS 7   58  58  HIS HIS A . n 
A 1 8   PRO 8   59  59  PRO PRO A . n 
A 1 9   TRP 9   60  60  TRP TRP A . n 
A 1 10  PHE 10  61  61  PHE PHE A . n 
A 1 11  PHE 11  62  62  PHE PHE A . n 
A 1 12  GLY 12  63  63  GLY GLY A . n 
A 1 13  LYS 13  64  64  LYS LYS A . n 
A 1 14  ILE 14  65  65  ILE ILE A . n 
A 1 15  PRO 15  66  66  PRO PRO A . n 
A 1 16  ARG 16  67  67  ARG ARG A . n 
A 1 17  ALA 17  68  68  ALA ALA A . n 
A 1 18  LYS 18  69  69  LYS LYS A . n 
A 1 19  ALA 19  70  70  ALA ALA A . n 
A 1 20  GLU 20  71  71  GLU GLU A . n 
A 1 21  GLU 21  72  72  GLU GLU A . n 
A 1 22  MET 22  73  73  MET MET A . n 
A 1 23  LEU 23  74  74  LEU LEU A . n 
A 1 24  SER 24  75  75  SER SER A . n 
A 1 25  LYS 25  76  76  LYS LYS A . n 
A 1 26  GLN 26  77  77  GLN GLN A . n 
A 1 27  ARG 27  78  78  ARG ARG A . n 
A 1 28  HIS 28  79  79  HIS HIS A . n 
A 1 29  ASP 29  80  80  ASP ASP A . n 
A 1 30  GLY 30  81  81  GLY GLY A . n 
A 1 31  ALA 31  82  82  ALA ALA A . n 
A 1 32  PHE 32  83  83  PHE PHE A . n 
A 1 33  LEU 33  84  84  LEU LEU A . n 
A 1 34  ILE 34  85  85  ILE ILE A . n 
A 1 35  ARG 35  86  86  ARG ARG A . n 
A 1 36  GLU 36  87  87  GLU GLU A . n 
A 1 37  SER 37  88  88  SER SER A . n 
A 1 38  GLU 38  89  89  GLU GLU A . n 
A 1 39  SER 39  90  90  SER SER A . n 
A 1 40  ALA 40  91  91  ALA ALA A . n 
A 1 41  PRO 41  92  92  PRO PRO A . n 
A 1 42  GLY 42  93  93  GLY GLY A . n 
A 1 43  ASP 43  94  94  ASP ASP A . n 
A 1 44  PHE 44  95  95  PHE PHE A . n 
A 1 45  SER 45  96  96  SER SER A . n 
A 1 46  LEU 46  97  97  LEU LEU A . n 
A 1 47  SER 47  98  98  SER SER A . n 
A 1 48  VAL 48  99  99  VAL VAL A . n 
A 1 49  LYS 49  100 100 LYS LYS A . n 
A 1 50  PHE 50  101 101 PHE PHE A . n 
A 1 51  GLY 51  102 102 GLY GLY A . n 
A 1 52  ASN 52  103 103 ASN ASN A . n 
A 1 53  ASP 53  104 104 ASP ASP A . n 
A 1 54  VAL 54  105 105 VAL VAL A . n 
A 1 55  GLN 55  106 106 GLN GLN A . n 
A 1 56  HIS 56  107 107 HIS HIS A . n 
A 1 57  PHE 57  108 108 PHE PHE A . n 
A 1 58  LYS 58  109 109 LYS LYS A . n 
A 1 59  VAL 59  110 110 VAL VAL A . n 
A 1 60  LEU 60  111 111 LEU LEU A . n 
A 1 61  ARG 61  112 112 ARG ARG A . n 
A 1 62  ASP 62  113 113 ASP ASP A . n 
A 1 63  GLY 63  114 114 GLY GLY A . n 
A 1 64  ALA 64  115 115 ALA ALA A . n 
A 1 65  GLY 65  116 116 GLY GLY A . n 
A 1 66  LYS 66  117 117 LYS LYS A . n 
A 1 67  TYR 67  118 118 TYR TYR A . n 
A 1 68  PHE 68  119 119 PHE PHE A . n 
A 1 69  LEU 69  120 120 LEU LEU A . n 
A 1 70  TRP 70  121 121 TRP TRP A . n 
A 1 71  VAL 71  122 122 VAL VAL A . n 
A 1 72  VAL 72  123 123 VAL VAL A . n 
A 1 73  LYS 73  124 124 LYS LYS A . n 
A 1 74  PHE 74  125 125 PHE PHE A . n 
A 1 75  ASN 75  126 126 ASN ASN A . n 
A 1 76  SER 76  127 127 SER SER A . n 
A 1 77  LEU 77  128 128 LEU LEU A . n 
A 1 78  ASN 78  129 129 ASN ASN A . n 
A 1 79  GLU 79  130 130 GLU GLU A . n 
A 1 80  LEU 80  131 131 LEU LEU A . n 
A 1 81  VAL 81  132 132 VAL VAL A . n 
A 1 82  ASP 82  133 133 ASP ASP A . n 
A 1 83  TYR 83  134 134 TYR TYR A . n 
A 1 84  HIS 84  135 135 HIS HIS A . n 
A 1 85  ARG 85  136 136 ARG ARG A . n 
A 1 86  SER 86  137 137 SER SER A . n 
A 1 87  THR 87  138 138 THR THR A . n 
A 1 88  SER 88  139 139 SER SER A . n 
A 1 89  VAL 89  140 140 VAL VAL A . n 
A 1 90  SER 90  141 141 SER SER A . n 
A 1 91  ARG 91  142 142 ARG ARG A . n 
A 1 92  ASN 92  143 143 ASN ASN A . n 
A 1 93  GLN 93  144 144 GLN GLN A . n 
A 1 94  GLN 94  145 145 GLN GLN A . n 
A 1 95  ILE 95  146 146 ILE ILE A . n 
A 1 96  PHE 96  147 147 PHE PHE A . n 
A 1 97  LEU 97  148 148 LEU LEU A . n 
A 1 98  ARG 98  149 149 ARG ARG A . n 
A 1 99  ASP 99  150 150 ASP ASP A . n 
A 1 100 ILE 100 151 151 ILE ILE A . n 
A 1 101 GLU 101 152 152 GLU GLU A . n 
B 2 1   GLN 1   679 ?   ?   ?   L . n 
B 2 2   ASN 2   680 ?   ?   ?   L . n 
B 2 3   GLY 3   681 681 GLY GLY L . n 
B 2 4   PTR 4   682 682 PTR PTR L . n 
B 2 5   GLU 5   683 683 GLU GLU L . n 
B 2 6   ASN 6   684 684 ASN ASN L . n 
B 2 7   PRO 7   685 685 PRO PRO L . n 
B 2 8   THR 8   686 686 THR THR L . n 
B 2 9   TYR 9   687 687 TYR TYR L . n 
# 
loop_
_pdbx_nonpoly_scheme.asym_id 
_pdbx_nonpoly_scheme.entity_id 
_pdbx_nonpoly_scheme.mon_id 
_pdbx_nonpoly_scheme.ndb_seq_num 
_pdbx_nonpoly_scheme.pdb_seq_num 
_pdbx_nonpoly_scheme.auth_seq_num 
_pdbx_nonpoly_scheme.pdb_mon_id 
_pdbx_nonpoly_scheme.auth_mon_id 
_pdbx_nonpoly_scheme.pdb_strand_id 
_pdbx_nonpoly_scheme.pdb_ins_code 
C 3 HOH 1   201 201 HOH HOH A . 
C 3 HOH 2   202 202 HOH HOH A . 
C 3 HOH 3   203 203 HOH HOH A . 
C 3 HOH 4   204 204 HOH HOH A . 
C 3 HOH 5   205 205 HOH HOH A . 
C 3 HOH 6   206 206 HOH HOH A . 
C 3 HOH 7   207 207 HOH HOH A . 
C 3 HOH 8   208 208 HOH HOH A . 
C 3 HOH 9   209 209 HOH HOH A . 
C 3 HOH 10  210 210 HOH HOH A . 
C 3 HOH 11  211 211 HOH HOH A . 
C 3 HOH 12  212 212 HOH HOH A . 
C 3 HOH 13  213 213 HOH HOH A . 
C 3 HOH 14  214 214 HOH HOH A . 
C 3 HOH 15  215 215 HOH HOH A . 
C 3 HOH 16  216 216 HOH HOH A . 
C 3 HOH 17  218 218 HOH HOH A . 
C 3 HOH 18  219 219 HOH HOH A . 
C 3 HOH 19  220 220 HOH HOH A . 
C 3 HOH 20  221 221 HOH HOH A . 
C 3 HOH 21  222 222 HOH HOH A . 
C 3 HOH 22  223 223 HOH HOH A . 
C 3 HOH 23  224 224 HOH HOH A . 
C 3 HOH 24  225 225 HOH HOH A . 
C 3 HOH 25  226 226 HOH HOH A . 
C 3 HOH 26  227 227 HOH HOH A . 
C 3 HOH 27  228 228 HOH HOH A . 
C 3 HOH 28  229 229 HOH HOH A . 
C 3 HOH 29  230 230 HOH HOH A . 
C 3 HOH 30  231 231 HOH HOH A . 
C 3 HOH 31  232 232 HOH HOH A . 
C 3 HOH 32  233 233 HOH HOH A . 
C 3 HOH 33  234 234 HOH HOH A . 
C 3 HOH 34  235 235 HOH HOH A . 
C 3 HOH 35  237 237 HOH HOH A . 
C 3 HOH 36  239 239 HOH HOH A . 
C 3 HOH 37  240 240 HOH HOH A . 
C 3 HOH 38  241 241 HOH HOH A . 
C 3 HOH 39  242 242 HOH HOH A . 
C 3 HOH 40  243 243 HOH HOH A . 
C 3 HOH 41  244 244 HOH HOH A . 
C 3 HOH 42  245 245 HOH HOH A . 
C 3 HOH 43  246 246 HOH HOH A . 
C 3 HOH 44  247 247 HOH HOH A . 
C 3 HOH 45  248 248 HOH HOH A . 
C 3 HOH 46  249 249 HOH HOH A . 
C 3 HOH 47  250 250 HOH HOH A . 
C 3 HOH 48  251 251 HOH HOH A . 
C 3 HOH 49  252 252 HOH HOH A . 
C 3 HOH 50  253 253 HOH HOH A . 
C 3 HOH 51  254 254 HOH HOH A . 
C 3 HOH 52  255 255 HOH HOH A . 
C 3 HOH 53  256 256 HOH HOH A . 
C 3 HOH 54  257 257 HOH HOH A . 
C 3 HOH 55  258 258 HOH HOH A . 
C 3 HOH 56  259 259 HOH HOH A . 
C 3 HOH 57  260 260 HOH HOH A . 
C 3 HOH 58  261 261 HOH HOH A . 
C 3 HOH 59  262 262 HOH HOH A . 
C 3 HOH 60  263 263 HOH HOH A . 
C 3 HOH 61  264 264 HOH HOH A . 
C 3 HOH 62  265 265 HOH HOH A . 
C 3 HOH 63  266 266 HOH HOH A . 
C 3 HOH 64  267 267 HOH HOH A . 
C 3 HOH 65  268 268 HOH HOH A . 
C 3 HOH 66  269 269 HOH HOH A . 
C 3 HOH 67  270 270 HOH HOH A . 
C 3 HOH 68  271 271 HOH HOH A . 
C 3 HOH 69  272 272 HOH HOH A . 
C 3 HOH 70  273 273 HOH HOH A . 
C 3 HOH 71  274 274 HOH HOH A . 
C 3 HOH 72  275 275 HOH HOH A . 
C 3 HOH 73  276 276 HOH HOH A . 
C 3 HOH 74  277 277 HOH HOH A . 
C 3 HOH 75  278 278 HOH HOH A . 
C 3 HOH 76  279 279 HOH HOH A . 
C 3 HOH 77  280 280 HOH HOH A . 
C 3 HOH 78  281 281 HOH HOH A . 
C 3 HOH 79  282 282 HOH HOH A . 
C 3 HOH 80  283 283 HOH HOH A . 
C 3 HOH 81  285 285 HOH HOH A . 
C 3 HOH 82  287 287 HOH HOH A . 
C 3 HOH 83  288 288 HOH HOH A . 
C 3 HOH 84  289 289 HOH HOH A . 
C 3 HOH 85  290 290 HOH HOH A . 
C 3 HOH 86  293 293 HOH HOH A . 
C 3 HOH 87  294 294 HOH HOH A . 
C 3 HOH 88  295 295 HOH HOH A . 
C 3 HOH 89  297 297 HOH HOH A . 
C 3 HOH 90  299 299 HOH HOH A . 
C 3 HOH 91  300 300 HOH HOH A . 
C 3 HOH 92  301 301 HOH HOH A . 
C 3 HOH 93  302 302 HOH HOH A . 
C 3 HOH 94  303 303 HOH HOH A . 
C 3 HOH 95  304 304 HOH HOH A . 
C 3 HOH 96  305 305 HOH HOH A . 
C 3 HOH 97  306 306 HOH HOH A . 
C 3 HOH 98  307 307 HOH HOH A . 
C 3 HOH 99  308 308 HOH HOH A . 
C 3 HOH 100 309 309 HOH HOH A . 
C 3 HOH 101 310 310 HOH HOH A . 
C 3 HOH 102 311 311 HOH HOH A . 
C 3 HOH 103 312 312 HOH HOH A . 
C 3 HOH 104 313 313 HOH HOH A . 
C 3 HOH 105 314 314 HOH HOH A . 
C 3 HOH 106 315 315 HOH HOH A . 
C 3 HOH 107 317 317 HOH HOH A . 
C 3 HOH 108 318 318 HOH HOH A . 
C 3 HOH 109 319 319 HOH HOH A . 
C 3 HOH 110 320 320 HOH HOH A . 
C 3 HOH 111 321 321 HOH HOH A . 
C 3 HOH 112 322 322 HOH HOH A . 
D 3 HOH 1   217 217 HOH HOH L . 
D 3 HOH 2   236 236 HOH HOH L . 
D 3 HOH 3   238 238 HOH HOH L . 
D 3 HOH 4   284 284 HOH HOH L . 
D 3 HOH 5   286 286 HOH HOH L . 
D 3 HOH 6   291 291 HOH HOH L . 
D 3 HOH 7   292 292 HOH HOH L . 
D 3 HOH 8   296 296 HOH HOH L . 
D 3 HOH 9   298 298 HOH HOH L . 
D 3 HOH 10  316 316 HOH HOH L . 
# 
loop_
_pdbx_unobs_or_zero_occ_atoms.id 
_pdbx_unobs_or_zero_occ_atoms.PDB_model_num 
_pdbx_unobs_or_zero_occ_atoms.polymer_flag 
_pdbx_unobs_or_zero_occ_atoms.occupancy_flag 
_pdbx_unobs_or_zero_occ_atoms.auth_asym_id 
_pdbx_unobs_or_zero_occ_atoms.auth_comp_id 
_pdbx_unobs_or_zero_occ_atoms.auth_seq_id 
_pdbx_unobs_or_zero_occ_atoms.PDB_ins_code 
_pdbx_unobs_or_zero_occ_atoms.auth_atom_id 
_pdbx_unobs_or_zero_occ_atoms.label_alt_id 
_pdbx_unobs_or_zero_occ_atoms.label_asym_id 
_pdbx_unobs_or_zero_occ_atoms.label_comp_id 
_pdbx_unobs_or_zero_occ_atoms.label_seq_id 
_pdbx_unobs_or_zero_occ_atoms.label_atom_id 
1 1 Y 1 L TYR 687 ? CD1 ? B TYR 9 CD1 
2 1 Y 1 L TYR 687 ? CD2 ? B TYR 9 CD2 
3 1 Y 1 L TYR 687 ? CE1 ? B TYR 9 CE1 
4 1 Y 1 L TYR 687 ? CE2 ? B TYR 9 CE2 
5 1 Y 1 L TYR 687 ? CZ  ? B TYR 9 CZ  
6 1 Y 1 L TYR 687 ? OH  ? B TYR 9 OH  
# 
loop_
_software.name 
_software.classification 
_software.version 
_software.citation_id 
_software.pdbx_ordinal 
MAR345dtb 'data collection' .   ? 1 
AMoRE     phasing           .   ? 2 
CNS       refinement        1.2 ? 3 
AUTOMAR   'data reduction'  .   ? 4 
# 
_cell.entry_id           3MXC 
_cell.length_a           59.369 
_cell.length_b           59.369 
_cell.length_c           117.101 
_cell.angle_alpha        90.00 
_cell.angle_beta         90.00 
_cell.angle_gamma        120.00 
_cell.Z_PDB              12 
_cell.pdbx_unique_axis   ? 
_cell.length_a_esd       ? 
_cell.length_b_esd       ? 
_cell.length_c_esd       ? 
_cell.angle_alpha_esd    ? 
_cell.angle_beta_esd     ? 
_cell.angle_gamma_esd    ? 
# 
_symmetry.entry_id                         3MXC 
_symmetry.space_group_name_H-M             'P 61 2 2' 
_symmetry.pdbx_full_space_group_name_H-M   ? 
_symmetry.cell_setting                     ? 
_symmetry.Int_Tables_number                178 
_symmetry.space_group_name_Hall            ? 
# 
_exptl.entry_id          3MXC 
_exptl.method            'X-RAY DIFFRACTION' 
_exptl.crystals_number   1 
# 
_exptl_crystal.id                    1 
_exptl_crystal.density_meas          ? 
_exptl_crystal.density_Matthews      2.31 
_exptl_crystal.density_percent_sol   46.75 
_exptl_crystal.description           ? 
_exptl_crystal.F_000                 ? 
_exptl_crystal.preparation           ? 
# 
_exptl_crystal_grow.crystal_id      1 
_exptl_crystal_grow.method          ? 
_exptl_crystal_grow.temp            293 
_exptl_crystal_grow.temp_details    ? 
_exptl_crystal_grow.pH              ? 
_exptl_crystal_grow.pdbx_pH_range   8.0-9.0 
_exptl_crystal_grow.pdbx_details    '0.1 M Tris ,0.1M Bicine, VAPOR DIFFUSION, HANGING DROP, temperature 293K' 
# 
_diffrn.id                     1 
_diffrn.ambient_temp           100 
_diffrn.ambient_temp_details   ? 
_diffrn.crystal_id             1 
# 
_diffrn_detector.diffrn_id              1 
_diffrn_detector.detector               'IMAGE PLATE' 
_diffrn_detector.type                   'MAR scanner 345 mm plate' 
_diffrn_detector.pdbx_collection_date   2009-07-02 
_diffrn_detector.details                'OSMIC MAX-FLUX' 
# 
_diffrn_radiation.diffrn_id                        1 
_diffrn_radiation.wavelength_id                    1 
_diffrn_radiation.pdbx_monochromatic_or_laue_m_l   M 
_diffrn_radiation.monochromator                    CU 
_diffrn_radiation.pdbx_diffrn_protocol             'SINGLE WAVELENGTH' 
_diffrn_radiation.pdbx_scattering_type             x-ray 
# 
_diffrn_radiation_wavelength.id           1 
_diffrn_radiation_wavelength.wavelength   1.54 
_diffrn_radiation_wavelength.wt           1.0 
# 
_diffrn_source.diffrn_id                   1 
_diffrn_source.source                      'ROTATING ANODE' 
_diffrn_source.type                        'BRUKER AXS MICROSTAR' 
_diffrn_source.pdbx_synchrotron_site       ? 
_diffrn_source.pdbx_synchrotron_beamline   ? 
_diffrn_source.pdbx_wavelength             1.54 
_diffrn_source.pdbx_wavelength_list        ? 
# 
_reflns.entry_id                     3MXC 
_reflns.observed_criterion_sigma_I   0.000 
_reflns.observed_criterion_sigma_F   ? 
_reflns.d_resolution_low             30.000 
_reflns.d_resolution_high            2.000 
_reflns.number_obs                   8497 
_reflns.number_all                   ? 
_reflns.percent_possible_obs         95.3 
_reflns.pdbx_Rmerge_I_obs            0.04230 
_reflns.pdbx_Rsym_value              0.03430 
_reflns.pdbx_netI_over_sigmaI        5.9000 
_reflns.B_iso_Wilson_estimate        26.30 
_reflns.pdbx_redundancy              5.480 
_reflns.R_free_details               ? 
_reflns.limit_h_max                  ? 
_reflns.limit_h_min                  ? 
_reflns.limit_k_max                  ? 
_reflns.limit_k_min                  ? 
_reflns.limit_l_max                  ? 
_reflns.limit_l_min                  ? 
_reflns.observed_criterion_F_max     ? 
_reflns.observed_criterion_F_min     ? 
_reflns.pdbx_chi_squared             ? 
_reflns.pdbx_scaling_rejects         ? 
_reflns.pdbx_ordinal                 1 
_reflns.pdbx_diffrn_id               1 
# 
_reflns_shell.d_res_high             2.00 
_reflns_shell.d_res_low              2.09 
_reflns_shell.percent_possible_all   95.0 
_reflns_shell.Rmerge_I_obs           0.27000 
_reflns_shell.pdbx_Rsym_value        0.23000 
_reflns_shell.meanI_over_sigI_obs    2.100 
_reflns_shell.pdbx_redundancy        5.40 
_reflns_shell.percent_possible_obs   ? 
_reflns_shell.number_unique_all      ? 
_reflns_shell.number_measured_all    ? 
_reflns_shell.number_measured_obs    ? 
_reflns_shell.number_unique_obs      ? 
_reflns_shell.pdbx_chi_squared       ? 
_reflns_shell.pdbx_ordinal           1 
_reflns_shell.pdbx_diffrn_id         1 
# 
_refine.pdbx_refine_id                           'X-RAY DIFFRACTION' 
_refine.entry_id                                 3MXC 
_refine.ls_number_reflns_obs                     8497 
_refine.ls_number_reflns_all                     ? 
_refine.pdbx_ls_sigma_I                          ? 
_refine.pdbx_ls_sigma_F                          0.000 
_refine.pdbx_data_cutoff_high_absF               1299777.510 
_refine.pdbx_data_cutoff_low_absF                0.0000 
_refine.pdbx_data_cutoff_high_rms_absF           ? 
_refine.ls_d_res_low                             29.69 
_refine.ls_d_res_high                            2.00 
_refine.ls_percent_reflns_obs                    96.5 
_refine.ls_R_factor_obs                          0.217 
_refine.ls_R_factor_all                          ? 
_refine.ls_R_factor_R_work                       0.217 
_refine.ls_R_factor_R_free                       0.244 
_refine.ls_R_factor_R_free_error                 0.012 
_refine.ls_R_factor_R_free_error_details         ? 
_refine.ls_percent_reflns_R_free                 5.200 
_refine.ls_number_reflns_R_free                  442 
_refine.ls_number_parameters                     ? 
_refine.ls_number_restraints                     ? 
_refine.occupancy_min                            ? 
_refine.occupancy_max                            ? 
_refine.correlation_coeff_Fo_to_Fc               ? 
_refine.correlation_coeff_Fo_to_Fc_free          ? 
_refine.B_iso_mean                               ? 
_refine.aniso_B[1][1]                            4.40000 
_refine.aniso_B[2][2]                            4.40000 
_refine.aniso_B[3][3]                            -8.81000 
_refine.aniso_B[1][2]                            0.00000 
_refine.aniso_B[1][3]                            0.00000 
_refine.aniso_B[2][3]                            0.00000 
_refine.solvent_model_details                    'FLAT MODEL' 
_refine.solvent_model_param_ksol                 0.40 
_refine.solvent_model_param_bsol                 80.78 
_refine.pdbx_solvent_vdw_probe_radii             ? 
_refine.pdbx_solvent_ion_probe_radii             ? 
_refine.pdbx_solvent_shrinkage_radii             ? 
_refine.pdbx_ls_cross_valid_method               THROUGHOUT 
_refine.details                                  'BULK SOLVENT MODEL USED' 
_refine.pdbx_starting_model                      'PDB ENTRY 1JYR' 
_refine.pdbx_method_to_determine_struct          'MOLECULAR REPLACEMENT' 
_refine.pdbx_isotropic_thermal_model             RESTRAINED 
_refine.pdbx_stereochemistry_target_values       ? 
_refine.pdbx_stereochem_target_val_spec_case     ? 
_refine.pdbx_R_Free_selection_details            RANDOM 
_refine.pdbx_overall_ESU_R_Free                  ? 
_refine.overall_SU_ML                            ? 
_refine.pdbx_overall_phase_error                 ? 
_refine.overall_SU_B                             ? 
_refine.overall_SU_R_Cruickshank_DPI             ? 
_refine.pdbx_overall_SU_R_free_Cruickshank_DPI   ? 
_refine.pdbx_overall_SU_R_Blow_DPI               ? 
_refine.pdbx_overall_SU_R_free_Blow_DPI          ? 
_refine.ls_redundancy_reflns_obs                 ? 
_refine.B_iso_min                                ? 
_refine.B_iso_max                                ? 
_refine.overall_SU_R_free                        ? 
_refine.ls_wR_factor_R_free                      ? 
_refine.ls_wR_factor_R_work                      ? 
_refine.overall_FOM_free_R_set                   ? 
_refine.overall_FOM_work_R_set                   ? 
_refine.pdbx_diffrn_id                           1 
_refine.pdbx_overall_ESU_R                       ? 
_refine.pdbx_TLS_residual_ADP_flag               ? 
# 
_refine_analyze.pdbx_refine_id                  'X-RAY DIFFRACTION' 
_refine_analyze.entry_id                        3MXC 
_refine_analyze.Luzzati_coordinate_error_obs    0.26 
_refine_analyze.Luzzati_sigma_a_obs             0.20 
_refine_analyze.Luzzati_d_res_low_obs           5.00 
_refine_analyze.Luzzati_coordinate_error_free   0.30 
_refine_analyze.Luzzati_sigma_a_free            0.20 
_refine_analyze.Luzzati_d_res_low_free          ? 
_refine_analyze.number_disordered_residues      ? 
_refine_analyze.occupancy_sum_hydrogen          ? 
_refine_analyze.occupancy_sum_non_hydrogen      ? 
_refine_analyze.pdbx_Luzzati_d_res_high_obs     ? 
# 
_refine_hist.pdbx_refine_id                   'X-RAY DIFFRACTION' 
_refine_hist.cycle_id                         LAST 
_refine_hist.pdbx_number_atoms_protein        868 
_refine_hist.pdbx_number_atoms_nucleic_acid   0 
_refine_hist.pdbx_number_atoms_ligand         0 
_refine_hist.number_atoms_solvent             122 
_refine_hist.number_atoms_total               990 
_refine_hist.d_res_high                       2.00 
_refine_hist.d_res_low                        29.69 
# 
loop_
_refine_ls_restr.type 
_refine_ls_restr.dev_ideal 
_refine_ls_restr.dev_ideal_target 
_refine_ls_restr.weight 
_refine_ls_restr.number 
_refine_ls_restr.pdbx_refine_id 
_refine_ls_restr.pdbx_restraint_function 
c_bond_d                0.015 ?     ? ? 'X-RAY DIFFRACTION' ? 
c_bond_d_na             ?     ?     ? ? 'X-RAY DIFFRACTION' ? 
c_bond_d_prot           ?     ?     ? ? 'X-RAY DIFFRACTION' ? 
c_angle_d               ?     ?     ? ? 'X-RAY DIFFRACTION' ? 
c_angle_d_na            ?     ?     ? ? 'X-RAY DIFFRACTION' ? 
c_angle_d_prot          ?     ?     ? ? 'X-RAY DIFFRACTION' ? 
c_angle_deg             1.60  ?     ? ? 'X-RAY DIFFRACTION' ? 
c_angle_deg_na          ?     ?     ? ? 'X-RAY DIFFRACTION' ? 
c_angle_deg_prot        ?     ?     ? ? 'X-RAY DIFFRACTION' ? 
c_dihedral_angle_d      25.20 ?     ? ? 'X-RAY DIFFRACTION' ? 
c_dihedral_angle_d_na   ?     ?     ? ? 'X-RAY DIFFRACTION' ? 
c_dihedral_angle_d_prot ?     ?     ? ? 'X-RAY DIFFRACTION' ? 
c_improper_angle_d      0.84  ?     ? ? 'X-RAY DIFFRACTION' ? 
c_improper_angle_d_na   ?     ?     ? ? 'X-RAY DIFFRACTION' ? 
c_improper_angle_d_prot ?     ?     ? ? 'X-RAY DIFFRACTION' ? 
c_mcbond_it             1.860 1.500 ? ? 'X-RAY DIFFRACTION' ? 
c_mcangle_it            3.050 2.000 ? ? 'X-RAY DIFFRACTION' ? 
c_scbond_it             2.820 2.000 ? ? 'X-RAY DIFFRACTION' ? 
c_scangle_it            4.490 2.500 ? ? 'X-RAY DIFFRACTION' ? 
# 
_refine_ls_shell.pdbx_refine_id                   'X-RAY DIFFRACTION' 
_refine_ls_shell.pdbx_total_number_of_bins_used   8 
_refine_ls_shell.d_res_high                       2.00 
_refine_ls_shell.d_res_low                        2.09 
_refine_ls_shell.number_reflns_R_work             952 
_refine_ls_shell.R_factor_R_work                  0.3060 
_refine_ls_shell.percent_reflns_obs               95.00 
_refine_ls_shell.R_factor_R_free                  0.3290 
_refine_ls_shell.R_factor_R_free_error            0.048 
_refine_ls_shell.percent_reflns_R_free            4.80 
_refine_ls_shell.number_reflns_R_free             48 
_refine_ls_shell.number_reflns_all                ? 
_refine_ls_shell.R_factor_all                     ? 
_refine_ls_shell.redundancy_reflns_obs            ? 
_refine_ls_shell.number_reflns_obs                ? 
# 
loop_
_pdbx_xplor_file.pdbx_refine_id 
_pdbx_xplor_file.serial_no 
_pdbx_xplor_file.param_file 
_pdbx_xplor_file.topol_file 
'X-RAY DIFFRACTION' 1 PROTEIN_REP.PARAM PROTEIN.TOP 
'X-RAY DIFFRACTION' 2 WATER.PARAM       WATER.TOP   
'X-RAY DIFFRACTION' 3 ION.PARAM         ION.TOP     
# 
_struct.entry_id                  3MXC 
_struct.title                     
'Structures of Grb2-SH2 Domain and AICD peptide Complexes Reveal a Conformational Switch and Their Functional Implications.' 
_struct.pdbx_model_details        ? 
_struct.pdbx_CASP_flag            ? 
_struct.pdbx_model_type_details   ? 
# 
_struct_keywords.entry_id        3MXC 
_struct_keywords.pdbx_keywords   'PROTEIN BINDING' 
_struct_keywords.text            
;Protein-peptide complex, AICD, Grb2-SH2, PROTEIN BINDING, ALZHEIMER'S DISEASE, APP
;
# 
loop_
_struct_asym.id 
_struct_asym.pdbx_blank_PDB_chainid_flag 
_struct_asym.pdbx_modified 
_struct_asym.entity_id 
_struct_asym.details 
A N N 1 ? 
B N N 2 ? 
C N N 3 ? 
D N N 3 ? 
# 
loop_
_struct_ref.id 
_struct_ref.db_name 
_struct_ref.db_code 
_struct_ref.pdbx_db_accession 
_struct_ref.entity_id 
_struct_ref.pdbx_seq_one_letter_code 
_struct_ref.pdbx_align_begin 
_struct_ref.pdbx_db_isoform 
1 UNP GRB2_HUMAN P62993 1 
;MKPHPWFFGKIPRAKAEEMLSKQRHDGAFLIRESESAPGDFSLSVKFGNDVQHFKVLRDGAGKYFLWVVKFNSLNELVDY
HRSTSVSRNQQIFLRDIE
;
55 ? 
2 PDB 3MXC       3MXC   2 ?                                                                                                     ?  
? 
# 
loop_
_struct_ref_seq.align_id 
_struct_ref_seq.ref_id 
_struct_ref_seq.pdbx_PDB_id_code 
_struct_ref_seq.pdbx_strand_id 
_struct_ref_seq.seq_align_beg 
_struct_ref_seq.pdbx_seq_align_beg_ins_code 
_struct_ref_seq.seq_align_end 
_struct_ref_seq.pdbx_seq_align_end_ins_code 
_struct_ref_seq.pdbx_db_accession 
_struct_ref_seq.db_align_beg 
_struct_ref_seq.pdbx_db_align_beg_ins_code 
_struct_ref_seq.db_align_end 
_struct_ref_seq.pdbx_db_align_end_ins_code 
_struct_ref_seq.pdbx_auth_seq_align_beg 
_struct_ref_seq.pdbx_auth_seq_align_end 
1 1 3MXC A 4 ? 101 ? P62993 55  ? 152 ? 55  152 
2 2 3MXC L 1 ? 9   ? 3MXC   679 ? 687 ? 679 687 
# 
loop_
_struct_ref_seq_dif.align_id 
_struct_ref_seq_dif.pdbx_pdb_id_code 
_struct_ref_seq_dif.mon_id 
_struct_ref_seq_dif.pdbx_pdb_strand_id 
_struct_ref_seq_dif.seq_num 
_struct_ref_seq_dif.pdbx_pdb_ins_code 
_struct_ref_seq_dif.pdbx_seq_db_name 
_struct_ref_seq_dif.pdbx_seq_db_accession_code 
_struct_ref_seq_dif.db_mon_id 
_struct_ref_seq_dif.pdbx_seq_db_seq_num 
_struct_ref_seq_dif.details 
_struct_ref_seq_dif.pdbx_auth_seq_num 
_struct_ref_seq_dif.pdbx_ordinal 
1 3MXC GLY A 1 ? UNP P62993 ? ? 'expression tag' 52 1 
1 3MXC SER A 2 ? UNP P62993 ? ? 'expression tag' 53 2 
1 3MXC HIS A 3 ? UNP P62993 ? ? 'expression tag' 54 3 
# 
_pdbx_struct_assembly.id                   1 
_pdbx_struct_assembly.details              author_and_software_defined_assembly 
_pdbx_struct_assembly.method_details       PISA 
_pdbx_struct_assembly.oligomeric_details   dimeric 
_pdbx_struct_assembly.oligomeric_count     2 
# 
loop_
_pdbx_struct_assembly_prop.biol_id 
_pdbx_struct_assembly_prop.type 
_pdbx_struct_assembly_prop.value 
_pdbx_struct_assembly_prop.details 
1 'ABSA (A^2)' 900  ? 
1 MORE         -7   ? 
1 'SSA (A^2)'  6170 ? 
# 
_pdbx_struct_assembly_gen.assembly_id       1 
_pdbx_struct_assembly_gen.oper_expression   1 
_pdbx_struct_assembly_gen.asym_id_list      A,B,C,D 
# 
_pdbx_struct_oper_list.id                   1 
_pdbx_struct_oper_list.type                 'identity operation' 
_pdbx_struct_oper_list.name                 1_555 
_pdbx_struct_oper_list.symmetry_operation   x,y,z 
_pdbx_struct_oper_list.matrix[1][1]         1.0000000000 
_pdbx_struct_oper_list.matrix[1][2]         0.0000000000 
_pdbx_struct_oper_list.matrix[1][3]         0.0000000000 
_pdbx_struct_oper_list.vector[1]            0.0000000000 
_pdbx_struct_oper_list.matrix[2][1]         0.0000000000 
_pdbx_struct_oper_list.matrix[2][2]         1.0000000000 
_pdbx_struct_oper_list.matrix[2][3]         0.0000000000 
_pdbx_struct_oper_list.vector[2]            0.0000000000 
_pdbx_struct_oper_list.matrix[3][1]         0.0000000000 
_pdbx_struct_oper_list.matrix[3][2]         0.0000000000 
_pdbx_struct_oper_list.matrix[3][3]         1.0000000000 
_pdbx_struct_oper_list.vector[3]            0.0000000000 
# 
_struct_biol.id        1 
_struct_biol.details   ? 
# 
loop_
_struct_conf.conf_type_id 
_struct_conf.id 
_struct_conf.pdbx_PDB_helix_id 
_struct_conf.beg_label_comp_id 
_struct_conf.beg_label_asym_id 
_struct_conf.beg_label_seq_id 
_struct_conf.pdbx_beg_PDB_ins_code 
_struct_conf.end_label_comp_id 
_struct_conf.end_label_asym_id 
_struct_conf.end_label_seq_id 
_struct_conf.pdbx_end_PDB_ins_code 
_struct_conf.beg_auth_comp_id 
_struct_conf.beg_auth_asym_id 
_struct_conf.beg_auth_seq_id 
_struct_conf.end_auth_comp_id 
_struct_conf.end_auth_asym_id 
_struct_conf.end_auth_seq_id 
_struct_conf.pdbx_PDB_helix_class 
_struct_conf.details 
_struct_conf.pdbx_PDB_helix_length 
HELX_P HELX_P1 1 PRO A 15 ? LYS A 25 ? PRO A 66  LYS A 76  1 ? 11 
HELX_P HELX_P2 2 SER A 76 ? HIS A 84 ? SER A 127 HIS A 135 1 ? 9  
# 
_struct_conf_type.id          HELX_P 
_struct_conf_type.criteria    ? 
_struct_conf_type.reference   ? 
# 
loop_
_struct_conn.id 
_struct_conn.conn_type_id 
_struct_conn.pdbx_leaving_atom_flag 
_struct_conn.pdbx_PDB_id 
_struct_conn.ptnr1_label_asym_id 
_struct_conn.ptnr1_label_comp_id 
_struct_conn.ptnr1_label_seq_id 
_struct_conn.ptnr1_label_atom_id 
_struct_conn.pdbx_ptnr1_label_alt_id 
_struct_conn.pdbx_ptnr1_PDB_ins_code 
_struct_conn.pdbx_ptnr1_standard_comp_id 
_struct_conn.ptnr1_symmetry 
_struct_conn.ptnr2_label_asym_id 
_struct_conn.ptnr2_label_comp_id 
_struct_conn.ptnr2_label_seq_id 
_struct_conn.ptnr2_label_atom_id 
_struct_conn.pdbx_ptnr2_label_alt_id 
_struct_conn.pdbx_ptnr2_PDB_ins_code 
_struct_conn.ptnr1_auth_asym_id 
_struct_conn.ptnr1_auth_comp_id 
_struct_conn.ptnr1_auth_seq_id 
_struct_conn.ptnr2_auth_asym_id 
_struct_conn.ptnr2_auth_comp_id 
_struct_conn.ptnr2_auth_seq_id 
_struct_conn.ptnr2_symmetry 
_struct_conn.pdbx_ptnr3_label_atom_id 
_struct_conn.pdbx_ptnr3_label_seq_id 
_struct_conn.pdbx_ptnr3_label_comp_id 
_struct_conn.pdbx_ptnr3_label_asym_id 
_struct_conn.pdbx_ptnr3_label_alt_id 
_struct_conn.pdbx_ptnr3_PDB_ins_code 
_struct_conn.details 
_struct_conn.pdbx_dist_value 
_struct_conn.pdbx_value_order 
_struct_conn.pdbx_role 
covale1 covale both ? B GLY 3 C ? ? ? 1_555 B PTR 4 N ? ? L GLY 681 L PTR 682 1_555 ? ? ? ? ? ? ? 1.326 ? ? 
covale2 covale both ? B PTR 4 C ? ? ? 1_555 B GLU 5 N ? ? L PTR 682 L GLU 683 1_555 ? ? ? ? ? ? ? 1.332 ? ? 
# 
_struct_conn_type.id          covale 
_struct_conn_type.criteria    ? 
_struct_conn_type.reference   ? 
# 
_pdbx_modification_feature.ordinal                            1 
_pdbx_modification_feature.label_comp_id                      PTR 
_pdbx_modification_feature.label_asym_id                      B 
_pdbx_modification_feature.label_seq_id                       4 
_pdbx_modification_feature.label_alt_id                       ? 
_pdbx_modification_feature.modified_residue_label_comp_id     . 
_pdbx_modification_feature.modified_residue_label_asym_id     . 
_pdbx_modification_feature.modified_residue_label_seq_id      . 
_pdbx_modification_feature.modified_residue_label_alt_id      . 
_pdbx_modification_feature.auth_comp_id                       PTR 
_pdbx_modification_feature.auth_asym_id                       L 
_pdbx_modification_feature.auth_seq_id                        682 
_pdbx_modification_feature.PDB_ins_code                       ? 
_pdbx_modification_feature.symmetry                           1_555 
_pdbx_modification_feature.modified_residue_auth_comp_id      . 
_pdbx_modification_feature.modified_residue_auth_asym_id      . 
_pdbx_modification_feature.modified_residue_auth_seq_id       . 
_pdbx_modification_feature.modified_residue_PDB_ins_code      . 
_pdbx_modification_feature.modified_residue_symmetry          . 
_pdbx_modification_feature.comp_id_linking_atom               . 
_pdbx_modification_feature.modified_residue_id_linking_atom   . 
_pdbx_modification_feature.modified_residue_id                TYR 
_pdbx_modification_feature.ref_pcm_id                         1 
_pdbx_modification_feature.ref_comp_id                        PTR 
_pdbx_modification_feature.type                               Phosphorylation 
_pdbx_modification_feature.category                           'Named protein modification' 
# 
_struct_sheet.id               A 
_struct_sheet.type             ? 
_struct_sheet.number_strands   4 
_struct_sheet.details          ? 
# 
loop_
_struct_sheet_order.sheet_id 
_struct_sheet_order.range_id_1 
_struct_sheet_order.range_id_2 
_struct_sheet_order.offset 
_struct_sheet_order.sense 
A 1 2 ? anti-parallel 
A 2 3 ? anti-parallel 
A 3 4 ? anti-parallel 
# 
loop_
_struct_sheet_range.sheet_id 
_struct_sheet_range.id 
_struct_sheet_range.beg_label_comp_id 
_struct_sheet_range.beg_label_asym_id 
_struct_sheet_range.beg_label_seq_id 
_struct_sheet_range.pdbx_beg_PDB_ins_code 
_struct_sheet_range.end_label_comp_id 
_struct_sheet_range.end_label_asym_id 
_struct_sheet_range.end_label_seq_id 
_struct_sheet_range.pdbx_end_PDB_ins_code 
_struct_sheet_range.beg_auth_comp_id 
_struct_sheet_range.beg_auth_asym_id 
_struct_sheet_range.beg_auth_seq_id 
_struct_sheet_range.end_auth_comp_id 
_struct_sheet_range.end_auth_asym_id 
_struct_sheet_range.end_auth_seq_id 
A 1 PHE A 32 ? GLU A 36 ? PHE A 83  GLU A 87  
A 2 PHE A 44 ? PHE A 50 ? PHE A 95  PHE A 101 
A 3 ASP A 53 ? ARG A 61 ? ASP A 104 ARG A 112 
A 4 TYR A 67 ? PHE A 68 ? TYR A 118 PHE A 119 
# 
loop_
_pdbx_struct_sheet_hbond.sheet_id 
_pdbx_struct_sheet_hbond.range_id_1 
_pdbx_struct_sheet_hbond.range_id_2 
_pdbx_struct_sheet_hbond.range_1_label_atom_id 
_pdbx_struct_sheet_hbond.range_1_label_comp_id 
_pdbx_struct_sheet_hbond.range_1_label_asym_id 
_pdbx_struct_sheet_hbond.range_1_label_seq_id 
_pdbx_struct_sheet_hbond.range_1_PDB_ins_code 
_pdbx_struct_sheet_hbond.range_1_auth_atom_id 
_pdbx_struct_sheet_hbond.range_1_auth_comp_id 
_pdbx_struct_sheet_hbond.range_1_auth_asym_id 
_pdbx_struct_sheet_hbond.range_1_auth_seq_id 
_pdbx_struct_sheet_hbond.range_2_label_atom_id 
_pdbx_struct_sheet_hbond.range_2_label_comp_id 
_pdbx_struct_sheet_hbond.range_2_label_asym_id 
_pdbx_struct_sheet_hbond.range_2_label_seq_id 
_pdbx_struct_sheet_hbond.range_2_PDB_ins_code 
_pdbx_struct_sheet_hbond.range_2_auth_atom_id 
_pdbx_struct_sheet_hbond.range_2_auth_comp_id 
_pdbx_struct_sheet_hbond.range_2_auth_asym_id 
_pdbx_struct_sheet_hbond.range_2_auth_seq_id 
A 1 2 N ARG A 35 ? N ARG A 86  O SER A 45 ? O SER A 96  
A 2 3 N LEU A 46 ? N LEU A 97  O PHE A 57 ? O PHE A 108 
A 3 4 N LEU A 60 ? N LEU A 111 O PHE A 68 ? O PHE A 119 
# 
_pdbx_entry_details.entry_id                   3MXC 
_pdbx_entry_details.compound_details           ? 
_pdbx_entry_details.source_details             ? 
_pdbx_entry_details.nonpolymer_details         ? 
_pdbx_entry_details.sequence_details           ? 
_pdbx_entry_details.has_ligand_of_interest     ? 
_pdbx_entry_details.has_protein_modification   Y 
# 
loop_
_pdbx_validate_rmsd_bond.id 
_pdbx_validate_rmsd_bond.PDB_model_num 
_pdbx_validate_rmsd_bond.auth_atom_id_1 
_pdbx_validate_rmsd_bond.auth_asym_id_1 
_pdbx_validate_rmsd_bond.auth_comp_id_1 
_pdbx_validate_rmsd_bond.auth_seq_id_1 
_pdbx_validate_rmsd_bond.PDB_ins_code_1 
_pdbx_validate_rmsd_bond.label_alt_id_1 
_pdbx_validate_rmsd_bond.auth_atom_id_2 
_pdbx_validate_rmsd_bond.auth_asym_id_2 
_pdbx_validate_rmsd_bond.auth_comp_id_2 
_pdbx_validate_rmsd_bond.auth_seq_id_2 
_pdbx_validate_rmsd_bond.PDB_ins_code_2 
_pdbx_validate_rmsd_bond.label_alt_id_2 
_pdbx_validate_rmsd_bond.bond_value 
_pdbx_validate_rmsd_bond.bond_target_value 
_pdbx_validate_rmsd_bond.bond_deviation 
_pdbx_validate_rmsd_bond.bond_standard_deviation 
_pdbx_validate_rmsd_bond.linker_flag 
1 1 C  L ASN 684 ? ? N  L PRO 685 ? ? 1.486 1.338 0.148  0.019 Y 
2 1 CB L TYR 687 ? ? CG L TYR 687 ? ? 1.414 1.512 -0.098 0.015 N 
# 
_pdbx_validate_torsion.id              1 
_pdbx_validate_torsion.PDB_model_num   1 
_pdbx_validate_torsion.auth_comp_id    TRP 
_pdbx_validate_torsion.auth_asym_id    A 
_pdbx_validate_torsion.auth_seq_id     121 
_pdbx_validate_torsion.PDB_ins_code    ? 
_pdbx_validate_torsion.label_alt_id    ? 
_pdbx_validate_torsion.phi             -126.47 
_pdbx_validate_torsion.psi             -81.41 
# 
_pdbx_struct_mod_residue.id               1 
_pdbx_struct_mod_residue.label_asym_id    B 
_pdbx_struct_mod_residue.label_comp_id    PTR 
_pdbx_struct_mod_residue.label_seq_id     4 
_pdbx_struct_mod_residue.auth_asym_id     L 
_pdbx_struct_mod_residue.auth_comp_id     PTR 
_pdbx_struct_mod_residue.auth_seq_id      682 
_pdbx_struct_mod_residue.PDB_ins_code     ? 
_pdbx_struct_mod_residue.parent_comp_id   TYR 
_pdbx_struct_mod_residue.details          O-PHOSPHOTYROSINE 
# 
loop_
_pdbx_struct_special_symmetry.id 
_pdbx_struct_special_symmetry.PDB_model_num 
_pdbx_struct_special_symmetry.auth_asym_id 
_pdbx_struct_special_symmetry.auth_comp_id 
_pdbx_struct_special_symmetry.auth_seq_id 
_pdbx_struct_special_symmetry.PDB_ins_code 
_pdbx_struct_special_symmetry.label_asym_id 
_pdbx_struct_special_symmetry.label_comp_id 
_pdbx_struct_special_symmetry.label_seq_id 
1 1 A HOH 275 ? C HOH . 
2 1 A HOH 315 ? C HOH . 
# 
loop_
_pdbx_unobs_or_zero_occ_residues.id 
_pdbx_unobs_or_zero_occ_residues.PDB_model_num 
_pdbx_unobs_or_zero_occ_residues.polymer_flag 
_pdbx_unobs_or_zero_occ_residues.occupancy_flag 
_pdbx_unobs_or_zero_occ_residues.auth_asym_id 
_pdbx_unobs_or_zero_occ_residues.auth_comp_id 
_pdbx_unobs_or_zero_occ_residues.auth_seq_id 
_pdbx_unobs_or_zero_occ_residues.PDB_ins_code 
_pdbx_unobs_or_zero_occ_residues.label_asym_id 
_pdbx_unobs_or_zero_occ_residues.label_comp_id 
_pdbx_unobs_or_zero_occ_residues.label_seq_id 
1 1 Y 1 A GLY 52  ? A GLY 1 
2 1 Y 1 A SER 53  ? A SER 2 
3 1 Y 1 A HIS 54  ? A HIS 3 
4 1 Y 1 L GLN 679 ? B GLN 1 
5 1 Y 1 L ASN 680 ? B ASN 2 
# 
loop_
_chem_comp_atom.comp_id 
_chem_comp_atom.atom_id 
_chem_comp_atom.type_symbol 
_chem_comp_atom.pdbx_aromatic_flag 
_chem_comp_atom.pdbx_stereo_config 
_chem_comp_atom.pdbx_ordinal 
ALA N    N N N 1   
ALA CA   C N S 2   
ALA C    C N N 3   
ALA O    O N N 4   
ALA CB   C N N 5   
ALA OXT  O N N 6   
ALA H    H N N 7   
ALA H2   H N N 8   
ALA HA   H N N 9   
ALA HB1  H N N 10  
ALA HB2  H N N 11  
ALA HB3  H N N 12  
ALA HXT  H N N 13  
ARG N    N N N 14  
ARG CA   C N S 15  
ARG C    C N N 16  
ARG O    O N N 17  
ARG CB   C N N 18  
ARG CG   C N N 19  
ARG CD   C N N 20  
ARG NE   N N N 21  
ARG CZ   C N N 22  
ARG NH1  N N N 23  
ARG NH2  N N N 24  
ARG OXT  O N N 25  
ARG H    H N N 26  
ARG H2   H N N 27  
ARG HA   H N N 28  
ARG HB2  H N N 29  
ARG HB3  H N N 30  
ARG HG2  H N N 31  
ARG HG3  H N N 32  
ARG HD2  H N N 33  
ARG HD3  H N N 34  
ARG HE   H N N 35  
ARG HH11 H N N 36  
ARG HH12 H N N 37  
ARG HH21 H N N 38  
ARG HH22 H N N 39  
ARG HXT  H N N 40  
ASN N    N N N 41  
ASN CA   C N S 42  
ASN C    C N N 43  
ASN O    O N N 44  
ASN CB   C N N 45  
ASN CG   C N N 46  
ASN OD1  O N N 47  
ASN ND2  N N N 48  
ASN OXT  O N N 49  
ASN H    H N N 50  
ASN H2   H N N 51  
ASN HA   H N N 52  
ASN HB2  H N N 53  
ASN HB3  H N N 54  
ASN HD21 H N N 55  
ASN HD22 H N N 56  
ASN HXT  H N N 57  
ASP N    N N N 58  
ASP CA   C N S 59  
ASP C    C N N 60  
ASP O    O N N 61  
ASP CB   C N N 62  
ASP CG   C N N 63  
ASP OD1  O N N 64  
ASP OD2  O N N 65  
ASP OXT  O N N 66  
ASP H    H N N 67  
ASP H2   H N N 68  
ASP HA   H N N 69  
ASP HB2  H N N 70  
ASP HB3  H N N 71  
ASP HD2  H N N 72  
ASP HXT  H N N 73  
GLN N    N N N 74  
GLN CA   C N S 75  
GLN C    C N N 76  
GLN O    O N N 77  
GLN CB   C N N 78  
GLN CG   C N N 79  
GLN CD   C N N 80  
GLN OE1  O N N 81  
GLN NE2  N N N 82  
GLN OXT  O N N 83  
GLN H    H N N 84  
GLN H2   H N N 85  
GLN HA   H N N 86  
GLN HB2  H N N 87  
GLN HB3  H N N 88  
GLN HG2  H N N 89  
GLN HG3  H N N 90  
GLN HE21 H N N 91  
GLN HE22 H N N 92  
GLN HXT  H N N 93  
GLU N    N N N 94  
GLU CA   C N S 95  
GLU C    C N N 96  
GLU O    O N N 97  
GLU CB   C N N 98  
GLU CG   C N N 99  
GLU CD   C N N 100 
GLU OE1  O N N 101 
GLU OE2  O N N 102 
GLU OXT  O N N 103 
GLU H    H N N 104 
GLU H2   H N N 105 
GLU HA   H N N 106 
GLU HB2  H N N 107 
GLU HB3  H N N 108 
GLU HG2  H N N 109 
GLU HG3  H N N 110 
GLU HE2  H N N 111 
GLU HXT  H N N 112 
GLY N    N N N 113 
GLY CA   C N N 114 
GLY C    C N N 115 
GLY O    O N N 116 
GLY OXT  O N N 117 
GLY H    H N N 118 
GLY H2   H N N 119 
GLY HA2  H N N 120 
GLY HA3  H N N 121 
GLY HXT  H N N 122 
HIS N    N N N 123 
HIS CA   C N S 124 
HIS C    C N N 125 
HIS O    O N N 126 
HIS CB   C N N 127 
HIS CG   C Y N 128 
HIS ND1  N Y N 129 
HIS CD2  C Y N 130 
HIS CE1  C Y N 131 
HIS NE2  N Y N 132 
HIS OXT  O N N 133 
HIS H    H N N 134 
HIS H2   H N N 135 
HIS HA   H N N 136 
HIS HB2  H N N 137 
HIS HB3  H N N 138 
HIS HD1  H N N 139 
HIS HD2  H N N 140 
HIS HE1  H N N 141 
HIS HE2  H N N 142 
HIS HXT  H N N 143 
HOH O    O N N 144 
HOH H1   H N N 145 
HOH H2   H N N 146 
ILE N    N N N 147 
ILE CA   C N S 148 
ILE C    C N N 149 
ILE O    O N N 150 
ILE CB   C N S 151 
ILE CG1  C N N 152 
ILE CG2  C N N 153 
ILE CD1  C N N 154 
ILE OXT  O N N 155 
ILE H    H N N 156 
ILE H2   H N N 157 
ILE HA   H N N 158 
ILE HB   H N N 159 
ILE HG12 H N N 160 
ILE HG13 H N N 161 
ILE HG21 H N N 162 
ILE HG22 H N N 163 
ILE HG23 H N N 164 
ILE HD11 H N N 165 
ILE HD12 H N N 166 
ILE HD13 H N N 167 
ILE HXT  H N N 168 
LEU N    N N N 169 
LEU CA   C N S 170 
LEU C    C N N 171 
LEU O    O N N 172 
LEU CB   C N N 173 
LEU CG   C N N 174 
LEU CD1  C N N 175 
LEU CD2  C N N 176 
LEU OXT  O N N 177 
LEU H    H N N 178 
LEU H2   H N N 179 
LEU HA   H N N 180 
LEU HB2  H N N 181 
LEU HB3  H N N 182 
LEU HG   H N N 183 
LEU HD11 H N N 184 
LEU HD12 H N N 185 
LEU HD13 H N N 186 
LEU HD21 H N N 187 
LEU HD22 H N N 188 
LEU HD23 H N N 189 
LEU HXT  H N N 190 
LYS N    N N N 191 
LYS CA   C N S 192 
LYS C    C N N 193 
LYS O    O N N 194 
LYS CB   C N N 195 
LYS CG   C N N 196 
LYS CD   C N N 197 
LYS CE   C N N 198 
LYS NZ   N N N 199 
LYS OXT  O N N 200 
LYS H    H N N 201 
LYS H2   H N N 202 
LYS HA   H N N 203 
LYS HB2  H N N 204 
LYS HB3  H N N 205 
LYS HG2  H N N 206 
LYS HG3  H N N 207 
LYS HD2  H N N 208 
LYS HD3  H N N 209 
LYS HE2  H N N 210 
LYS HE3  H N N 211 
LYS HZ1  H N N 212 
LYS HZ2  H N N 213 
LYS HZ3  H N N 214 
LYS HXT  H N N 215 
MET N    N N N 216 
MET CA   C N S 217 
MET C    C N N 218 
MET O    O N N 219 
MET CB   C N N 220 
MET CG   C N N 221 
MET SD   S N N 222 
MET CE   C N N 223 
MET OXT  O N N 224 
MET H    H N N 225 
MET H2   H N N 226 
MET HA   H N N 227 
MET HB2  H N N 228 
MET HB3  H N N 229 
MET HG2  H N N 230 
MET HG3  H N N 231 
MET HE1  H N N 232 
MET HE2  H N N 233 
MET HE3  H N N 234 
MET HXT  H N N 235 
PHE N    N N N 236 
PHE CA   C N S 237 
PHE C    C N N 238 
PHE O    O N N 239 
PHE CB   C N N 240 
PHE CG   C Y N 241 
PHE CD1  C Y N 242 
PHE CD2  C Y N 243 
PHE CE1  C Y N 244 
PHE CE2  C Y N 245 
PHE CZ   C Y N 246 
PHE OXT  O N N 247 
PHE H    H N N 248 
PHE H2   H N N 249 
PHE HA   H N N 250 
PHE HB2  H N N 251 
PHE HB3  H N N 252 
PHE HD1  H N N 253 
PHE HD2  H N N 254 
PHE HE1  H N N 255 
PHE HE2  H N N 256 
PHE HZ   H N N 257 
PHE HXT  H N N 258 
PRO N    N N N 259 
PRO CA   C N S 260 
PRO C    C N N 261 
PRO O    O N N 262 
PRO CB   C N N 263 
PRO CG   C N N 264 
PRO CD   C N N 265 
PRO OXT  O N N 266 
PRO H    H N N 267 
PRO HA   H N N 268 
PRO HB2  H N N 269 
PRO HB3  H N N 270 
PRO HG2  H N N 271 
PRO HG3  H N N 272 
PRO HD2  H N N 273 
PRO HD3  H N N 274 
PRO HXT  H N N 275 
PTR N    N N N 276 
PTR CA   C N S 277 
PTR C    C N N 278 
PTR O    O N N 279 
PTR OXT  O N N 280 
PTR CB   C N N 281 
PTR CG   C Y N 282 
PTR CD1  C Y N 283 
PTR CD2  C Y N 284 
PTR CE1  C Y N 285 
PTR CE2  C Y N 286 
PTR CZ   C Y N 287 
PTR OH   O N N 288 
PTR P    P N N 289 
PTR O1P  O N N 290 
PTR O2P  O N N 291 
PTR O3P  O N N 292 
PTR H    H N N 293 
PTR H2   H N N 294 
PTR HA   H N N 295 
PTR HXT  H N N 296 
PTR HB2  H N N 297 
PTR HB3  H N N 298 
PTR HD1  H N N 299 
PTR HD2  H N N 300 
PTR HE1  H N N 301 
PTR HE2  H N N 302 
PTR HO2P H N N 303 
PTR HO3P H N N 304 
SER N    N N N 305 
SER CA   C N S 306 
SER C    C N N 307 
SER O    O N N 308 
SER CB   C N N 309 
SER OG   O N N 310 
SER OXT  O N N 311 
SER H    H N N 312 
SER H2   H N N 313 
SER HA   H N N 314 
SER HB2  H N N 315 
SER HB3  H N N 316 
SER HG   H N N 317 
SER HXT  H N N 318 
THR N    N N N 319 
THR CA   C N S 320 
THR C    C N N 321 
THR O    O N N 322 
THR CB   C N R 323 
THR OG1  O N N 324 
THR CG2  C N N 325 
THR OXT  O N N 326 
THR H    H N N 327 
THR H2   H N N 328 
THR HA   H N N 329 
THR HB   H N N 330 
THR HG1  H N N 331 
THR HG21 H N N 332 
THR HG22 H N N 333 
THR HG23 H N N 334 
THR HXT  H N N 335 
TRP N    N N N 336 
TRP CA   C N S 337 
TRP C    C N N 338 
TRP O    O N N 339 
TRP CB   C N N 340 
TRP CG   C Y N 341 
TRP CD1  C Y N 342 
TRP CD2  C Y N 343 
TRP NE1  N Y N 344 
TRP CE2  C Y N 345 
TRP CE3  C Y N 346 
TRP CZ2  C Y N 347 
TRP CZ3  C Y N 348 
TRP CH2  C Y N 349 
TRP OXT  O N N 350 
TRP H    H N N 351 
TRP H2   H N N 352 
TRP HA   H N N 353 
TRP HB2  H N N 354 
TRP HB3  H N N 355 
TRP HD1  H N N 356 
TRP HE1  H N N 357 
TRP HE3  H N N 358 
TRP HZ2  H N N 359 
TRP HZ3  H N N 360 
TRP HH2  H N N 361 
TRP HXT  H N N 362 
TYR N    N N N 363 
TYR CA   C N S 364 
TYR C    C N N 365 
TYR O    O N N 366 
TYR CB   C N N 367 
TYR CG   C Y N 368 
TYR CD1  C Y N 369 
TYR CD2  C Y N 370 
TYR CE1  C Y N 371 
TYR CE2  C Y N 372 
TYR CZ   C Y N 373 
TYR OH   O N N 374 
TYR OXT  O N N 375 
TYR H    H N N 376 
TYR H2   H N N 377 
TYR HA   H N N 378 
TYR HB2  H N N 379 
TYR HB3  H N N 380 
TYR HD1  H N N 381 
TYR HD2  H N N 382 
TYR HE1  H N N 383 
TYR HE2  H N N 384 
TYR HH   H N N 385 
TYR HXT  H N N 386 
VAL N    N N N 387 
VAL CA   C N S 388 
VAL C    C N N 389 
VAL O    O N N 390 
VAL CB   C N N 391 
VAL CG1  C N N 392 
VAL CG2  C N N 393 
VAL OXT  O N N 394 
VAL H    H N N 395 
VAL H2   H N N 396 
VAL HA   H N N 397 
VAL HB   H N N 398 
VAL HG11 H N N 399 
VAL HG12 H N N 400 
VAL HG13 H N N 401 
VAL HG21 H N N 402 
VAL HG22 H N N 403 
VAL HG23 H N N 404 
VAL HXT  H N N 405 
# 
loop_
_chem_comp_bond.comp_id 
_chem_comp_bond.atom_id_1 
_chem_comp_bond.atom_id_2 
_chem_comp_bond.value_order 
_chem_comp_bond.pdbx_aromatic_flag 
_chem_comp_bond.pdbx_stereo_config 
_chem_comp_bond.pdbx_ordinal 
ALA N   CA   sing N N 1   
ALA N   H    sing N N 2   
ALA N   H2   sing N N 3   
ALA CA  C    sing N N 4   
ALA CA  CB   sing N N 5   
ALA CA  HA   sing N N 6   
ALA C   O    doub N N 7   
ALA C   OXT  sing N N 8   
ALA CB  HB1  sing N N 9   
ALA CB  HB2  sing N N 10  
ALA CB  HB3  sing N N 11  
ALA OXT HXT  sing N N 12  
ARG N   CA   sing N N 13  
ARG N   H    sing N N 14  
ARG N   H2   sing N N 15  
ARG CA  C    sing N N 16  
ARG CA  CB   sing N N 17  
ARG CA  HA   sing N N 18  
ARG C   O    doub N N 19  
ARG C   OXT  sing N N 20  
ARG CB  CG   sing N N 21  
ARG CB  HB2  sing N N 22  
ARG CB  HB3  sing N N 23  
ARG CG  CD   sing N N 24  
ARG CG  HG2  sing N N 25  
ARG CG  HG3  sing N N 26  
ARG CD  NE   sing N N 27  
ARG CD  HD2  sing N N 28  
ARG CD  HD3  sing N N 29  
ARG NE  CZ   sing N N 30  
ARG NE  HE   sing N N 31  
ARG CZ  NH1  sing N N 32  
ARG CZ  NH2  doub N N 33  
ARG NH1 HH11 sing N N 34  
ARG NH1 HH12 sing N N 35  
ARG NH2 HH21 sing N N 36  
ARG NH2 HH22 sing N N 37  
ARG OXT HXT  sing N N 38  
ASN N   CA   sing N N 39  
ASN N   H    sing N N 40  
ASN N   H2   sing N N 41  
ASN CA  C    sing N N 42  
ASN CA  CB   sing N N 43  
ASN CA  HA   sing N N 44  
ASN C   O    doub N N 45  
ASN C   OXT  sing N N 46  
ASN CB  CG   sing N N 47  
ASN CB  HB2  sing N N 48  
ASN CB  HB3  sing N N 49  
ASN CG  OD1  doub N N 50  
ASN CG  ND2  sing N N 51  
ASN ND2 HD21 sing N N 52  
ASN ND2 HD22 sing N N 53  
ASN OXT HXT  sing N N 54  
ASP N   CA   sing N N 55  
ASP N   H    sing N N 56  
ASP N   H2   sing N N 57  
ASP CA  C    sing N N 58  
ASP CA  CB   sing N N 59  
ASP CA  HA   sing N N 60  
ASP C   O    doub N N 61  
ASP C   OXT  sing N N 62  
ASP CB  CG   sing N N 63  
ASP CB  HB2  sing N N 64  
ASP CB  HB3  sing N N 65  
ASP CG  OD1  doub N N 66  
ASP CG  OD2  sing N N 67  
ASP OD2 HD2  sing N N 68  
ASP OXT HXT  sing N N 69  
GLN N   CA   sing N N 70  
GLN N   H    sing N N 71  
GLN N   H2   sing N N 72  
GLN CA  C    sing N N 73  
GLN CA  CB   sing N N 74  
GLN CA  HA   sing N N 75  
GLN C   O    doub N N 76  
GLN C   OXT  sing N N 77  
GLN CB  CG   sing N N 78  
GLN CB  HB2  sing N N 79  
GLN CB  HB3  sing N N 80  
GLN CG  CD   sing N N 81  
GLN CG  HG2  sing N N 82  
GLN CG  HG3  sing N N 83  
GLN CD  OE1  doub N N 84  
GLN CD  NE2  sing N N 85  
GLN NE2 HE21 sing N N 86  
GLN NE2 HE22 sing N N 87  
GLN OXT HXT  sing N N 88  
GLU N   CA   sing N N 89  
GLU N   H    sing N N 90  
GLU N   H2   sing N N 91  
GLU CA  C    sing N N 92  
GLU CA  CB   sing N N 93  
GLU CA  HA   sing N N 94  
GLU C   O    doub N N 95  
GLU C   OXT  sing N N 96  
GLU CB  CG   sing N N 97  
GLU CB  HB2  sing N N 98  
GLU CB  HB3  sing N N 99  
GLU CG  CD   sing N N 100 
GLU CG  HG2  sing N N 101 
GLU CG  HG3  sing N N 102 
GLU CD  OE1  doub N N 103 
GLU CD  OE2  sing N N 104 
GLU OE2 HE2  sing N N 105 
GLU OXT HXT  sing N N 106 
GLY N   CA   sing N N 107 
GLY N   H    sing N N 108 
GLY N   H2   sing N N 109 
GLY CA  C    sing N N 110 
GLY CA  HA2  sing N N 111 
GLY CA  HA3  sing N N 112 
GLY C   O    doub N N 113 
GLY C   OXT  sing N N 114 
GLY OXT HXT  sing N N 115 
HIS N   CA   sing N N 116 
HIS N   H    sing N N 117 
HIS N   H2   sing N N 118 
HIS CA  C    sing N N 119 
HIS CA  CB   sing N N 120 
HIS CA  HA   sing N N 121 
HIS C   O    doub N N 122 
HIS C   OXT  sing N N 123 
HIS CB  CG   sing N N 124 
HIS CB  HB2  sing N N 125 
HIS CB  HB3  sing N N 126 
HIS CG  ND1  sing Y N 127 
HIS CG  CD2  doub Y N 128 
HIS ND1 CE1  doub Y N 129 
HIS ND1 HD1  sing N N 130 
HIS CD2 NE2  sing Y N 131 
HIS CD2 HD2  sing N N 132 
HIS CE1 NE2  sing Y N 133 
HIS CE1 HE1  sing N N 134 
HIS NE2 HE2  sing N N 135 
HIS OXT HXT  sing N N 136 
HOH O   H1   sing N N 137 
HOH O   H2   sing N N 138 
ILE N   CA   sing N N 139 
ILE N   H    sing N N 140 
ILE N   H2   sing N N 141 
ILE CA  C    sing N N 142 
ILE CA  CB   sing N N 143 
ILE CA  HA   sing N N 144 
ILE C   O    doub N N 145 
ILE C   OXT  sing N N 146 
ILE CB  CG1  sing N N 147 
ILE CB  CG2  sing N N 148 
ILE CB  HB   sing N N 149 
ILE CG1 CD1  sing N N 150 
ILE CG1 HG12 sing N N 151 
ILE CG1 HG13 sing N N 152 
ILE CG2 HG21 sing N N 153 
ILE CG2 HG22 sing N N 154 
ILE CG2 HG23 sing N N 155 
ILE CD1 HD11 sing N N 156 
ILE CD1 HD12 sing N N 157 
ILE CD1 HD13 sing N N 158 
ILE OXT HXT  sing N N 159 
LEU N   CA   sing N N 160 
LEU N   H    sing N N 161 
LEU N   H2   sing N N 162 
LEU CA  C    sing N N 163 
LEU CA  CB   sing N N 164 
LEU CA  HA   sing N N 165 
LEU C   O    doub N N 166 
LEU C   OXT  sing N N 167 
LEU CB  CG   sing N N 168 
LEU CB  HB2  sing N N 169 
LEU CB  HB3  sing N N 170 
LEU CG  CD1  sing N N 171 
LEU CG  CD2  sing N N 172 
LEU CG  HG   sing N N 173 
LEU CD1 HD11 sing N N 174 
LEU CD1 HD12 sing N N 175 
LEU CD1 HD13 sing N N 176 
LEU CD2 HD21 sing N N 177 
LEU CD2 HD22 sing N N 178 
LEU CD2 HD23 sing N N 179 
LEU OXT HXT  sing N N 180 
LYS N   CA   sing N N 181 
LYS N   H    sing N N 182 
LYS N   H2   sing N N 183 
LYS CA  C    sing N N 184 
LYS CA  CB   sing N N 185 
LYS CA  HA   sing N N 186 
LYS C   O    doub N N 187 
LYS C   OXT  sing N N 188 
LYS CB  CG   sing N N 189 
LYS CB  HB2  sing N N 190 
LYS CB  HB3  sing N N 191 
LYS CG  CD   sing N N 192 
LYS CG  HG2  sing N N 193 
LYS CG  HG3  sing N N 194 
LYS CD  CE   sing N N 195 
LYS CD  HD2  sing N N 196 
LYS CD  HD3  sing N N 197 
LYS CE  NZ   sing N N 198 
LYS CE  HE2  sing N N 199 
LYS CE  HE3  sing N N 200 
LYS NZ  HZ1  sing N N 201 
LYS NZ  HZ2  sing N N 202 
LYS NZ  HZ3  sing N N 203 
LYS OXT HXT  sing N N 204 
MET N   CA   sing N N 205 
MET N   H    sing N N 206 
MET N   H2   sing N N 207 
MET CA  C    sing N N 208 
MET CA  CB   sing N N 209 
MET CA  HA   sing N N 210 
MET C   O    doub N N 211 
MET C   OXT  sing N N 212 
MET CB  CG   sing N N 213 
MET CB  HB2  sing N N 214 
MET CB  HB3  sing N N 215 
MET CG  SD   sing N N 216 
MET CG  HG2  sing N N 217 
MET CG  HG3  sing N N 218 
MET SD  CE   sing N N 219 
MET CE  HE1  sing N N 220 
MET CE  HE2  sing N N 221 
MET CE  HE3  sing N N 222 
MET OXT HXT  sing N N 223 
PHE N   CA   sing N N 224 
PHE N   H    sing N N 225 
PHE N   H2   sing N N 226 
PHE CA  C    sing N N 227 
PHE CA  CB   sing N N 228 
PHE CA  HA   sing N N 229 
PHE C   O    doub N N 230 
PHE C   OXT  sing N N 231 
PHE CB  CG   sing N N 232 
PHE CB  HB2  sing N N 233 
PHE CB  HB3  sing N N 234 
PHE CG  CD1  doub Y N 235 
PHE CG  CD2  sing Y N 236 
PHE CD1 CE1  sing Y N 237 
PHE CD1 HD1  sing N N 238 
PHE CD2 CE2  doub Y N 239 
PHE CD2 HD2  sing N N 240 
PHE CE1 CZ   doub Y N 241 
PHE CE1 HE1  sing N N 242 
PHE CE2 CZ   sing Y N 243 
PHE CE2 HE2  sing N N 244 
PHE CZ  HZ   sing N N 245 
PHE OXT HXT  sing N N 246 
PRO N   CA   sing N N 247 
PRO N   CD   sing N N 248 
PRO N   H    sing N N 249 
PRO CA  C    sing N N 250 
PRO CA  CB   sing N N 251 
PRO CA  HA   sing N N 252 
PRO C   O    doub N N 253 
PRO C   OXT  sing N N 254 
PRO CB  CG   sing N N 255 
PRO CB  HB2  sing N N 256 
PRO CB  HB3  sing N N 257 
PRO CG  CD   sing N N 258 
PRO CG  HG2  sing N N 259 
PRO CG  HG3  sing N N 260 
PRO CD  HD2  sing N N 261 
PRO CD  HD3  sing N N 262 
PRO OXT HXT  sing N N 263 
PTR N   CA   sing N N 264 
PTR N   H    sing N N 265 
PTR N   H2   sing N N 266 
PTR CA  C    sing N N 267 
PTR CA  CB   sing N N 268 
PTR CA  HA   sing N N 269 
PTR C   O    doub N N 270 
PTR C   OXT  sing N N 271 
PTR OXT HXT  sing N N 272 
PTR CB  CG   sing N N 273 
PTR CB  HB2  sing N N 274 
PTR CB  HB3  sing N N 275 
PTR CG  CD1  doub Y N 276 
PTR CG  CD2  sing Y N 277 
PTR CD1 CE1  sing Y N 278 
PTR CD1 HD1  sing N N 279 
PTR CD2 CE2  doub Y N 280 
PTR CD2 HD2  sing N N 281 
PTR CE1 CZ   doub Y N 282 
PTR CE1 HE1  sing N N 283 
PTR CE2 CZ   sing Y N 284 
PTR CE2 HE2  sing N N 285 
PTR CZ  OH   sing N N 286 
PTR OH  P    sing N N 287 
PTR P   O1P  doub N N 288 
PTR P   O2P  sing N N 289 
PTR P   O3P  sing N N 290 
PTR O2P HO2P sing N N 291 
PTR O3P HO3P sing N N 292 
SER N   CA   sing N N 293 
SER N   H    sing N N 294 
SER N   H2   sing N N 295 
SER CA  C    sing N N 296 
SER CA  CB   sing N N 297 
SER CA  HA   sing N N 298 
SER C   O    doub N N 299 
SER C   OXT  sing N N 300 
SER CB  OG   sing N N 301 
SER CB  HB2  sing N N 302 
SER CB  HB3  sing N N 303 
SER OG  HG   sing N N 304 
SER OXT HXT  sing N N 305 
THR N   CA   sing N N 306 
THR N   H    sing N N 307 
THR N   H2   sing N N 308 
THR CA  C    sing N N 309 
THR CA  CB   sing N N 310 
THR CA  HA   sing N N 311 
THR C   O    doub N N 312 
THR C   OXT  sing N N 313 
THR CB  OG1  sing N N 314 
THR CB  CG2  sing N N 315 
THR CB  HB   sing N N 316 
THR OG1 HG1  sing N N 317 
THR CG2 HG21 sing N N 318 
THR CG2 HG22 sing N N 319 
THR CG2 HG23 sing N N 320 
THR OXT HXT  sing N N 321 
TRP N   CA   sing N N 322 
TRP N   H    sing N N 323 
TRP N   H2   sing N N 324 
TRP CA  C    sing N N 325 
TRP CA  CB   sing N N 326 
TRP CA  HA   sing N N 327 
TRP C   O    doub N N 328 
TRP C   OXT  sing N N 329 
TRP CB  CG   sing N N 330 
TRP CB  HB2  sing N N 331 
TRP CB  HB3  sing N N 332 
TRP CG  CD1  doub Y N 333 
TRP CG  CD2  sing Y N 334 
TRP CD1 NE1  sing Y N 335 
TRP CD1 HD1  sing N N 336 
TRP CD2 CE2  doub Y N 337 
TRP CD2 CE3  sing Y N 338 
TRP NE1 CE2  sing Y N 339 
TRP NE1 HE1  sing N N 340 
TRP CE2 CZ2  sing Y N 341 
TRP CE3 CZ3  doub Y N 342 
TRP CE3 HE3  sing N N 343 
TRP CZ2 CH2  doub Y N 344 
TRP CZ2 HZ2  sing N N 345 
TRP CZ3 CH2  sing Y N 346 
TRP CZ3 HZ3  sing N N 347 
TRP CH2 HH2  sing N N 348 
TRP OXT HXT  sing N N 349 
TYR N   CA   sing N N 350 
TYR N   H    sing N N 351 
TYR N   H2   sing N N 352 
TYR CA  C    sing N N 353 
TYR CA  CB   sing N N 354 
TYR CA  HA   sing N N 355 
TYR C   O    doub N N 356 
TYR C   OXT  sing N N 357 
TYR CB  CG   sing N N 358 
TYR CB  HB2  sing N N 359 
TYR CB  HB3  sing N N 360 
TYR CG  CD1  doub Y N 361 
TYR CG  CD2  sing Y N 362 
TYR CD1 CE1  sing Y N 363 
TYR CD1 HD1  sing N N 364 
TYR CD2 CE2  doub Y N 365 
TYR CD2 HD2  sing N N 366 
TYR CE1 CZ   doub Y N 367 
TYR CE1 HE1  sing N N 368 
TYR CE2 CZ   sing Y N 369 
TYR CE2 HE2  sing N N 370 
TYR CZ  OH   sing N N 371 
TYR OH  HH   sing N N 372 
TYR OXT HXT  sing N N 373 
VAL N   CA   sing N N 374 
VAL N   H    sing N N 375 
VAL N   H2   sing N N 376 
VAL CA  C    sing N N 377 
VAL CA  CB   sing N N 378 
VAL CA  HA   sing N N 379 
VAL C   O    doub N N 380 
VAL C   OXT  sing N N 381 
VAL CB  CG1  sing N N 382 
VAL CB  CG2  sing N N 383 
VAL CB  HB   sing N N 384 
VAL CG1 HG11 sing N N 385 
VAL CG1 HG12 sing N N 386 
VAL CG1 HG13 sing N N 387 
VAL CG2 HG21 sing N N 388 
VAL CG2 HG22 sing N N 389 
VAL CG2 HG23 sing N N 390 
VAL OXT HXT  sing N N 391 
# 
_pdbx_initial_refinement_model.id               1 
_pdbx_initial_refinement_model.entity_id_list   ? 
_pdbx_initial_refinement_model.type             'experimental model' 
_pdbx_initial_refinement_model.source_name      PDB 
_pdbx_initial_refinement_model.accession_code   1JYR 
_pdbx_initial_refinement_model.details          'PDB ENTRY 1JYR' 
# 
_atom_sites.entry_id                    3MXC 
_atom_sites.fract_transf_matrix[1][1]   -0.00168291 
_atom_sites.fract_transf_matrix[1][2]   -0.01301026 
_atom_sites.fract_transf_matrix[1][3]   -0.01435956 
_atom_sites.fract_transf_matrix[2][1]   0.01545450 
_atom_sites.fract_transf_matrix[2][2]   -0.00447615 
_atom_sites.fract_transf_matrix[2][3]   -0.01092818 
_atom_sites.fract_transf_matrix[3][1]   0.00203070 
_atom_sites.fract_transf_matrix[3][2]   -0.00626421 
_atom_sites.fract_transf_matrix[3][3]   0.00543760 
_atom_sites.fract_transf_vector[1]      0.484674 
_atom_sites.fract_transf_vector[2]      0.937561 
_atom_sites.fract_transf_vector[3]      0.347318 
# 
loop_
_atom_type.symbol 
C 
N 
O 
P 
S 
# 
loop_
_atom_site.group_PDB 
_atom_site.id 
_atom_site.type_symbol 
_atom_site.label_atom_id 
_atom_site.label_alt_id 
_atom_site.label_comp_id 
_atom_site.label_asym_id 
_atom_site.label_entity_id 
_atom_site.label_seq_id 
_atom_site.pdbx_PDB_ins_code 
_atom_site.Cartn_x 
_atom_site.Cartn_y 
_atom_site.Cartn_z 
_atom_site.occupancy 
_atom_site.B_iso_or_equiv 
_atom_site.pdbx_formal_charge 
_atom_site.auth_seq_id 
_atom_site.auth_comp_id 
_atom_site.auth_asym_id 
_atom_site.auth_atom_id 
_atom_site.pdbx_PDB_model_num 
ATOM   1   N N   . MET A 1 4   ? 11.477  17.626  -10.071 1.00 71.21 ? 55  MET A N   1 
ATOM   2   C CA  . MET A 1 4   ? 11.250  16.275  -9.490  1.00 73.13 ? 55  MET A CA  1 
ATOM   3   C C   . MET A 1 4   ? 10.988  15.265  -10.601 1.00 67.96 ? 55  MET A C   1 
ATOM   4   O O   . MET A 1 4   ? 11.040  15.597  -11.784 1.00 65.88 ? 55  MET A O   1 
ATOM   5   C CB  . MET A 1 4   ? 10.042  16.302  -8.546  1.00 80.77 ? 55  MET A CB  1 
ATOM   6   C CG  . MET A 1 4   ? 10.026  17.468  -7.564  1.00 91.75 ? 55  MET A CG  1 
ATOM   7   S SD  . MET A 1 4   ? 11.423  17.478  -6.428  1.00 97.73 ? 55  MET A SD  1 
ATOM   8   C CE  . MET A 1 4   ? 10.793  16.430  -5.116  1.00 99.21 ? 55  MET A CE  1 
ATOM   9   N N   . LYS A 1 5   ? 10.700  14.031  -10.205 1.00 63.14 ? 56  LYS A N   1 
ATOM   10  C CA  . LYS A 1 5   ? 10.406  12.957  -11.142 1.00 58.72 ? 56  LYS A CA  1 
ATOM   11  C C   . LYS A 1 5   ? 9.182   12.237  -10.591 1.00 52.38 ? 56  LYS A C   1 
ATOM   12  O O   . LYS A 1 5   ? 8.924   12.274  -9.386  1.00 51.48 ? 56  LYS A O   1 
ATOM   13  C CB  . LYS A 1 5   ? 11.586  11.986  -11.238 1.00 63.97 ? 56  LYS A CB  1 
ATOM   14  C CG  . LYS A 1 5   ? 12.879  12.590  -11.777 1.00 70.82 ? 56  LYS A CG  1 
ATOM   15  C CD  . LYS A 1 5   ? 14.034  11.609  -11.610 1.00 74.49 ? 56  LYS A CD  1 
ATOM   16  C CE  . LYS A 1 5   ? 15.401  12.292  -11.676 1.00 76.58 ? 56  LYS A CE  1 
ATOM   17  N NZ  . LYS A 1 5   ? 15.893  12.544  -13.065 1.00 77.68 ? 56  LYS A NZ  1 
ATOM   18  N N   . PRO A 1 6   ? 8.405   11.580  -11.465 1.00 45.04 ? 57  PRO A N   1 
ATOM   19  C CA  . PRO A 1 6   ? 7.216   10.871  -10.990 1.00 39.95 ? 57  PRO A CA  1 
ATOM   20  C C   . PRO A 1 6   ? 7.545   9.689   -10.074 1.00 36.60 ? 57  PRO A C   1 
ATOM   21  O O   . PRO A 1 6   ? 8.681   9.207   -10.048 1.00 34.14 ? 57  PRO A O   1 
ATOM   22  C CB  . PRO A 1 6   ? 6.541   10.435  -12.286 1.00 40.60 ? 57  PRO A CB  1 
ATOM   23  C CG  . PRO A 1 6   ? 7.703   10.205  -13.202 1.00 41.76 ? 57  PRO A CG  1 
ATOM   24  C CD  . PRO A 1 6   ? 8.579   11.408  -12.919 1.00 42.47 ? 57  PRO A CD  1 
ATOM   25  N N   . HIS A 1 7   ? 6.547   9.228   -9.322  1.00 32.60 ? 58  HIS A N   1 
ATOM   26  C CA  . HIS A 1 7   ? 6.746   8.096   -8.420  1.00 30.95 ? 58  HIS A CA  1 
ATOM   27  C C   . HIS A 1 7   ? 6.501   6.792   -9.160  1.00 32.28 ? 58  HIS A C   1 
ATOM   28  O O   . HIS A 1 7   ? 5.527   6.656   -9.897  1.00 33.27 ? 58  HIS A O   1 
ATOM   29  C CB  . HIS A 1 7   ? 5.810   8.189   -7.214  1.00 29.04 ? 58  HIS A CB  1 
ATOM   30  C CG  . HIS A 1 7   ? 6.175   9.280   -6.257  1.00 27.89 ? 58  HIS A CG  1 
ATOM   31  N ND1 . HIS A 1 7   ? 7.395   9.328   -5.618  1.00 26.49 ? 58  HIS A ND1 1 
ATOM   32  C CD2 . HIS A 1 7   ? 5.487   10.367  -5.842  1.00 26.29 ? 58  HIS A CD2 1 
ATOM   33  C CE1 . HIS A 1 7   ? 7.444   10.401  -4.849  1.00 25.78 ? 58  HIS A CE1 1 
ATOM   34  N NE2 . HIS A 1 7   ? 6.299   11.050  -4.966  1.00 28.56 ? 58  HIS A NE2 1 
ATOM   35  N N   . PRO A 1 8   ? 7.387   5.808   -8.961  1.00 34.13 ? 59  PRO A N   1 
ATOM   36  C CA  . PRO A 1 8   ? 7.286   4.498   -9.608  1.00 33.48 ? 59  PRO A CA  1 
ATOM   37  C C   . PRO A 1 8   ? 6.265   3.567   -8.954  1.00 31.30 ? 59  PRO A C   1 
ATOM   38  O O   . PRO A 1 8   ? 6.069   2.440   -9.409  1.00 31.32 ? 59  PRO A O   1 
ATOM   39  C CB  . PRO A 1 8   ? 8.704   3.965   -9.478  1.00 34.88 ? 59  PRO A CB  1 
ATOM   40  C CG  . PRO A 1 8   ? 9.060   4.415   -8.094  1.00 37.23 ? 59  PRO A CG  1 
ATOM   41  C CD  . PRO A 1 8   ? 8.580   5.868   -8.095  1.00 34.96 ? 59  PRO A CD  1 
ATOM   42  N N   . TRP A 1 9   ? 5.608   4.032   -7.898  1.00 28.95 ? 60  TRP A N   1 
ATOM   43  C CA  . TRP A 1 9   ? 4.641   3.192   -7.205  1.00 26.59 ? 60  TRP A CA  1 
ATOM   44  C C   . TRP A 1 9   ? 3.157   3.454   -7.439  1.00 26.40 ? 60  TRP A C   1 
ATOM   45  O O   . TRP A 1 9   ? 2.320   2.702   -6.928  1.00 23.78 ? 60  TRP A O   1 
ATOM   46  C CB  . TRP A 1 9   ? 4.916   3.204   -5.692  1.00 25.08 ? 60  TRP A CB  1 
ATOM   47  C CG  . TRP A 1 9   ? 5.174   4.559   -5.089  1.00 24.67 ? 60  TRP A CG  1 
ATOM   48  C CD1 . TRP A 1 9   ? 6.392   5.087   -4.759  1.00 24.49 ? 60  TRP A CD1 1 
ATOM   49  C CD2 . TRP A 1 9   ? 4.195   5.533   -4.695  1.00 24.61 ? 60  TRP A CD2 1 
ATOM   50  N NE1 . TRP A 1 9   ? 6.233   6.325   -4.178  1.00 26.03 ? 60  TRP A NE1 1 
ATOM   51  C CE2 . TRP A 1 9   ? 4.897   6.624   -4.129  1.00 24.79 ? 60  TRP A CE2 1 
ATOM   52  C CE3 . TRP A 1 9   ? 2.794   5.590   -4.767  1.00 22.65 ? 60  TRP A CE3 1 
ATOM   53  C CZ2 . TRP A 1 9   ? 4.245   7.759   -3.632  1.00 25.30 ? 60  TRP A CZ2 1 
ATOM   54  C CZ3 . TRP A 1 9   ? 2.147   6.720   -4.274  1.00 24.24 ? 60  TRP A CZ3 1 
ATOM   55  C CH2 . TRP A 1 9   ? 2.874   7.790   -3.713  1.00 24.34 ? 60  TRP A CH2 1 
ATOM   56  N N   . PHE A 1 10  ? 2.810   4.498   -8.190  1.00 23.68 ? 61  PHE A N   1 
ATOM   57  C CA  . PHE A 1 10  ? 1.397   4.775   -8.442  1.00 24.56 ? 61  PHE A CA  1 
ATOM   58  C C   . PHE A 1 10  ? 0.947   4.087   -9.728  1.00 24.24 ? 61  PHE A C   1 
ATOM   59  O O   . PHE A 1 10  ? 1.358   4.470   -10.823 1.00 24.57 ? 61  PHE A O   1 
ATOM   60  C CB  . PHE A 1 10  ? 1.137   6.283   -8.550  1.00 24.09 ? 61  PHE A CB  1 
ATOM   61  C CG  . PHE A 1 10  ? -0.322  6.640   -8.515  1.00 24.55 ? 61  PHE A CG  1 
ATOM   62  C CD1 . PHE A 1 10  ? -1.007  6.694   -7.304  1.00 26.94 ? 61  PHE A CD1 1 
ATOM   63  C CD2 . PHE A 1 10  ? -1.027  6.858   -9.698  1.00 24.59 ? 61  PHE A CD2 1 
ATOM   64  C CE1 . PHE A 1 10  ? -2.375  6.957   -7.266  1.00 28.73 ? 61  PHE A CE1 1 
ATOM   65  C CE2 . PHE A 1 10  ? -2.395  7.119   -9.678  1.00 25.54 ? 61  PHE A CE2 1 
ATOM   66  C CZ  . PHE A 1 10  ? -3.074  7.169   -8.458  1.00 27.76 ? 61  PHE A CZ  1 
ATOM   67  N N   . PHE A 1 11  ? 0.096   3.075   -9.588  1.00 24.18 ? 62  PHE A N   1 
ATOM   68  C CA  . PHE A 1 11  ? -0.394  2.313   -10.734 1.00 24.68 ? 62  PHE A CA  1 
ATOM   69  C C   . PHE A 1 11  ? -1.817  2.645   -11.184 1.00 24.20 ? 62  PHE A C   1 
ATOM   70  O O   . PHE A 1 11  ? -2.337  2.034   -12.116 1.00 23.94 ? 62  PHE A O   1 
ATOM   71  C CB  . PHE A 1 11  ? -0.280  0.811   -10.438 1.00 26.56 ? 62  PHE A CB  1 
ATOM   72  C CG  . PHE A 1 11  ? 1.118   0.274   -10.578 1.00 26.03 ? 62  PHE A CG  1 
ATOM   73  C CD1 . PHE A 1 11  ? 2.139   0.719   -9.741  1.00 25.29 ? 62  PHE A CD1 1 
ATOM   74  C CD2 . PHE A 1 11  ? 1.423   -0.645  -11.577 1.00 29.02 ? 62  PHE A CD2 1 
ATOM   75  C CE1 . PHE A 1 11  ? 3.442   0.263   -9.898  1.00 26.57 ? 62  PHE A CE1 1 
ATOM   76  C CE2 . PHE A 1 11  ? 2.729   -1.112  -11.745 1.00 29.53 ? 62  PHE A CE2 1 
ATOM   77  C CZ  . PHE A 1 11  ? 3.740   -0.656  -10.902 1.00 28.59 ? 62  PHE A CZ  1 
ATOM   78  N N   . GLY A 1 12  ? -2.451  3.609   -10.531 1.00 23.83 ? 63  GLY A N   1 
ATOM   79  C CA  . GLY A 1 12  ? -3.799  3.972   -10.921 1.00 24.78 ? 63  GLY A CA  1 
ATOM   80  C C   . GLY A 1 12  ? -4.819  2.884   -10.654 1.00 26.97 ? 63  GLY A C   1 
ATOM   81  O O   . GLY A 1 12  ? -4.760  2.181   -9.643  1.00 26.07 ? 63  GLY A O   1 
ATOM   82  N N   . LYS A 1 13  ? -5.757  2.734   -11.579 1.00 29.28 ? 64  LYS A N   1 
ATOM   83  C CA  . LYS A 1 13  ? -6.819  1.759   -11.431 1.00 32.62 ? 64  LYS A CA  1 
ATOM   84  C C   . LYS A 1 13  ? -6.477  0.355   -11.941 1.00 34.18 ? 64  LYS A C   1 
ATOM   85  O O   . LYS A 1 13  ? -7.042  -0.113  -12.927 1.00 38.56 ? 64  LYS A O   1 
ATOM   86  C CB  . LYS A 1 13  ? -8.084  2.284   -12.126 1.00 32.73 ? 64  LYS A CB  1 
ATOM   87  C CG  . LYS A 1 13  ? -9.366  1.600   -11.674 1.00 36.21 ? 64  LYS A CG  1 
ATOM   88  C CD  . LYS A 1 13  ? -10.584 2.213   -12.342 1.00 37.29 ? 64  LYS A CD  1 
ATOM   89  C CE  . LYS A 1 13  ? -11.856 1.547   -11.849 1.00 38.04 ? 64  LYS A CE  1 
ATOM   90  N NZ  . LYS A 1 13  ? -13.064 2.087   -12.522 1.00 38.85 ? 64  LYS A NZ  1 
ATOM   91  N N   . ILE A 1 14  ? -5.545  -0.310  -11.266 1.00 35.28 ? 65  ILE A N   1 
ATOM   92  C CA  . ILE A 1 14  ? -5.158  -1.665  -11.634 1.00 35.50 ? 65  ILE A CA  1 
ATOM   93  C C   . ILE A 1 14  ? -5.976  -2.602  -10.745 1.00 34.88 ? 65  ILE A C   1 
ATOM   94  O O   . ILE A 1 14  ? -6.081  -2.389  -9.535  1.00 34.75 ? 65  ILE A O   1 
ATOM   95  C CB  . ILE A 1 14  ? -3.634  -1.904  -11.414 1.00 36.90 ? 65  ILE A CB  1 
ATOM   96  C CG1 . ILE A 1 14  ? -3.287  -3.376  -11.672 1.00 39.34 ? 65  ILE A CG1 1 
ATOM   97  C CG2 . ILE A 1 14  ? -3.232  -1.531  -9.994  1.00 35.58 ? 65  ILE A CG2 1 
ATOM   98  C CD1 . ILE A 1 14  ? -1.819  -3.714  -11.478 1.00 37.76 ? 65  ILE A CD1 1 
ATOM   99  N N   . PRO A 1 15  ? -6.596  -3.636  -11.338 1.00 32.58 ? 66  PRO A N   1 
ATOM   100 C CA  . PRO A 1 15  ? -7.398  -4.576  -10.548 1.00 32.07 ? 66  PRO A CA  1 
ATOM   101 C C   . PRO A 1 15  ? -6.574  -5.235  -9.437  1.00 30.09 ? 66  PRO A C   1 
ATOM   102 O O   . PRO A 1 15  ? -5.372  -5.448  -9.584  1.00 29.42 ? 66  PRO A O   1 
ATOM   103 C CB  . PRO A 1 15  ? -7.865  -5.591  -11.590 1.00 33.01 ? 66  PRO A CB  1 
ATOM   104 C CG  . PRO A 1 15  ? -7.941  -4.768  -12.848 1.00 35.80 ? 66  PRO A CG  1 
ATOM   105 C CD  . PRO A 1 15  ? -6.666  -3.963  -12.772 1.00 33.52 ? 66  PRO A CD  1 
ATOM   106 N N   . ARG A 1 16  ? -7.232  -5.555  -8.329  1.00 28.95 ? 67  ARG A N   1 
ATOM   107 C CA  . ARG A 1 16  ? -6.576  -6.196  -7.199  1.00 29.76 ? 67  ARG A CA  1 
ATOM   108 C C   . ARG A 1 16  ? -5.878  -7.476  -7.648  1.00 31.06 ? 67  ARG A C   1 
ATOM   109 O O   . ARG A 1 16  ? -4.754  -7.761  -7.237  1.00 30.98 ? 67  ARG A O   1 
ATOM   110 C CB  . ARG A 1 16  ? -7.615  -6.511  -6.118  1.00 29.43 ? 67  ARG A CB  1 
ATOM   111 C CG  . ARG A 1 16  ? -7.112  -7.334  -4.935  1.00 29.87 ? 67  ARG A CG  1 
ATOM   112 C CD  . ARG A 1 16  ? -8.248  -7.540  -3.934  1.00 30.51 ? 67  ARG A CD  1 
ATOM   113 N NE  . ARG A 1 16  ? -7.880  -8.409  -2.818  1.00 30.96 ? 67  ARG A NE  1 
ATOM   114 C CZ  . ARG A 1 16  ? -7.934  -8.053  -1.538  1.00 31.15 ? 67  ARG A CZ  1 
ATOM   115 N NH1 . ARG A 1 16  ? -8.336  -6.836  -1.192  1.00 30.48 ? 67  ARG A NH1 1 
ATOM   116 N NH2 . ARG A 1 16  ? -7.594  -8.922  -0.596  1.00 31.90 ? 67  ARG A NH2 1 
ATOM   117 N N   . ALA A 1 17  ? -6.551  -8.247  -8.495  1.00 30.96 ? 68  ALA A N   1 
ATOM   118 C CA  . ALA A 1 17  ? -5.987  -9.493  -8.994  1.00 30.76 ? 68  ALA A CA  1 
ATOM   119 C C   . ALA A 1 17  ? -4.712  -9.271  -9.795  1.00 31.18 ? 68  ALA A C   1 
ATOM   120 O O   . ALA A 1 17  ? -3.765  -10.055 -9.685  1.00 29.16 ? 68  ALA A O   1 
ATOM   121 C CB  . ALA A 1 17  ? -7.014  -10.232 -9.851  1.00 32.70 ? 68  ALA A CB  1 
ATOM   122 N N   . LYS A 1 18  ? -4.678  -8.210  -10.599 1.00 30.26 ? 69  LYS A N   1 
ATOM   123 C CA  . LYS A 1 18  ? -3.500  -7.926  -11.411 1.00 31.21 ? 69  LYS A CA  1 
ATOM   124 C C   . LYS A 1 18  ? -2.359  -7.390  -10.565 1.00 29.16 ? 69  LYS A C   1 
ATOM   125 O O   . LYS A 1 18  ? -1.188  -7.574  -10.895 1.00 27.03 ? 69  LYS A O   1 
ATOM   126 C CB  . LYS A 1 18  ? -3.833  -6.919  -12.510 1.00 36.80 ? 69  LYS A CB  1 
ATOM   127 C CG  . LYS A 1 18  ? -4.766  -7.457  -13.597 1.00 45.32 ? 69  LYS A CG  1 
ATOM   128 C CD  . LYS A 1 18  ? -4.145  -8.628  -14.357 1.00 51.18 ? 69  LYS A CD  1 
ATOM   129 C CE  . LYS A 1 18  ? -5.092  -9.154  -15.439 1.00 56.14 ? 69  LYS A CE  1 
ATOM   130 N NZ  . LYS A 1 18  ? -4.508  -10.287 -16.218 1.00 58.78 ? 69  LYS A NZ  1 
ATOM   131 N N   . ALA A 1 19  ? -2.698  -6.717  -9.472  1.00 25.79 ? 70  ALA A N   1 
ATOM   132 C CA  . ALA A 1 19  ? -1.675  -6.186  -8.587  1.00 25.00 ? 70  ALA A CA  1 
ATOM   133 C C   . ALA A 1 19  ? -0.970  -7.379  -7.954  1.00 25.71 ? 70  ALA A C   1 
ATOM   134 O O   . ALA A 1 19  ? 0.255   -7.403  -7.848  1.00 25.43 ? 70  ALA A O   1 
ATOM   135 C CB  . ALA A 1 19  ? -2.312  -5.320  -7.512  1.00 23.83 ? 70  ALA A CB  1 
ATOM   136 N N   . GLU A 1 20  ? -1.758  -8.371  -7.548  1.00 26.90 ? 71  GLU A N   1 
ATOM   137 C CA  . GLU A 1 20  ? -1.216  -9.577  -6.936  1.00 30.06 ? 71  GLU A CA  1 
ATOM   138 C C   . GLU A 1 20  ? -0.345  -10.352 -7.926  1.00 31.93 ? 71  GLU A C   1 
ATOM   139 O O   . GLU A 1 20  ? 0.718   -10.851 -7.558  1.00 30.50 ? 71  GLU A O   1 
ATOM   140 C CB  . GLU A 1 20  ? -2.342  -10.484 -6.420  1.00 31.28 ? 71  GLU A CB  1 
ATOM   141 C CG  . GLU A 1 20  ? -3.178  -9.885  -5.290  1.00 37.55 ? 71  GLU A CG  1 
ATOM   142 C CD  . GLU A 1 20  ? -4.179  -10.878 -4.705  1.00 40.43 ? 71  GLU A CD  1 
ATOM   143 O OE1 . GLU A 1 20  ? -4.953  -11.481 -5.474  1.00 42.88 ? 71  GLU A OE1 1 
ATOM   144 O OE2 . GLU A 1 20  ? -4.201  -11.058 -3.474  1.00 42.73 ? 71  GLU A OE2 1 
ATOM   145 N N   . GLU A 1 21  ? -0.783  -10.434 -9.180  1.00 34.31 ? 72  GLU A N   1 
ATOM   146 C CA  . GLU A 1 21  ? -0.031  -11.155 -10.199 1.00 36.90 ? 72  GLU A CA  1 
ATOM   147 C C   . GLU A 1 21  ? 1.286   -10.456 -10.483 1.00 35.74 ? 72  GLU A C   1 
ATOM   148 O O   . GLU A 1 21  ? 2.317   -11.099 -10.665 1.00 34.41 ? 72  GLU A O   1 
ATOM   149 C CB  . GLU A 1 21  ? -0.840  -11.247 -11.490 1.00 43.83 ? 72  GLU A CB  1 
ATOM   150 C CG  . GLU A 1 21  ? -2.149  -12.015 -11.366 1.00 55.59 ? 72  GLU A CG  1 
ATOM   151 C CD  . GLU A 1 21  ? -2.889  -12.114 -12.694 1.00 61.89 ? 72  GLU A CD  1 
ATOM   152 O OE1 . GLU A 1 21  ? -4.036  -12.614 -12.705 1.00 63.90 ? 72  GLU A OE1 1 
ATOM   153 O OE2 . GLU A 1 21  ? -2.323  -11.693 -13.728 1.00 64.09 ? 72  GLU A OE2 1 
ATOM   154 N N   . MET A 1 22  ? 1.251   -9.130  -10.518 1.00 33.51 ? 73  MET A N   1 
ATOM   155 C CA  . MET A 1 22  ? 2.447   -8.353  -10.787 1.00 32.77 ? 73  MET A CA  1 
ATOM   156 C C   . MET A 1 22  ? 3.432   -8.416  -9.624  1.00 30.53 ? 73  MET A C   1 
ATOM   157 O O   . MET A 1 22  ? 4.622   -8.660  -9.824  1.00 32.54 ? 73  MET A O   1 
ATOM   158 C CB  . MET A 1 22  ? 2.052   -6.900  -11.088 1.00 35.26 ? 73  MET A CB  1 
ATOM   159 C CG  . MET A 1 22  ? 3.199   -5.981  -11.478 1.00 40.77 ? 73  MET A CG  1 
ATOM   160 S SD  . MET A 1 22  ? 4.138   -5.337  -10.080 1.00 46.13 ? 73  MET A SD  1 
ATOM   161 C CE  . MET A 1 22  ? 5.479   -4.470  -10.928 1.00 46.45 ? 73  MET A CE  1 
ATOM   162 N N   . LEU A 1 23  ? 2.936   -8.207  -8.409  1.00 29.08 ? 74  LEU A N   1 
ATOM   163 C CA  . LEU A 1 23  ? 3.792   -8.217  -7.227  1.00 28.26 ? 74  LEU A CA  1 
ATOM   164 C C   . LEU A 1 23  ? 4.326   -9.604  -6.871  1.00 28.35 ? 74  LEU A C   1 
ATOM   165 O O   . LEU A 1 23  ? 5.391   -9.718  -6.271  1.00 27.92 ? 74  LEU A O   1 
ATOM   166 C CB  . LEU A 1 23  ? 3.051   -7.603  -6.029  1.00 25.38 ? 74  LEU A CB  1 
ATOM   167 C CG  . LEU A 1 23  ? 2.821   -6.086  -6.083  1.00 26.43 ? 74  LEU A CG  1 
ATOM   168 C CD1 . LEU A 1 23  ? 1.997   -5.645  -4.878  1.00 25.77 ? 74  LEU A CD1 1 
ATOM   169 C CD2 . LEU A 1 23  ? 4.164   -5.358  -6.094  1.00 24.83 ? 74  LEU A CD2 1 
ATOM   170 N N   . SER A 1 24  ? 3.604   -10.655 -7.246  1.00 31.65 ? 75  SER A N   1 
ATOM   171 C CA  . SER A 1 24  ? 4.054   -12.017 -6.958  1.00 35.66 ? 75  SER A CA  1 
ATOM   172 C C   . SER A 1 24  ? 5.345   -12.325 -7.710  1.00 35.19 ? 75  SER A C   1 
ATOM   173 O O   . SER A 1 24  ? 6.120   -13.187 -7.301  1.00 33.92 ? 75  SER A O   1 
ATOM   174 C CB  . SER A 1 24  ? 2.986   -13.032 -7.366  1.00 39.25 ? 75  SER A CB  1 
ATOM   175 O OG  . SER A 1 24  ? 1.871   -12.989 -6.496  1.00 47.03 ? 75  SER A OG  1 
ATOM   176 N N   . LYS A 1 25  ? 5.563   -11.607 -8.808  1.00 34.37 ? 76  LYS A N   1 
ATOM   177 C CA  . LYS A 1 25  ? 6.747   -11.790 -9.643  1.00 34.75 ? 76  LYS A CA  1 
ATOM   178 C C   . LYS A 1 25  ? 7.955   -11.012 -9.134  1.00 33.79 ? 76  LYS A C   1 
ATOM   179 O O   . LYS A 1 25  ? 9.078   -11.224 -9.600  1.00 34.53 ? 76  LYS A O   1 
ATOM   180 C CB  . LYS A 1 25  ? 6.455   -11.345 -11.081 1.00 36.83 ? 76  LYS A CB  1 
ATOM   181 C CG  . LYS A 1 25  ? 5.253   -12.004 -11.723 1.00 39.46 ? 76  LYS A CG  1 
ATOM   182 C CD  . LYS A 1 25  ? 4.955   -11.356 -13.071 1.00 40.73 ? 76  LYS A CD  1 
ATOM   183 C CE  . LYS A 1 25  ? 3.700   -11.934 -13.702 1.00 42.41 ? 76  LYS A CE  1 
ATOM   184 N NZ  . LYS A 1 25  ? 3.362   -11.240 -14.977 1.00 44.56 ? 76  LYS A NZ  1 
ATOM   185 N N   . GLN A 1 26  ? 7.730   -10.109 -8.187  1.00 30.61 ? 77  GLN A N   1 
ATOM   186 C CA  . GLN A 1 26  ? 8.818   -9.307  -7.647  1.00 28.81 ? 77  GLN A CA  1 
ATOM   187 C C   . GLN A 1 26  ? 9.785   -10.161 -6.847  1.00 28.91 ? 77  GLN A C   1 
ATOM   188 O O   . GLN A 1 26  ? 9.398   -11.168 -6.259  1.00 27.05 ? 77  GLN A O   1 
ATOM   189 C CB  . GLN A 1 26  ? 8.270   -8.169  -6.780  1.00 27.57 ? 77  GLN A CB  1 
ATOM   190 C CG  . GLN A 1 26  ? 7.688   -7.003  -7.570  1.00 26.97 ? 77  GLN A CG  1 
ATOM   191 C CD  . GLN A 1 26  ? 8.749   -6.217  -8.322  1.00 25.96 ? 77  GLN A CD  1 
ATOM   192 O OE1 . GLN A 1 26  ? 9.661   -5.656  -7.721  1.00 25.15 ? 77  GLN A OE1 1 
ATOM   193 N NE2 . GLN A 1 26  ? 8.628   -6.169  -9.645  1.00 26.86 ? 77  GLN A NE2 1 
ATOM   194 N N   . ARG A 1 27  ? 11.048  -9.743  -6.824  1.00 30.59 ? 78  ARG A N   1 
ATOM   195 C CA  . ARG A 1 27  ? 12.096  -10.476 -6.116  1.00 32.53 ? 78  ARG A CA  1 
ATOM   196 C C   . ARG A 1 27  ? 12.163  -10.287 -4.606  1.00 32.71 ? 78  ARG A C   1 
ATOM   197 O O   . ARG A 1 27  ? 12.510  -11.223 -3.877  1.00 32.52 ? 78  ARG A O   1 
ATOM   198 C CB  . ARG A 1 27  ? 13.471  -10.120 -6.694  1.00 35.54 ? 78  ARG A CB  1 
ATOM   199 C CG  . ARG A 1 27  ? 13.778  -10.729 -8.055  1.00 40.17 ? 78  ARG A CG  1 
ATOM   200 C CD  . ARG A 1 27  ? 15.251  -10.540 -8.410  1.00 43.23 ? 78  ARG A CD  1 
ATOM   201 N NE  . ARG A 1 27  ? 15.590  -9.160  -8.760  1.00 46.09 ? 78  ARG A NE  1 
ATOM   202 C CZ  . ARG A 1 27  ? 15.252  -8.578  -9.907  1.00 49.34 ? 78  ARG A CZ  1 
ATOM   203 N NH1 . ARG A 1 27  ? 15.600  -7.319  -10.147 1.00 51.24 ? 78  ARG A NH1 1 
ATOM   204 N NH2 . ARG A 1 27  ? 14.563  -9.253  -10.819 1.00 50.06 ? 78  ARG A NH2 1 
ATOM   205 N N   . HIS A 1 28  ? 11.830  -9.091  -4.131  1.00 30.69 ? 79  HIS A N   1 
ATOM   206 C CA  . HIS A 1 28  ? 11.943  -8.807  -2.710  1.00 30.82 ? 79  HIS A CA  1 
ATOM   207 C C   . HIS A 1 28  ? 10.675  -8.447  -1.951  1.00 31.33 ? 79  HIS A C   1 
ATOM   208 O O   . HIS A 1 28  ? 9.790   -7.757  -2.466  1.00 30.83 ? 79  HIS A O   1 
ATOM   209 C CB  . HIS A 1 28  ? 12.974  -7.697  -2.512  1.00 31.67 ? 79  HIS A CB  1 
ATOM   210 C CG  . HIS A 1 28  ? 14.300  -7.992  -3.142  1.00 35.46 ? 79  HIS A CG  1 
ATOM   211 N ND1 . HIS A 1 28  ? 15.077  -9.070  -2.775  1.00 35.69 ? 79  HIS A ND1 1 
ATOM   212 C CD2 . HIS A 1 28  ? 14.982  -7.354  -4.124  1.00 35.58 ? 79  HIS A CD2 1 
ATOM   213 C CE1 . HIS A 1 28  ? 16.179  -9.084  -3.503  1.00 34.49 ? 79  HIS A CE1 1 
ATOM   214 N NE2 . HIS A 1 28  ? 16.146  -8.055  -4.329  1.00 36.34 ? 79  HIS A NE2 1 
ATOM   215 N N   . ASP A 1 29  ? 10.612  -8.919  -0.708  1.00 29.97 ? 80  ASP A N   1 
ATOM   216 C CA  . ASP A 1 29  ? 9.477   -8.646  0.163   1.00 28.25 ? 80  ASP A CA  1 
ATOM   217 C C   . ASP A 1 29  ? 9.462   -7.149  0.395   1.00 27.01 ? 80  ASP A C   1 
ATOM   218 O O   . ASP A 1 29  ? 10.515  -6.526  0.543   1.00 27.28 ? 80  ASP A O   1 
ATOM   219 C CB  . ASP A 1 29  ? 9.626   -9.371  1.505   1.00 27.88 ? 80  ASP A CB  1 
ATOM   220 C CG  . ASP A 1 29  ? 9.700   -10.874 1.355   1.00 28.93 ? 80  ASP A CG  1 
ATOM   221 O OD1 . ASP A 1 29  ? 9.019   -11.427 0.466   1.00 29.80 ? 80  ASP A OD1 1 
ATOM   222 O OD2 . ASP A 1 29  ? 10.424  -11.511 2.148   1.00 32.57 ? 80  ASP A OD2 1 
ATOM   223 N N   . GLY A 1 30  ? 8.270   -6.565  0.431   1.00 25.49 ? 81  GLY A N   1 
ATOM   224 C CA  . GLY A 1 30  ? 8.188   -5.133  0.626   1.00 25.59 ? 81  GLY A CA  1 
ATOM   225 C C   . GLY A 1 30  ? 7.909   -4.424  -0.687  1.00 25.41 ? 81  GLY A C   1 
ATOM   226 O O   . GLY A 1 30  ? 7.489   -3.266  -0.685  1.00 25.78 ? 81  GLY A O   1 
ATOM   227 N N   . ALA A 1 31  ? 8.157   -5.106  -1.808  1.00 24.22 ? 82  ALA A N   1 
ATOM   228 C CA  . ALA A 1 31  ? 7.889   -4.526  -3.130  1.00 25.52 ? 82  ALA A CA  1 
ATOM   229 C C   . ALA A 1 31  ? 6.412   -4.158  -3.093  1.00 24.30 ? 82  ALA A C   1 
ATOM   230 O O   . ALA A 1 31  ? 5.582   -4.977  -2.708  1.00 25.38 ? 82  ALA A O   1 
ATOM   231 C CB  . ALA A 1 31  ? 8.152   -5.548  -4.224  1.00 24.49 ? 82  ALA A CB  1 
ATOM   232 N N   . PHE A 1 32  ? 6.073   -2.948  -3.525  1.00 24.87 ? 83  PHE A N   1 
ATOM   233 C CA  . PHE A 1 32  ? 4.692   -2.501  -3.414  1.00 24.90 ? 83  PHE A CA  1 
ATOM   234 C C   . PHE A 1 32  ? 4.225   -1.549  -4.509  1.00 24.96 ? 83  PHE A C   1 
ATOM   235 O O   . PHE A 1 32  ? 4.989   -1.104  -5.363  1.00 24.45 ? 83  PHE A O   1 
ATOM   236 C CB  . PHE A 1 32  ? 4.540   -1.767  -2.083  1.00 23.25 ? 83  PHE A CB  1 
ATOM   237 C CG  . PHE A 1 32  ? 5.203   -0.411  -2.084  1.00 24.00 ? 83  PHE A CG  1 
ATOM   238 C CD1 . PHE A 1 32  ? 4.457   0.746   -2.303  1.00 23.96 ? 83  PHE A CD1 1 
ATOM   239 C CD2 . PHE A 1 32  ? 6.588   -0.299  -1.974  1.00 24.02 ? 83  PHE A CD2 1 
ATOM   240 C CE1 . PHE A 1 32  ? 5.073   1.986   -2.417  1.00 23.06 ? 83  PHE A CE1 1 
ATOM   241 C CE2 . PHE A 1 32  ? 7.218   0.936   -2.087  1.00 23.93 ? 83  PHE A CE2 1 
ATOM   242 C CZ  . PHE A 1 32  ? 6.459   2.083   -2.312  1.00 25.64 ? 83  PHE A CZ  1 
ATOM   243 N N   . LEU A 1 33  ? 2.948   -1.213  -4.424  1.00 24.56 ? 84  LEU A N   1 
ATOM   244 C CA  . LEU A 1 33  ? 2.326   -0.272  -5.337  1.00 23.49 ? 84  LEU A CA  1 
ATOM   245 C C   . LEU A 1 33  ? 1.078   0.244   -4.655  1.00 23.76 ? 84  LEU A C   1 
ATOM   246 O O   . LEU A 1 33  ? 0.529   -0.412  -3.764  1.00 22.09 ? 84  LEU A O   1 
ATOM   247 C CB  . LEU A 1 33  ? 1.965   -0.957  -6.660  1.00 24.42 ? 84  LEU A CB  1 
ATOM   248 C CG  . LEU A 1 33  ? 0.998   -2.142  -6.625  1.00 24.09 ? 84  LEU A CG  1 
ATOM   249 C CD1 . LEU A 1 33  ? -0.452  -1.650  -6.544  1.00 25.91 ? 84  LEU A CD1 1 
ATOM   250 C CD2 . LEU A 1 33  ? 1.198   -2.964  -7.876  1.00 25.03 ? 84  LEU A CD2 1 
ATOM   251 N N   . ILE A 1 34  ? 0.660   1.438   -5.058  1.00 22.29 ? 85  ILE A N   1 
ATOM   252 C CA  . ILE A 1 34  ? -0.549  2.059   -4.551  1.00 22.05 ? 85  ILE A CA  1 
ATOM   253 C C   . ILE A 1 34  ? -1.502  1.982   -5.737  1.00 22.73 ? 85  ILE A C   1 
ATOM   254 O O   . ILE A 1 34  ? -1.130  2.332   -6.861  1.00 20.97 ? 85  ILE A O   1 
ATOM   255 C CB  . ILE A 1 34  ? -0.324  3.560   -4.182  1.00 22.14 ? 85  ILE A CB  1 
ATOM   256 C CG1 . ILE A 1 34  ? 0.472   3.681   -2.877  1.00 22.63 ? 85  ILE A CG1 1 
ATOM   257 C CG2 . ILE A 1 34  ? -1.669  4.275   -4.044  1.00 23.40 ? 85  ILE A CG2 1 
ATOM   258 C CD1 . ILE A 1 34  ? -0.294  3.238   -1.639  1.00 24.16 ? 85  ILE A CD1 1 
ATOM   259 N N   . ARG A 1 35  ? -2.720  1.512   -5.499  1.00 20.74 ? 86  ARG A N   1 
ATOM   260 C CA  . ARG A 1 35  ? -3.689  1.409   -6.573  1.00 22.49 ? 86  ARG A CA  1 
ATOM   261 C C   . ARG A 1 35  ? -4.988  2.054   -6.145  1.00 23.91 ? 86  ARG A C   1 
ATOM   262 O O   . ARG A 1 35  ? -5.259  2.195   -4.948  1.00 23.52 ? 86  ARG A O   1 
ATOM   263 C CB  . ARG A 1 35  ? -3.931  -0.062  -6.942  1.00 23.52 ? 86  ARG A CB  1 
ATOM   264 C CG  . ARG A 1 35  ? -4.382  -0.936  -5.784  1.00 22.67 ? 86  ARG A CG  1 
ATOM   265 C CD  . ARG A 1 35  ? -4.528  -2.395  -6.197  1.00 25.13 ? 86  ARG A CD  1 
ATOM   266 N NE  . ARG A 1 35  ? -4.807  -3.251  -5.048  1.00 26.49 ? 86  ARG A NE  1 
ATOM   267 C CZ  . ARG A 1 35  ? -6.008  -3.418  -4.503  1.00 27.20 ? 86  ARG A CZ  1 
ATOM   268 N NH1 . ARG A 1 35  ? -7.065  -2.797  -5.007  1.00 26.87 ? 86  ARG A NH1 1 
ATOM   269 N NH2 . ARG A 1 35  ? -6.147  -4.183  -3.429  1.00 24.82 ? 86  ARG A NH2 1 
ATOM   270 N N   . GLU A 1 36  ? -5.782  2.469   -7.128  1.00 22.24 ? 87  GLU A N   1 
ATOM   271 C CA  . GLU A 1 36  ? -7.068  3.079   -6.851  1.00 23.88 ? 87  GLU A CA  1 
ATOM   272 C C   . GLU A 1 36  ? -8.062  1.936   -6.772  1.00 25.95 ? 87  GLU A C   1 
ATOM   273 O O   . GLU A 1 36  ? -8.234  1.190   -7.731  1.00 26.41 ? 87  GLU A O   1 
ATOM   274 C CB  . GLU A 1 36  ? -7.442  4.051   -7.970  1.00 22.68 ? 87  GLU A CB  1 
ATOM   275 C CG  . GLU A 1 36  ? -6.378  5.111   -8.206  1.00 22.40 ? 87  GLU A CG  1 
ATOM   276 C CD  . GLU A 1 36  ? -6.881  6.249   -9.063  1.00 22.30 ? 87  GLU A CD  1 
ATOM   277 O OE1 . GLU A 1 36  ? -7.748  7.014   -8.582  1.00 24.40 ? 87  GLU A OE1 1 
ATOM   278 O OE2 . GLU A 1 36  ? -6.419  6.371   -10.213 1.00 20.30 ? 87  GLU A OE2 1 
ATOM   279 N N   . SER A 1 37  ? -8.697  1.800   -5.614  1.00 28.13 ? 88  SER A N   1 
ATOM   280 C CA  . SER A 1 37  ? -9.659  0.730   -5.363  1.00 30.96 ? 88  SER A CA  1 
ATOM   281 C C   . SER A 1 37  ? -10.831 0.697   -6.332  1.00 31.20 ? 88  SER A C   1 
ATOM   282 O O   . SER A 1 37  ? -11.320 1.734   -6.769  1.00 31.15 ? 88  SER A O   1 
ATOM   283 C CB  . SER A 1 37  ? -10.194 0.845   -3.932  1.00 32.62 ? 88  SER A CB  1 
ATOM   284 O OG  . SER A 1 37  ? -11.046 -0.245  -3.613  1.00 38.34 ? 88  SER A OG  1 
ATOM   285 N N   . GLU A 1 38  ? -11.275 -0.504  -6.680  1.00 32.87 ? 89  GLU A N   1 
ATOM   286 C CA  . GLU A 1 38  ? -12.413 -0.646  -7.576  1.00 37.23 ? 89  GLU A CA  1 
ATOM   287 C C   . GLU A 1 38  ? -13.652 -0.877  -6.718  1.00 38.38 ? 89  GLU A C   1 
ATOM   288 O O   . GLU A 1 38  ? -14.782 -0.729  -7.183  1.00 39.00 ? 89  GLU A O   1 
ATOM   289 C CB  . GLU A 1 38  ? -12.213 -1.826  -8.531  1.00 38.52 ? 89  GLU A CB  1 
ATOM   290 C CG  . GLU A 1 38  ? -11.114 -1.611  -9.573  1.00 43.27 ? 89  GLU A CG  1 
ATOM   291 C CD  . GLU A 1 38  ? -11.096 -2.675  -10.664 1.00 45.20 ? 89  GLU A CD  1 
ATOM   292 O OE1 . GLU A 1 38  ? -10.918 -3.869  -10.344 1.00 44.54 ? 89  GLU A OE1 1 
ATOM   293 O OE2 . GLU A 1 38  ? -11.254 -2.314  -11.849 1.00 48.13 ? 89  GLU A OE2 1 
ATOM   294 N N   . SER A 1 39  ? -13.427 -1.226  -5.453  1.00 40.75 ? 90  SER A N   1 
ATOM   295 C CA  . SER A 1 39  ? -14.522 -1.475  -4.522  1.00 44.51 ? 90  SER A CA  1 
ATOM   296 C C   . SER A 1 39  ? -14.961 -0.189  -3.828  1.00 47.51 ? 90  SER A C   1 
ATOM   297 O O   . SER A 1 39  ? -16.125 -0.038  -3.460  1.00 48.96 ? 90  SER A O   1 
ATOM   298 C CB  . SER A 1 39  ? -14.102 -2.522  -3.485  1.00 44.61 ? 90  SER A CB  1 
ATOM   299 O OG  . SER A 1 39  ? -13.043 -2.055  -2.669  1.00 46.51 ? 90  SER A OG  1 
ATOM   300 N N   . ALA A 1 40  ? -14.027 0.738   -3.657  1.00 48.80 ? 91  ALA A N   1 
ATOM   301 C CA  . ALA A 1 40  ? -14.333 2.009   -3.020  1.00 51.34 ? 91  ALA A CA  1 
ATOM   302 C C   . ALA A 1 40  ? -13.877 3.154   -3.925  1.00 51.23 ? 91  ALA A C   1 
ATOM   303 O O   . ALA A 1 40  ? -12.742 3.613   -3.829  1.00 52.98 ? 91  ALA A O   1 
ATOM   304 C CB  . ALA A 1 40  ? -13.632 2.093   -1.665  1.00 52.23 ? 91  ALA A CB  1 
ATOM   305 N N   . PRO A 1 41  ? -14.748 3.609   -4.840  1.00 49.42 ? 92  PRO A N   1 
ATOM   306 C CA  . PRO A 1 41  ? -14.411 4.705   -5.752  1.00 45.10 ? 92  PRO A CA  1 
ATOM   307 C C   . PRO A 1 41  ? -13.821 5.883   -4.983  1.00 38.94 ? 92  PRO A C   1 
ATOM   308 O O   . PRO A 1 41  ? -14.413 6.373   -4.018  1.00 31.94 ? 92  PRO A O   1 
ATOM   309 C CB  . PRO A 1 41  ? -15.755 5.057   -6.375  1.00 48.07 ? 92  PRO A CB  1 
ATOM   310 C CG  . PRO A 1 41  ? -16.456 3.733   -6.404  1.00 52.03 ? 92  PRO A CG  1 
ATOM   311 C CD  . PRO A 1 41  ? -16.140 3.172   -5.041  1.00 51.22 ? 92  PRO A CD  1 
ATOM   312 N N   . GLY A 1 42  ? -12.657 6.341   -5.418  1.00 31.93 ? 93  GLY A N   1 
ATOM   313 C CA  . GLY A 1 42  ? -12.020 7.449   -4.740  1.00 28.62 ? 93  GLY A CA  1 
ATOM   314 C C   . GLY A 1 42  ? -11.115 7.013   -3.599  1.00 28.81 ? 93  GLY A C   1 
ATOM   315 O O   . GLY A 1 42  ? -10.446 7.838   -2.980  1.00 31.99 ? 93  GLY A O   1 
ATOM   316 N N   . ASP A 1 43  ? -11.091 5.716   -3.317  1.00 28.48 ? 94  ASP A N   1 
ATOM   317 C CA  . ASP A 1 43  ? -10.253 5.174   -2.248  1.00 29.41 ? 94  ASP A CA  1 
ATOM   318 C C   . ASP A 1 43  ? -8.989  4.503   -2.799  1.00 27.29 ? 94  ASP A C   1 
ATOM   319 O O   . ASP A 1 43  ? -8.964  4.044   -3.945  1.00 24.14 ? 94  ASP A O   1 
ATOM   320 C CB  . ASP A 1 43  ? -11.046 4.154   -1.423  1.00 35.51 ? 94  ASP A CB  1 
ATOM   321 C CG  . ASP A 1 43  ? -11.954 4.805   -0.377  1.00 41.53 ? 94  ASP A CG  1 
ATOM   322 O OD1 . ASP A 1 43  ? -12.390 5.958   -0.575  1.00 45.06 ? 94  ASP A OD1 1 
ATOM   323 O OD2 . ASP A 1 43  ? -12.248 4.152   0.647   1.00 45.35 ? 94  ASP A OD2 1 
ATOM   324 N N   . PHE A 1 44  ? -7.943  4.441   -1.975  1.00 25.17 ? 95  PHE A N   1 
ATOM   325 C CA  . PHE A 1 44  ? -6.691  3.816   -2.385  1.00 22.07 ? 95  PHE A CA  1 
ATOM   326 C C   . PHE A 1 44  ? -6.347  2.581   -1.553  1.00 22.63 ? 95  PHE A C   1 
ATOM   327 O O   . PHE A 1 44  ? -6.744  2.459   -0.395  1.00 20.31 ? 95  PHE A O   1 
ATOM   328 C CB  . PHE A 1 44  ? -5.532  4.817   -2.280  1.00 22.82 ? 95  PHE A CB  1 
ATOM   329 C CG  . PHE A 1 44  ? -5.737  6.065   -3.090  1.00 22.62 ? 95  PHE A CG  1 
ATOM   330 C CD1 . PHE A 1 44  ? -6.393  7.159   -2.544  1.00 23.93 ? 95  PHE A CD1 1 
ATOM   331 C CD2 . PHE A 1 44  ? -5.314  6.130   -4.414  1.00 22.73 ? 95  PHE A CD2 1 
ATOM   332 C CE1 . PHE A 1 44  ? -6.629  8.309   -3.306  1.00 24.82 ? 95  PHE A CE1 1 
ATOM   333 C CE2 . PHE A 1 44  ? -5.544  7.278   -5.190  1.00 21.85 ? 95  PHE A CE2 1 
ATOM   334 C CZ  . PHE A 1 44  ? -6.202  8.365   -4.632  1.00 21.92 ? 95  PHE A CZ  1 
ATOM   335 N N   . SER A 1 45  ? -5.599  1.671   -2.165  1.00 22.64 ? 96  SER A N   1 
ATOM   336 C CA  . SER A 1 45  ? -5.150  0.460   -1.495  1.00 23.30 ? 96  SER A CA  1 
ATOM   337 C C   . SER A 1 45  ? -3.652  0.308   -1.707  1.00 22.71 ? 96  SER A C   1 
ATOM   338 O O   . SER A 1 45  ? -3.110  0.745   -2.726  1.00 22.69 ? 96  SER A O   1 
ATOM   339 C CB  . SER A 1 45  ? -5.861  -0.775  -2.052  1.00 24.29 ? 96  SER A CB  1 
ATOM   340 O OG  . SER A 1 45  ? -7.220  -0.809  -1.660  1.00 27.83 ? 96  SER A OG  1 
ATOM   341 N N   . LEU A 1 46  ? -2.997  -0.316  -0.738  1.00 20.82 ? 97  LEU A N   1 
ATOM   342 C CA  . LEU A 1 46  ? -1.565  -0.553  -0.784  1.00 21.58 ? 97  LEU A CA  1 
ATOM   343 C C   . LEU A 1 46  ? -1.345  -2.059  -0.878  1.00 21.93 ? 97  LEU A C   1 
ATOM   344 O O   . LEU A 1 46  ? -1.752  -2.809  0.012   1.00 23.46 ? 97  LEU A O   1 
ATOM   345 C CB  . LEU A 1 46  ? -0.908  0.003   0.489   1.00 21.02 ? 97  LEU A CB  1 
ATOM   346 C CG  . LEU A 1 46  ? 0.550   -0.354  0.790   1.00 23.30 ? 97  LEU A CG  1 
ATOM   347 C CD1 . LEU A 1 46  ? 1.451   0.225   -0.277  1.00 21.79 ? 97  LEU A CD1 1 
ATOM   348 C CD2 . LEU A 1 46  ? 0.937   0.208   2.157   1.00 24.23 ? 97  LEU A CD2 1 
ATOM   349 N N   . SER A 1 47  ? -0.718  -2.497  -1.966  1.00 21.05 ? 98  SER A N   1 
ATOM   350 C CA  . SER A 1 47  ? -0.439  -3.912  -2.181  1.00 22.56 ? 98  SER A CA  1 
ATOM   351 C C   . SER A 1 47  ? 1.055   -4.141  -1.991  1.00 21.22 ? 98  SER A C   1 
ATOM   352 O O   . SER A 1 47  ? 1.875   -3.426  -2.567  1.00 20.55 ? 98  SER A O   1 
ATOM   353 C CB  . SER A 1 47  ? -0.877  -4.313  -3.590  1.00 21.99 ? 98  SER A CB  1 
ATOM   354 O OG  . SER A 1 47  ? -2.267  -4.083  -3.749  1.00 23.24 ? 98  SER A OG  1 
ATOM   355 N N   . VAL A 1 48  ? 1.404   -5.145  -1.190  1.00 21.96 ? 99  VAL A N   1 
ATOM   356 C CA  . VAL A 1 48  ? 2.799   -5.425  -0.875  1.00 23.47 ? 99  VAL A CA  1 
ATOM   357 C C   . VAL A 1 48  ? 3.153   -6.911  -0.949  1.00 23.65 ? 99  VAL A C   1 
ATOM   358 O O   . VAL A 1 48  ? 2.387   -7.763  -0.504  1.00 23.21 ? 99  VAL A O   1 
ATOM   359 C CB  . VAL A 1 48  ? 3.127   -4.946  0.570   1.00 22.64 ? 99  VAL A CB  1 
ATOM   360 C CG1 . VAL A 1 48  ? 4.625   -5.006  0.813   1.00 23.41 ? 99  VAL A CG1 1 
ATOM   361 C CG2 . VAL A 1 48  ? 2.579   -3.534  0.806   1.00 22.77 ? 99  VAL A CG2 1 
ATOM   362 N N   . LYS A 1 49  ? 4.321   -7.219  -1.501  1.00 24.03 ? 100 LYS A N   1 
ATOM   363 C CA  . LYS A 1 49  ? 4.752   -8.608  -1.574  1.00 25.11 ? 100 LYS A CA  1 
ATOM   364 C C   . LYS A 1 49  ? 5.381   -9.056  -0.257  1.00 23.97 ? 100 LYS A C   1 
ATOM   365 O O   . LYS A 1 49  ? 6.142   -8.319  0.368   1.00 21.79 ? 100 LYS A O   1 
ATOM   366 C CB  . LYS A 1 49  ? 5.794   -8.808  -2.680  1.00 27.97 ? 100 LYS A CB  1 
ATOM   367 C CG  . LYS A 1 49  ? 6.372   -10.227 -2.713  1.00 29.71 ? 100 LYS A CG  1 
ATOM   368 C CD  . LYS A 1 49  ? 7.728   -10.273 -3.389  1.00 32.36 ? 100 LYS A CD  1 
ATOM   369 C CE  . LYS A 1 49  ? 8.440   -11.591 -3.114  1.00 33.01 ? 100 LYS A CE  1 
ATOM   370 N NZ  . LYS A 1 49  ? 7.755   -12.757 -3.728  1.00 36.04 ? 100 LYS A NZ  1 
ATOM   371 N N   . PHE A 1 50  ? 5.050   -10.269 0.164   1.00 24.72 ? 101 PHE A N   1 
ATOM   372 C CA  . PHE A 1 50  ? 5.644   -10.846 1.357   1.00 26.23 ? 101 PHE A CA  1 
ATOM   373 C C   . PHE A 1 50  ? 5.635   -12.358 1.184   1.00 26.87 ? 101 PHE A C   1 
ATOM   374 O O   . PHE A 1 50  ? 4.584   -12.996 1.255   1.00 26.93 ? 101 PHE A O   1 
ATOM   375 C CB  . PHE A 1 50  ? 4.888   -10.469 2.636   1.00 25.03 ? 101 PHE A CB  1 
ATOM   376 C CG  . PHE A 1 50  ? 5.553   -10.984 3.880   1.00 26.48 ? 101 PHE A CG  1 
ATOM   377 C CD1 . PHE A 1 50  ? 4.996   -12.030 4.610   1.00 27.06 ? 101 PHE A CD1 1 
ATOM   378 C CD2 . PHE A 1 50  ? 6.788   -10.479 4.273   1.00 25.98 ? 101 PHE A CD2 1 
ATOM   379 C CE1 . PHE A 1 50  ? 5.668   -12.567 5.713   1.00 28.80 ? 101 PHE A CE1 1 
ATOM   380 C CE2 . PHE A 1 50  ? 7.465   -11.009 5.371   1.00 27.72 ? 101 PHE A CE2 1 
ATOM   381 C CZ  . PHE A 1 50  ? 6.903   -12.055 6.089   1.00 26.83 ? 101 PHE A CZ  1 
ATOM   382 N N   . GLY A 1 51  ? 6.809   -12.930 0.944   1.00 29.66 ? 102 GLY A N   1 
ATOM   383 C CA  . GLY A 1 51  ? 6.883   -14.365 0.741   1.00 31.66 ? 102 GLY A CA  1 
ATOM   384 C C   . GLY A 1 51  ? 6.127   -14.735 -0.520  1.00 33.84 ? 102 GLY A C   1 
ATOM   385 O O   . GLY A 1 51  ? 6.259   -14.062 -1.541  1.00 34.16 ? 102 GLY A O   1 
ATOM   386 N N   . ASN A 1 52  ? 5.322   -15.791 -0.456  1.00 37.93 ? 103 ASN A N   1 
ATOM   387 C CA  . ASN A 1 52  ? 4.560   -16.221 -1.618  1.00 42.64 ? 103 ASN A CA  1 
ATOM   388 C C   . ASN A 1 52  ? 3.140   -15.659 -1.593  1.00 39.57 ? 103 ASN A C   1 
ATOM   389 O O   . ASN A 1 52  ? 2.236   -16.197 -2.227  1.00 34.42 ? 103 ASN A O   1 
ATOM   390 C CB  . ASN A 1 52  ? 4.520   -17.749 -1.691  1.00 54.28 ? 103 ASN A CB  1 
ATOM   391 C CG  . ASN A 1 52  ? 4.077   -18.253 -3.051  1.00 68.14 ? 103 ASN A CG  1 
ATOM   392 O OD1 . ASN A 1 52  ? 4.680   -17.924 -4.074  1.00 74.99 ? 103 ASN A OD1 1 
ATOM   393 N ND2 . ASN A 1 52  ? 3.020   -19.057 -3.069  1.00 75.11 ? 103 ASN A ND2 1 
ATOM   394 N N   . ASP A 1 53  ? 2.949   -14.570 -0.854  1.00 38.21 ? 104 ASP A N   1 
ATOM   395 C CA  . ASP A 1 53  ? 1.642   -13.924 -0.764  1.00 36.47 ? 104 ASP A CA  1 
ATOM   396 C C   . ASP A 1 53  ? 1.775   -12.462 -1.143  1.00 31.65 ? 104 ASP A C   1 
ATOM   397 O O   . ASP A 1 53  ? 2.873   -11.958 -1.338  1.00 28.64 ? 104 ASP A O   1 
ATOM   398 C CB  . ASP A 1 53  ? 1.096   -13.979 0.666   1.00 44.07 ? 104 ASP A CB  1 
ATOM   399 C CG  . ASP A 1 53  ? 0.794   -15.386 1.131   1.00 53.86 ? 104 ASP A CG  1 
ATOM   400 O OD1 . ASP A 1 53  ? 0.508   -15.557 2.336   1.00 58.74 ? 104 ASP A OD1 1 
ATOM   401 O OD2 . ASP A 1 53  ? 0.832   -16.317 0.301   1.00 58.14 ? 104 ASP A OD2 1 
ATOM   402 N N   . VAL A 1 54  ? 0.635   -11.796 -1.252  1.00 27.22 ? 105 VAL A N   1 
ATOM   403 C CA  . VAL A 1 54  ? 0.592   -10.372 -1.520  1.00 26.53 ? 105 VAL A CA  1 
ATOM   404 C C   . VAL A 1 54  ? -0.416  -9.853  -0.511  1.00 25.66 ? 105 VAL A C   1 
ATOM   405 O O   . VAL A 1 54  ? -1.563  -10.304 -0.469  1.00 27.67 ? 105 VAL A O   1 
ATOM   406 C CB  . VAL A 1 54  ? 0.127   -10.047 -2.951  1.00 24.29 ? 105 VAL A CB  1 
ATOM   407 C CG1 . VAL A 1 54  ? -0.094  -8.536  -3.093  1.00 24.58 ? 105 VAL A CG1 1 
ATOM   408 C CG2 . VAL A 1 54  ? 1.189   -10.488 -3.947  1.00 23.91 ? 105 VAL A CG2 1 
ATOM   409 N N   . GLN A 1 55  ? 0.028   -8.941  0.341   1.00 25.00 ? 106 GLN A N   1 
ATOM   410 C CA  . GLN A 1 55  ? -0.848  -8.385  1.353   1.00 24.36 ? 106 GLN A CA  1 
ATOM   411 C C   . GLN A 1 55  ? -1.438  -7.071  0.860   1.00 24.57 ? 106 GLN A C   1 
ATOM   412 O O   . GLN A 1 55  ? -0.789  -6.326  0.124   1.00 24.37 ? 106 GLN A O   1 
ATOM   413 C CB  . GLN A 1 55  ? -0.078  -8.179  2.660   1.00 24.10 ? 106 GLN A CB  1 
ATOM   414 C CG  . GLN A 1 55  ? 0.227   -9.482  3.408   1.00 27.89 ? 106 GLN A CG  1 
ATOM   415 C CD  . GLN A 1 55  ? 1.008   -9.251  4.685   1.00 30.95 ? 106 GLN A CD  1 
ATOM   416 O OE1 . GLN A 1 55  ? 0.878   -8.205  5.325   1.00 33.75 ? 106 GLN A OE1 1 
ATOM   417 N NE2 . GLN A 1 55  ? 1.812   -10.232 5.075   1.00 31.89 ? 106 GLN A NE2 1 
ATOM   418 N N   . HIS A 1 56  ? -2.673  -6.800  1.263   1.00 23.76 ? 107 HIS A N   1 
ATOM   419 C CA  . HIS A 1 56  ? -3.370  -5.582  0.861   1.00 24.38 ? 107 HIS A CA  1 
ATOM   420 C C   . HIS A 1 56  ? -3.754  -4.771  2.083   1.00 25.17 ? 107 HIS A C   1 
ATOM   421 O O   . HIS A 1 56  ? -4.287  -5.318  3.046   1.00 25.46 ? 107 HIS A O   1 
ATOM   422 C CB  . HIS A 1 56  ? -4.643  -5.932  0.085   1.00 25.22 ? 107 HIS A CB  1 
ATOM   423 C CG  . HIS A 1 56  ? -4.391  -6.728  -1.155  1.00 27.11 ? 107 HIS A CG  1 
ATOM   424 N ND1 . HIS A 1 56  ? -3.727  -6.209  -2.246  1.00 24.51 ? 107 HIS A ND1 1 
ATOM   425 C CD2 . HIS A 1 56  ? -4.685  -8.012  -1.466  1.00 26.66 ? 107 HIS A CD2 1 
ATOM   426 C CE1 . HIS A 1 56  ? -3.622  -7.143  -3.177  1.00 26.89 ? 107 HIS A CE1 1 
ATOM   427 N NE2 . HIS A 1 56  ? -4.194  -8.245  -2.728  1.00 25.98 ? 107 HIS A NE2 1 
ATOM   428 N N   . PHE A 1 57  ? -3.488  -3.470  2.040   1.00 22.64 ? 108 PHE A N   1 
ATOM   429 C CA  . PHE A 1 57  ? -3.829  -2.587  3.144   1.00 23.45 ? 108 PHE A CA  1 
ATOM   430 C C   . PHE A 1 57  ? -4.748  -1.503  2.606   1.00 24.72 ? 108 PHE A C   1 
ATOM   431 O O   . PHE A 1 57  ? -4.491  -0.935  1.537   1.00 22.47 ? 108 PHE A O   1 
ATOM   432 C CB  . PHE A 1 57  ? -2.567  -1.950  3.744   1.00 22.43 ? 108 PHE A CB  1 
ATOM   433 C CG  . PHE A 1 57  ? -1.584  -2.949  4.277   1.00 24.44 ? 108 PHE A CG  1 
ATOM   434 C CD1 . PHE A 1 57  ? -0.694  -3.593  3.422   1.00 23.86 ? 108 PHE A CD1 1 
ATOM   435 C CD2 . PHE A 1 57  ? -1.582  -3.286  5.628   1.00 24.98 ? 108 PHE A CD2 1 
ATOM   436 C CE1 . PHE A 1 57  ? 0.183   -4.562  3.904   1.00 25.80 ? 108 PHE A CE1 1 
ATOM   437 C CE2 . PHE A 1 57  ? -0.706  -4.256  6.122   1.00 24.25 ? 108 PHE A CE2 1 
ATOM   438 C CZ  . PHE A 1 57  ? 0.176   -4.896  5.260   1.00 25.13 ? 108 PHE A CZ  1 
ATOM   439 N N   . LYS A 1 58  ? -5.838  -1.232  3.317   1.00 22.56 ? 109 LYS A N   1 
ATOM   440 C CA  . LYS A 1 58  ? -6.738  -0.191  2.855   1.00 26.15 ? 109 LYS A CA  1 
ATOM   441 C C   . LYS A 1 58  ? -6.251  1.151   3.378   1.00 25.66 ? 109 LYS A C   1 
ATOM   442 O O   . LYS A 1 58  ? -5.957  1.294   4.566   1.00 27.21 ? 109 LYS A O   1 
ATOM   443 C CB  . LYS A 1 58  ? -8.171  -0.436  3.332   1.00 28.75 ? 109 LYS A CB  1 
ATOM   444 C CG  . LYS A 1 58  ? -9.175  0.518   2.694   1.00 34.82 ? 109 LYS A CG  1 
ATOM   445 C CD  . LYS A 1 58  ? -10.608 0.179   3.073   1.00 41.01 ? 109 LYS A CD  1 
ATOM   446 C CE  . LYS A 1 58  ? -11.590 1.007   2.254   1.00 42.23 ? 109 LYS A CE  1 
ATOM   447 N NZ  . LYS A 1 58  ? -11.452 0.718   0.796   1.00 43.93 ? 109 LYS A NZ  1 
ATOM   448 N N   . VAL A 1 59  ? -6.125  2.127   2.487   1.00 23.56 ? 110 VAL A N   1 
ATOM   449 C CA  . VAL A 1 59  ? -5.700  3.445   2.919   1.00 23.94 ? 110 VAL A CA  1 
ATOM   450 C C   . VAL A 1 59  ? -6.955  4.162   3.393   1.00 25.16 ? 110 VAL A C   1 
ATOM   451 O O   . VAL A 1 59  ? -7.873  4.420   2.608   1.00 26.27 ? 110 VAL A O   1 
ATOM   452 C CB  . VAL A 1 59  ? -5.033  4.247   1.782   1.00 23.29 ? 110 VAL A CB  1 
ATOM   453 C CG1 . VAL A 1 59  ? -4.699  5.648   2.275   1.00 20.51 ? 110 VAL A CG1 1 
ATOM   454 C CG2 . VAL A 1 59  ? -3.747  3.544   1.328   1.00 20.42 ? 110 VAL A CG2 1 
ATOM   455 N N   . LEU A 1 60  ? -6.994  4.446   4.691   1.00 24.88 ? 111 LEU A N   1 
ATOM   456 C CA  . LEU A 1 60  ? -8.123  5.120   5.320   1.00 26.61 ? 111 LEU A CA  1 
ATOM   457 C C   . LEU A 1 60  ? -7.869  6.619   5.411   1.00 26.19 ? 111 LEU A C   1 
ATOM   458 O O   . LEU A 1 60  ? -6.738  7.075   5.271   1.00 24.91 ? 111 LEU A O   1 
ATOM   459 C CB  . LEU A 1 60  ? -8.342  4.548   6.723   1.00 25.72 ? 111 LEU A CB  1 
ATOM   460 C CG  . LEU A 1 60  ? -8.409  3.016   6.784   1.00 27.45 ? 111 LEU A CG  1 
ATOM   461 C CD1 . LEU A 1 60  ? -8.320  2.541   8.225   1.00 27.30 ? 111 LEU A CD1 1 
ATOM   462 C CD2 . LEU A 1 60  ? -9.687  2.536   6.122   1.00 26.68 ? 111 LEU A CD2 1 
ATOM   463 N N   . ARG A 1 61  ? -8.936  7.381   5.631   1.00 29.69 ? 112 ARG A N   1 
ATOM   464 C CA  . ARG A 1 61  ? -8.843  8.830   5.758   1.00 32.18 ? 112 ARG A CA  1 
ATOM   465 C C   . ARG A 1 61  ? -9.663  9.260   6.963   1.00 30.41 ? 112 ARG A C   1 
ATOM   466 O O   . ARG A 1 61  ? -10.799 8.825   7.133   1.00 31.07 ? 112 ARG A O   1 
ATOM   467 C CB  . ARG A 1 61  ? -9.374  9.530   4.495   1.00 37.65 ? 112 ARG A CB  1 
ATOM   468 C CG  . ARG A 1 61  ? -8.476  9.425   3.257   1.00 45.80 ? 112 ARG A CG  1 
ATOM   469 C CD  . ARG A 1 61  ? -8.956  10.367  2.136   1.00 51.62 ? 112 ARG A CD  1 
ATOM   470 N NE  . ARG A 1 61  ? -8.729  11.778  2.454   1.00 56.43 ? 112 ARG A NE  1 
ATOM   471 C CZ  . ARG A 1 61  ? -9.311  12.801  1.829   1.00 58.87 ? 112 ARG A CZ  1 
ATOM   472 N NH1 . ARG A 1 61  ? -10.170 12.588  0.840   1.00 61.86 ? 112 ARG A NH1 1 
ATOM   473 N NH2 . ARG A 1 61  ? -9.035  14.046  2.191   1.00 60.36 ? 112 ARG A NH2 1 
ATOM   474 N N   . ASP A 1 62  ? -9.098  10.112  7.806   1.00 30.65 ? 113 ASP A N   1 
ATOM   475 C CA  . ASP A 1 62  ? -9.822  10.548  8.987   1.00 30.17 ? 113 ASP A CA  1 
ATOM   476 C C   . ASP A 1 62  ? -10.735 11.739  8.694   1.00 30.71 ? 113 ASP A C   1 
ATOM   477 O O   . ASP A 1 62  ? -10.960 12.105  7.531   1.00 28.50 ? 113 ASP A O   1 
ATOM   478 C CB  . ASP A 1 62  ? -8.844  10.873  10.122  1.00 29.92 ? 113 ASP A CB  1 
ATOM   479 C CG  . ASP A 1 62  ? -7.929  12.022  9.794   1.00 29.46 ? 113 ASP A CG  1 
ATOM   480 O OD1 . ASP A 1 62  ? -8.271  12.828  8.904   1.00 29.07 ? 113 ASP A OD1 1 
ATOM   481 O OD2 . ASP A 1 62  ? -6.875  12.131  10.442  1.00 30.45 ? 113 ASP A OD2 1 
ATOM   482 N N   . GLY A 1 63  ? -11.262 12.334  9.758   1.00 30.13 ? 114 GLY A N   1 
ATOM   483 C CA  . GLY A 1 63  ? -12.172 13.455  9.612   1.00 30.14 ? 114 GLY A CA  1 
ATOM   484 C C   . GLY A 1 63  ? -11.615 14.699  8.951   1.00 28.37 ? 114 GLY A C   1 
ATOM   485 O O   . GLY A 1 63  ? -12.366 15.471  8.354   1.00 29.01 ? 114 GLY A O   1 
ATOM   486 N N   . ALA A 1 64  ? -10.307 14.900  9.063   1.00 27.61 ? 115 ALA A N   1 
ATOM   487 C CA  . ALA A 1 64  ? -9.652  16.060  8.473   1.00 28.50 ? 115 ALA A CA  1 
ATOM   488 C C   . ALA A 1 64  ? -9.175  15.770  7.050   1.00 28.13 ? 115 ALA A C   1 
ATOM   489 O O   . ALA A 1 64  ? -8.680  16.665  6.361   1.00 29.12 ? 115 ALA A O   1 
ATOM   490 C CB  . ALA A 1 64  ? -8.470  16.484  9.342   1.00 28.49 ? 115 ALA A CB  1 
ATOM   491 N N   . GLY A 1 65  ? -9.332  14.521  6.613   1.00 26.94 ? 116 GLY A N   1 
ATOM   492 C CA  . GLY A 1 65  ? -8.906  14.142  5.276   1.00 25.50 ? 116 GLY A CA  1 
ATOM   493 C C   . GLY A 1 65  ? -7.507  13.539  5.196   1.00 25.38 ? 116 GLY A C   1 
ATOM   494 O O   . GLY A 1 65  ? -7.018  13.241  4.106   1.00 24.41 ? 116 GLY A O   1 
ATOM   495 N N   . LYS A 1 66  ? -6.849  13.364  6.336   1.00 26.80 ? 117 LYS A N   1 
ATOM   496 C CA  . LYS A 1 66  ? -5.506  12.788  6.343   1.00 29.89 ? 117 LYS A CA  1 
ATOM   497 C C   . LYS A 1 66  ? -5.571  11.279  6.077   1.00 28.70 ? 117 LYS A C   1 
ATOM   498 O O   . LYS A 1 66  ? -6.578  10.642  6.375   1.00 30.73 ? 117 LYS A O   1 
ATOM   499 C CB  . LYS A 1 66  ? -4.825  13.071  7.686   1.00 33.74 ? 117 LYS A CB  1 
ATOM   500 C CG  . LYS A 1 66  ? -4.748  14.563  8.003   1.00 41.60 ? 117 LYS A CG  1 
ATOM   501 C CD  . LYS A 1 66  ? -3.976  14.871  9.280   1.00 44.71 ? 117 LYS A CD  1 
ATOM   502 C CE  . LYS A 1 66  ? -2.484  14.657  9.103   1.00 48.06 ? 117 LYS A CE  1 
ATOM   503 N NZ  . LYS A 1 66  ? -1.701  15.223  10.241  1.00 49.53 ? 117 LYS A NZ  1 
ATOM   504 N N   . TYR A 1 67  ? -4.512  10.720  5.495   1.00 26.12 ? 118 TYR A N   1 
ATOM   505 C CA  . TYR A 1 67  ? -4.467  9.285   5.199   1.00 25.86 ? 118 TYR A CA  1 
ATOM   506 C C   . TYR A 1 67  ? -3.790  8.522   6.332   1.00 25.95 ? 118 TYR A C   1 
ATOM   507 O O   . TYR A 1 67  ? -2.977  9.080   7.065   1.00 24.40 ? 118 TYR A O   1 
ATOM   508 C CB  . TYR A 1 67  ? -3.664  8.992   3.926   1.00 24.38 ? 118 TYR A CB  1 
ATOM   509 C CG  . TYR A 1 67  ? -4.149  9.668   2.666   1.00 25.66 ? 118 TYR A CG  1 
ATOM   510 C CD1 . TYR A 1 67  ? -3.578  10.867  2.233   1.00 25.38 ? 118 TYR A CD1 1 
ATOM   511 C CD2 . TYR A 1 67  ? -5.134  9.081   1.875   1.00 24.29 ? 118 TYR A CD2 1 
ATOM   512 C CE1 . TYR A 1 67  ? -3.969  11.455  1.039   1.00 25.73 ? 118 TYR A CE1 1 
ATOM   513 C CE2 . TYR A 1 67  ? -5.533  9.662   0.677   1.00 25.72 ? 118 TYR A CE2 1 
ATOM   514 C CZ  . TYR A 1 67  ? -4.944  10.843  0.265   1.00 25.45 ? 118 TYR A CZ  1 
ATOM   515 O OH  . TYR A 1 67  ? -5.304  11.398  -0.940  1.00 27.15 ? 118 TYR A OH  1 
ATOM   516 N N   . PHE A 1 68  ? -4.121  7.241   6.461   1.00 24.27 ? 119 PHE A N   1 
ATOM   517 C CA  . PHE A 1 68  ? -3.505  6.410   7.488   1.00 25.11 ? 119 PHE A CA  1 
ATOM   518 C C   . PHE A 1 68  ? -3.852  4.946   7.283   1.00 25.01 ? 119 PHE A C   1 
ATOM   519 O O   . PHE A 1 68  ? -4.799  4.610   6.569   1.00 25.67 ? 119 PHE A O   1 
ATOM   520 C CB  . PHE A 1 68  ? -3.936  6.869   8.892   1.00 23.63 ? 119 PHE A CB  1 
ATOM   521 C CG  . PHE A 1 68  ? -5.374  6.570   9.225   1.00 24.93 ? 119 PHE A CG  1 
ATOM   522 C CD1 . PHE A 1 68  ? -5.722  5.396   9.884   1.00 24.83 ? 119 PHE A CD1 1 
ATOM   523 C CD2 . PHE A 1 68  ? -6.380  7.470   8.891   1.00 23.21 ? 119 PHE A CD2 1 
ATOM   524 C CE1 . PHE A 1 68  ? -7.053  5.124   10.206  1.00 25.13 ? 119 PHE A CE1 1 
ATOM   525 C CE2 . PHE A 1 68  ? -7.712  7.210   9.208   1.00 24.82 ? 119 PHE A CE2 1 
ATOM   526 C CZ  . PHE A 1 68  ? -8.048  6.034   9.868   1.00 25.57 ? 119 PHE A CZ  1 
ATOM   527 N N   . LEU A 1 69  ? -3.059  4.081   7.901   1.00 22.98 ? 120 LEU A N   1 
ATOM   528 C CA  . LEU A 1 69  ? -3.266  2.649   7.813   1.00 24.10 ? 120 LEU A CA  1 
ATOM   529 C C   . LEU A 1 69  ? -3.646  2.126   9.193   1.00 24.65 ? 120 LEU A C   1 
ATOM   530 O O   . LEU A 1 69  ? -4.519  1.269   9.330   1.00 25.24 ? 120 LEU A O   1 
ATOM   531 C CB  . LEU A 1 69  ? -1.977  1.951   7.364   1.00 23.82 ? 120 LEU A CB  1 
ATOM   532 C CG  . LEU A 1 69  ? -1.370  2.286   6.001   1.00 25.59 ? 120 LEU A CG  1 
ATOM   533 C CD1 . LEU A 1 69  ? -0.155  1.388   5.769   1.00 24.13 ? 120 LEU A CD1 1 
ATOM   534 C CD2 . LEU A 1 69  ? -2.402  2.072   4.898   1.00 24.83 ? 120 LEU A CD2 1 
ATOM   535 N N   . TRP A 1 70  ? -2.979  2.662   10.207  1.00 24.53 ? 121 TRP A N   1 
ATOM   536 C CA  . TRP A 1 70  ? -3.197  2.230   11.578  1.00 26.53 ? 121 TRP A CA  1 
ATOM   537 C C   . TRP A 1 70  ? -3.525  3.364   12.547  1.00 26.07 ? 121 TRP A C   1 
ATOM   538 O O   . TRP A 1 70  ? -4.691  3.595   12.856  1.00 29.09 ? 121 TRP A O   1 
ATOM   539 C CB  . TRP A 1 70  ? -1.959  1.475   12.065  1.00 24.11 ? 121 TRP A CB  1 
ATOM   540 C CG  . TRP A 1 70  ? -1.580  0.306   11.188  1.00 24.51 ? 121 TRP A CG  1 
ATOM   541 C CD1 . TRP A 1 70  ? -0.614  0.279   10.223  1.00 23.12 ? 121 TRP A CD1 1 
ATOM   542 C CD2 . TRP A 1 70  ? -2.175  -1.000  11.195  1.00 23.47 ? 121 TRP A CD2 1 
ATOM   543 N NE1 . TRP A 1 70  ? -0.568  -0.960  9.630   1.00 22.94 ? 121 TRP A NE1 1 
ATOM   544 C CE2 . TRP A 1 70  ? -1.514  -1.766  10.209  1.00 24.67 ? 121 TRP A CE2 1 
ATOM   545 C CE3 . TRP A 1 70  ? -3.199  -1.597  11.943  1.00 23.35 ? 121 TRP A CE3 1 
ATOM   546 C CZ2 . TRP A 1 70  ? -1.847  -3.098  9.947   1.00 23.47 ? 121 TRP A CZ2 1 
ATOM   547 C CZ3 . TRP A 1 70  ? -3.532  -2.923  11.682  1.00 23.10 ? 121 TRP A CZ3 1 
ATOM   548 C CH2 . TRP A 1 70  ? -2.854  -3.659  10.693  1.00 24.74 ? 121 TRP A CH2 1 
ATOM   549 N N   . VAL A 1 71  ? -2.496  4.063   13.019  1.00 26.81 ? 122 VAL A N   1 
ATOM   550 C CA  . VAL A 1 71  ? -2.669  5.161   13.971  1.00 28.53 ? 122 VAL A CA  1 
ATOM   551 C C   . VAL A 1 71  ? -2.103  6.497   13.491  1.00 28.39 ? 122 VAL A C   1 
ATOM   552 O O   . VAL A 1 71  ? -2.781  7.521   13.569  1.00 29.14 ? 122 VAL A O   1 
ATOM   553 C CB  . VAL A 1 71  ? -2.011  4.826   15.331  1.00 29.03 ? 122 VAL A CB  1 
ATOM   554 C CG1 . VAL A 1 71  ? -2.141  6.008   16.284  1.00 31.12 ? 122 VAL A CG1 1 
ATOM   555 C CG2 . VAL A 1 71  ? -2.665  3.604   15.934  1.00 29.19 ? 122 VAL A CG2 1 
ATOM   556 N N   . VAL A 1 72  ? -0.865  6.487   13.005  1.00 27.97 ? 123 VAL A N   1 
ATOM   557 C CA  . VAL A 1 72  ? -0.224  7.710   12.528  1.00 29.25 ? 123 VAL A CA  1 
ATOM   558 C C   . VAL A 1 72  ? -0.934  8.234   11.277  1.00 29.00 ? 123 VAL A C   1 
ATOM   559 O O   . VAL A 1 72  ? -1.282  7.459   10.383  1.00 28.19 ? 123 VAL A O   1 
ATOM   560 C CB  . VAL A 1 72  ? 1.272   7.462   12.220  1.00 30.53 ? 123 VAL A CB  1 
ATOM   561 C CG1 . VAL A 1 72  ? 1.950   8.755   11.812  1.00 30.60 ? 123 VAL A CG1 1 
ATOM   562 C CG2 . VAL A 1 72  ? 1.956   6.883   13.448  1.00 32.23 ? 123 VAL A CG2 1 
ATOM   563 N N   . LYS A 1 73  ? -1.144  9.549   11.231  1.00 28.36 ? 124 LYS A N   1 
ATOM   564 C CA  . LYS A 1 73  ? -1.828  10.206  10.115  1.00 28.13 ? 124 LYS A CA  1 
ATOM   565 C C   . LYS A 1 73  ? -0.854  10.933  9.185   1.00 28.42 ? 124 LYS A C   1 
ATOM   566 O O   . LYS A 1 73  ? 0.146   11.489  9.637   1.00 28.88 ? 124 LYS A O   1 
ATOM   567 C CB  . LYS A 1 73  ? -2.852  11.221  10.651  1.00 30.54 ? 124 LYS A CB  1 
ATOM   568 C CG  . LYS A 1 73  ? -3.818  10.682  11.701  1.00 30.94 ? 124 LYS A CG  1 
ATOM   569 C CD  . LYS A 1 73  ? -4.655  9.532   11.161  1.00 31.31 ? 124 LYS A CD  1 
ATOM   570 C CE  . LYS A 1 73  ? -5.681  9.052   12.184  1.00 32.08 ? 124 LYS A CE  1 
ATOM   571 N NZ  . LYS A 1 73  ? -6.684  10.101  12.544  1.00 32.30 ? 124 LYS A NZ  1 
ATOM   572 N N   . PHE A 1 74  ? -1.161  10.936  7.887   1.00 27.03 ? 125 PHE A N   1 
ATOM   573 C CA  . PHE A 1 74  ? -0.318  11.598  6.897   1.00 25.70 ? 125 PHE A CA  1 
ATOM   574 C C   . PHE A 1 74  ? -1.144  12.533  6.025   1.00 25.22 ? 125 PHE A C   1 
ATOM   575 O O   . PHE A 1 74  ? -2.305  12.254  5.718   1.00 26.30 ? 125 PHE A O   1 
ATOM   576 C CB  . PHE A 1 74  ? 0.388   10.566  6.006   1.00 24.30 ? 125 PHE A CB  1 
ATOM   577 C CG  . PHE A 1 74  ? 1.042   9.448   6.774   1.00 25.09 ? 125 PHE A CG  1 
ATOM   578 C CD1 . PHE A 1 74  ? 0.343   8.278   7.047   1.00 24.21 ? 125 PHE A CD1 1 
ATOM   579 C CD2 . PHE A 1 74  ? 2.344   9.576   7.244   1.00 24.08 ? 125 PHE A CD2 1 
ATOM   580 C CE1 . PHE A 1 74  ? 0.932   7.249   7.778   1.00 25.98 ? 125 PHE A CE1 1 
ATOM   581 C CE2 . PHE A 1 74  ? 2.940   8.557   7.975   1.00 24.80 ? 125 PHE A CE2 1 
ATOM   582 C CZ  . PHE A 1 74  ? 2.235   7.392   8.242   1.00 23.96 ? 125 PHE A CZ  1 
ATOM   583 N N   . ASN A 1 75  ? -0.534  13.642  5.625   1.00 25.66 ? 126 ASN A N   1 
ATOM   584 C CA  . ASN A 1 75  ? -1.207  14.626  4.791   1.00 26.43 ? 126 ASN A CA  1 
ATOM   585 C C   . ASN A 1 75  ? -1.232  14.211  3.323   1.00 25.99 ? 126 ASN A C   1 
ATOM   586 O O   . ASN A 1 75  ? -1.905  14.840  2.509   1.00 26.78 ? 126 ASN A O   1 
ATOM   587 C CB  . ASN A 1 75  ? -0.529  15.993  4.940   1.00 27.66 ? 126 ASN A CB  1 
ATOM   588 C CG  . ASN A 1 75  ? -0.771  16.614  6.303   1.00 29.95 ? 126 ASN A CG  1 
ATOM   589 O OD1 . ASN A 1 75  ? -1.905  16.674  6.770   1.00 30.18 ? 126 ASN A OD1 1 
ATOM   590 N ND2 . ASN A 1 75  ? 0.294   17.082  6.945   1.00 33.77 ? 126 ASN A ND2 1 
ATOM   591 N N   . SER A 1 76  ? -0.509  13.150  2.983   1.00 25.01 ? 127 SER A N   1 
ATOM   592 C CA  . SER A 1 76  ? -0.480  12.679  1.602   1.00 24.65 ? 127 SER A CA  1 
ATOM   593 C C   . SER A 1 76  ? -0.111  11.205  1.503   1.00 24.89 ? 127 SER A C   1 
ATOM   594 O O   . SER A 1 76  ? 0.414   10.616  2.456   1.00 23.39 ? 127 SER A O   1 
ATOM   595 C CB  . SER A 1 76  ? 0.514   13.503  0.776   1.00 24.70 ? 127 SER A CB  1 
ATOM   596 O OG  . SER A 1 76  ? 1.851   13.260  1.179   1.00 23.88 ? 127 SER A OG  1 
ATOM   597 N N   . LEU A 1 77  ? -0.403  10.611  0.350   1.00 22.59 ? 128 LEU A N   1 
ATOM   598 C CA  . LEU A 1 77  ? -0.073  9.211   0.115   1.00 23.12 ? 128 LEU A CA  1 
ATOM   599 C C   . LEU A 1 77  ? 1.449   9.132   0.061   1.00 23.20 ? 128 LEU A C   1 
ATOM   600 O O   . LEU A 1 77  ? 2.056   8.162   0.510   1.00 23.11 ? 128 LEU A O   1 
ATOM   601 C CB  . LEU A 1 77  ? -0.676  8.740   -1.218  1.00 19.82 ? 128 LEU A CB  1 
ATOM   602 C CG  . LEU A 1 77  ? -2.214  8.723   -1.279  1.00 20.11 ? 128 LEU A CG  1 
ATOM   603 C CD1 . LEU A 1 77  ? -2.673  8.693   -2.721  1.00 20.43 ? 128 LEU A CD1 1 
ATOM   604 C CD2 . LEU A 1 77  ? -2.756  7.528   -0.509  1.00 18.12 ? 128 LEU A CD2 1 
ATOM   605 N N   . ASN A 1 78  ? 2.053   10.186  -0.474  1.00 23.99 ? 129 ASN A N   1 
ATOM   606 C CA  . ASN A 1 78  ? 3.499   10.274  -0.618  1.00 24.01 ? 129 ASN A CA  1 
ATOM   607 C C   . ASN A 1 78  ? 4.215   10.110  0.727   1.00 25.07 ? 129 ASN A C   1 
ATOM   608 O O   . ASN A 1 78  ? 5.207   9.383   0.823   1.00 23.95 ? 129 ASN A O   1 
ATOM   609 C CB  . ASN A 1 78  ? 3.849   11.618  -1.269  1.00 24.97 ? 129 ASN A CB  1 
ATOM   610 C CG  . ASN A 1 78  ? 5.262   11.662  -1.823  1.00 24.33 ? 129 ASN A CG  1 
ATOM   611 O OD1 . ASN A 1 78  ? 5.579   12.514  -2.653  1.00 26.34 ? 129 ASN A OD1 1 
ATOM   612 N ND2 . ASN A 1 78  ? 6.118   10.759  -1.360  1.00 23.11 ? 129 ASN A ND2 1 
ATOM   613 N N   . GLU A 1 79  ? 3.705   10.768  1.766   1.00 24.17 ? 130 GLU A N   1 
ATOM   614 C CA  . GLU A 1 79  ? 4.313   10.687  3.091   1.00 23.80 ? 130 GLU A CA  1 
ATOM   615 C C   . GLU A 1 79  ? 4.011   9.360   3.775   1.00 23.55 ? 130 GLU A C   1 
ATOM   616 O O   . GLU A 1 79  ? 4.854   8.815   4.496   1.00 21.82 ? 130 GLU A O   1 
ATOM   617 C CB  . GLU A 1 79  ? 3.836   11.859  3.953   1.00 23.83 ? 130 GLU A CB  1 
ATOM   618 C CG  . GLU A 1 79  ? 4.241   13.211  3.375   1.00 26.04 ? 130 GLU A CG  1 
ATOM   619 C CD  . GLU A 1 79  ? 3.510   14.367  4.023   1.00 27.06 ? 130 GLU A CD  1 
ATOM   620 O OE1 . GLU A 1 79  ? 4.018   14.932  5.015   1.00 30.81 ? 130 GLU A OE1 1 
ATOM   621 O OE2 . GLU A 1 79  ? 2.412   14.703  3.543   1.00 26.15 ? 130 GLU A OE2 1 
ATOM   622 N N   . LEU A 1 80  ? 2.806   8.841   3.556   1.00 21.67 ? 131 LEU A N   1 
ATOM   623 C CA  . LEU A 1 80  ? 2.424   7.558   4.130   1.00 23.56 ? 131 LEU A CA  1 
ATOM   624 C C   . LEU A 1 80  ? 3.387   6.499   3.605   1.00 22.70 ? 131 LEU A C   1 
ATOM   625 O O   . LEU A 1 80  ? 3.928   5.696   4.371   1.00 22.99 ? 131 LEU A O   1 
ATOM   626 C CB  . LEU A 1 80  ? 0.985   7.200   3.732   1.00 20.95 ? 131 LEU A CB  1 
ATOM   627 C CG  . LEU A 1 80  ? 0.415   5.873   4.255   1.00 23.49 ? 131 LEU A CG  1 
ATOM   628 C CD1 . LEU A 1 80  ? -1.115  5.938   4.249   1.00 23.56 ? 131 LEU A CD1 1 
ATOM   629 C CD2 . LEU A 1 80  ? 0.903   4.714   3.398   1.00 21.94 ? 131 LEU A CD2 1 
ATOM   630 N N   . VAL A 1 81  ? 3.597   6.507   2.292   1.00 22.79 ? 132 VAL A N   1 
ATOM   631 C CA  . VAL A 1 81  ? 4.496   5.556   1.642   1.00 24.48 ? 132 VAL A CA  1 
ATOM   632 C C   . VAL A 1 81  ? 5.936   5.681   2.148   1.00 25.71 ? 132 VAL A C   1 
ATOM   633 O O   . VAL A 1 81  ? 6.555   4.684   2.538   1.00 26.33 ? 132 VAL A O   1 
ATOM   634 C CB  . VAL A 1 81  ? 4.479   5.744   0.103   1.00 25.00 ? 132 VAL A CB  1 
ATOM   635 C CG1 . VAL A 1 81  ? 5.617   4.964   -0.544  1.00 23.72 ? 132 VAL A CG1 1 
ATOM   636 C CG2 . VAL A 1 81  ? 3.141   5.267   -0.461  1.00 24.91 ? 132 VAL A CG2 1 
ATOM   637 N N   . ASP A 1 82  ? 6.478   6.892   2.146   1.00 24.13 ? 133 ASP A N   1 
ATOM   638 C CA  . ASP A 1 82  ? 7.849   7.068   2.612   1.00 27.73 ? 133 ASP A CA  1 
ATOM   639 C C   . ASP A 1 82  ? 8.035   6.666   4.070   1.00 26.78 ? 133 ASP A C   1 
ATOM   640 O O   . ASP A 1 82  ? 9.059   6.097   4.431   1.00 27.06 ? 133 ASP A O   1 
ATOM   641 C CB  . ASP A 1 82  ? 8.320   8.508   2.381   1.00 27.07 ? 133 ASP A CB  1 
ATOM   642 C CG  . ASP A 1 82  ? 8.549   8.807   0.909   1.00 28.87 ? 133 ASP A CG  1 
ATOM   643 O OD1 . ASP A 1 82  ? 8.783   7.848   0.145   1.00 29.78 ? 133 ASP A OD1 1 
ATOM   644 O OD2 . ASP A 1 82  ? 8.508   9.991   0.513   1.00 29.23 ? 133 ASP A OD2 1 
ATOM   645 N N   . TYR A 1 83  ? 7.038   6.944   4.904   1.00 27.21 ? 134 TYR A N   1 
ATOM   646 C CA  . TYR A 1 83  ? 7.105   6.587   6.320   1.00 27.05 ? 134 TYR A CA  1 
ATOM   647 C C   . TYR A 1 83  ? 7.277   5.081   6.488   1.00 26.19 ? 134 TYR A C   1 
ATOM   648 O O   . TYR A 1 83  ? 8.063   4.619   7.309   1.00 26.87 ? 134 TYR A O   1 
ATOM   649 C CB  . TYR A 1 83  ? 5.820   7.038   7.028   1.00 28.36 ? 134 TYR A CB  1 
ATOM   650 C CG  . TYR A 1 83  ? 5.676   6.584   8.470   1.00 31.58 ? 134 TYR A CG  1 
ATOM   651 C CD1 . TYR A 1 83  ? 6.246   7.312   9.517   1.00 33.01 ? 134 TYR A CD1 1 
ATOM   652 C CD2 . TYR A 1 83  ? 4.940   5.440   8.789   1.00 32.01 ? 134 TYR A CD2 1 
ATOM   653 C CE1 . TYR A 1 83  ? 6.085   6.913   10.844  1.00 35.40 ? 134 TYR A CE1 1 
ATOM   654 C CE2 . TYR A 1 83  ? 4.775   5.032   10.113  1.00 34.01 ? 134 TYR A CE2 1 
ATOM   655 C CZ  . TYR A 1 83  ? 5.349   5.774   11.134  1.00 35.29 ? 134 TYR A CZ  1 
ATOM   656 O OH  . TYR A 1 83  ? 5.185   5.376   12.440  1.00 38.45 ? 134 TYR A OH  1 
ATOM   657 N N   . HIS A 1 84  ? 6.538   4.313   5.701   1.00 26.07 ? 135 HIS A N   1 
ATOM   658 C CA  . HIS A 1 84  ? 6.603   2.869   5.804   1.00 25.79 ? 135 HIS A CA  1 
ATOM   659 C C   . HIS A 1 84  ? 7.782   2.187   5.118   1.00 26.44 ? 135 HIS A C   1 
ATOM   660 O O   . HIS A 1 84  ? 7.816   0.971   4.986   1.00 24.78 ? 135 HIS A O   1 
ATOM   661 C CB  . HIS A 1 84  ? 5.271   2.279   5.368   1.00 23.70 ? 135 HIS A CB  1 
ATOM   662 C CG  . HIS A 1 84  ? 4.182   2.493   6.377   1.00 24.50 ? 135 HIS A CG  1 
ATOM   663 N ND1 . HIS A 1 84  ? 4.160   1.839   7.591   1.00 23.27 ? 135 HIS A ND1 1 
ATOM   664 C CD2 . HIS A 1 84  ? 3.112   3.322   6.378   1.00 22.84 ? 135 HIS A CD2 1 
ATOM   665 C CE1 . HIS A 1 84  ? 3.122   2.254   8.295   1.00 25.07 ? 135 HIS A CE1 1 
ATOM   666 N NE2 . HIS A 1 84  ? 2.470   3.153   7.583   1.00 23.99 ? 135 HIS A NE2 1 
ATOM   667 N N   . ARG A 1 85  ? 8.751   2.982   4.684   1.00 27.72 ? 136 ARG A N   1 
ATOM   668 C CA  . ARG A 1 85  ? 9.961   2.425   4.101   1.00 28.62 ? 136 ARG A CA  1 
ATOM   669 C C   . ARG A 1 85  ? 10.869  2.131   5.299   1.00 30.23 ? 136 ARG A C   1 
ATOM   670 O O   . ARG A 1 85  ? 11.769  1.297   5.219   1.00 31.71 ? 136 ARG A O   1 
ATOM   671 C CB  . ARG A 1 85  ? 10.647  3.439   3.184   1.00 27.87 ? 136 ARG A CB  1 
ATOM   672 C CG  . ARG A 1 85  ? 9.929   3.716   1.871   1.00 24.50 ? 136 ARG A CG  1 
ATOM   673 C CD  . ARG A 1 85  ? 10.670  4.790   1.086   1.00 26.36 ? 136 ARG A CD  1 
ATOM   674 N NE  . ARG A 1 85  ? 9.981   5.178   -0.143  1.00 26.23 ? 136 ARG A NE  1 
ATOM   675 C CZ  . ARG A 1 85  ? 9.976   4.467   -1.266  1.00 26.15 ? 136 ARG A CZ  1 
ATOM   676 N NH1 . ARG A 1 85  ? 10.628  3.315   -1.334  1.00 26.56 ? 136 ARG A NH1 1 
ATOM   677 N NH2 . ARG A 1 85  ? 9.322   4.918   -2.328  1.00 24.22 ? 136 ARG A NH2 1 
ATOM   678 N N   . SER A 1 86  ? 10.616  2.816   6.417   1.00 30.97 ? 137 SER A N   1 
ATOM   679 C CA  . SER A 1 86  ? 11.419  2.636   7.630   1.00 33.94 ? 137 SER A CA  1 
ATOM   680 C C   . SER A 1 86  ? 10.626  2.103   8.830   1.00 33.62 ? 137 SER A C   1 
ATOM   681 O O   . SER A 1 86  ? 11.209  1.726   9.850   1.00 34.08 ? 137 SER A O   1 
ATOM   682 C CB  . SER A 1 86  ? 12.120  3.948   8.004   1.00 32.96 ? 137 SER A CB  1 
ATOM   683 O OG  . SER A 1 86  ? 11.192  4.986   8.254   1.00 36.03 ? 137 SER A OG  1 
ATOM   684 N N   . THR A 1 87  ? 9.302   2.080   8.705   1.00 33.11 ? 138 THR A N   1 
ATOM   685 C CA  . THR A 1 87  ? 8.423   1.546   9.750   1.00 31.37 ? 138 THR A CA  1 
ATOM   686 C C   . THR A 1 87  ? 7.525   0.501   9.076   1.00 30.75 ? 138 THR A C   1 
ATOM   687 O O   . THR A 1 87  ? 6.910   0.779   8.041   1.00 29.73 ? 138 THR A O   1 
ATOM   688 C CB  . THR A 1 87  ? 7.545   2.649   10.398  1.00 31.46 ? 138 THR A CB  1 
ATOM   689 O OG1 . THR A 1 87  ? 8.380   3.574   11.102  1.00 30.79 ? 138 THR A OG1 1 
ATOM   690 C CG2 . THR A 1 87  ? 6.557   2.041   11.380  1.00 29.21 ? 138 THR A CG2 1 
ATOM   691 N N   . SER A 1 88  ? 7.451   -0.691  9.665   1.00 27.01 ? 139 SER A N   1 
ATOM   692 C CA  . SER A 1 88  ? 6.662   -1.779  9.099   1.00 26.71 ? 139 SER A CA  1 
ATOM   693 C C   . SER A 1 88  ? 5.195   -1.456  8.840   1.00 26.87 ? 139 SER A C   1 
ATOM   694 O O   . SER A 1 88  ? 4.531   -0.814  9.654   1.00 24.94 ? 139 SER A O   1 
ATOM   695 C CB  . SER A 1 88  ? 6.747   -3.018  9.994   1.00 26.03 ? 139 SER A CB  1 
ATOM   696 O OG  . SER A 1 88  ? 6.036   -4.112  9.428   1.00 26.24 ? 139 SER A OG  1 
ATOM   697 N N   . VAL A 1 89  ? 4.697   -1.916  7.697   1.00 26.23 ? 140 VAL A N   1 
ATOM   698 C CA  . VAL A 1 89  ? 3.303   -1.702  7.330   1.00 27.06 ? 140 VAL A CA  1 
ATOM   699 C C   . VAL A 1 89  ? 2.457   -2.768  8.002   1.00 26.55 ? 140 VAL A C   1 
ATOM   700 O O   . VAL A 1 89  ? 1.247   -2.617  8.119   1.00 24.89 ? 140 VAL A O   1 
ATOM   701 C CB  . VAL A 1 89  ? 3.072   -1.817  5.797   1.00 28.47 ? 140 VAL A CB  1 
ATOM   702 C CG1 . VAL A 1 89  ? 3.639   -0.616  5.092   1.00 32.94 ? 140 VAL A CG1 1 
ATOM   703 C CG2 . VAL A 1 89  ? 3.707   -3.097  5.265   1.00 29.81 ? 140 VAL A CG2 1 
ATOM   704 N N   . SER A 1 90  ? 3.110   -3.837  8.458   1.00 25.55 ? 141 SER A N   1 
ATOM   705 C CA  . SER A 1 90  ? 2.408   -4.950  9.078   1.00 26.07 ? 141 SER A CA  1 
ATOM   706 C C   . SER A 1 90  ? 2.517   -5.054  10.593  1.00 25.84 ? 141 SER A C   1 
ATOM   707 O O   . SER A 1 90  ? 3.540   -4.724  11.187  1.00 25.41 ? 141 SER A O   1 
ATOM   708 C CB  . SER A 1 90  ? 2.875   -6.265  8.455   1.00 23.84 ? 141 SER A CB  1 
ATOM   709 O OG  . SER A 1 90  ? 2.281   -7.367  9.117   1.00 24.55 ? 141 SER A OG  1 
ATOM   710 N N   . ARG A 1 91  ? 1.428   -5.518  11.192  1.00 26.56 ? 142 ARG A N   1 
ATOM   711 C CA  . ARG A 1 91  ? 1.300   -5.721  12.630  1.00 29.57 ? 142 ARG A CA  1 
ATOM   712 C C   . ARG A 1 91  ? 1.866   -7.096  13.000  1.00 31.05 ? 142 ARG A C   1 
ATOM   713 O O   . ARG A 1 91  ? 2.300   -7.321  14.133  1.00 30.98 ? 142 ARG A O   1 
ATOM   714 C CB  . ARG A 1 91  ? -0.183  -5.722  13.008  1.00 29.64 ? 142 ARG A CB  1 
ATOM   715 C CG  . ARG A 1 91  ? -0.587  -4.724  14.049  1.00 34.01 ? 142 ARG A CG  1 
ATOM   716 C CD  . ARG A 1 91  ? -1.674  -5.293  14.943  1.00 32.96 ? 142 ARG A CD  1 
ATOM   717 N NE  . ARG A 1 91  ? -2.798  -5.882  14.217  1.00 33.84 ? 142 ARG A NE  1 
ATOM   718 C CZ  . ARG A 1 91  ? -4.067  -5.507  14.377  1.00 36.58 ? 142 ARG A CZ  1 
ATOM   719 N NH1 . ARG A 1 91  ? -4.375  -4.533  15.227  1.00 37.50 ? 142 ARG A NH1 1 
ATOM   720 N NH2 . ARG A 1 91  ? -5.034  -6.125  13.715  1.00 36.36 ? 142 ARG A NH2 1 
ATOM   721 N N   . ASN A 1 92  ? 1.844   -8.008  12.033  1.00 32.89 ? 143 ASN A N   1 
ATOM   722 C CA  . ASN A 1 92  ? 2.280   -9.389  12.246  1.00 35.12 ? 143 ASN A CA  1 
ATOM   723 C C   . ASN A 1 92  ? 3.733   -9.733  11.951  1.00 35.80 ? 143 ASN A C   1 
ATOM   724 O O   . ASN A 1 92  ? 4.274   -10.680 12.526  1.00 35.64 ? 143 ASN A O   1 
ATOM   725 C CB  . ASN A 1 92  ? 1.368   -10.321 11.455  1.00 36.82 ? 143 ASN A CB  1 
ATOM   726 C CG  . ASN A 1 92  ? -0.081  -10.189 11.863  1.00 39.63 ? 143 ASN A CG  1 
ATOM   727 O OD1 . ASN A 1 92  ? -0.426  -10.359 13.031  1.00 42.24 ? 143 ASN A OD1 1 
ATOM   728 N ND2 . ASN A 1 92  ? -0.940  -9.883  10.901  1.00 41.30 ? 143 ASN A ND2 1 
ATOM   729 N N   . GLN A 1 93  ? 4.365   -8.981  11.059  1.00 34.32 ? 144 GLN A N   1 
ATOM   730 C CA  . GLN A 1 93  ? 5.764   -9.227  10.726  1.00 34.44 ? 144 GLN A CA  1 
ATOM   731 C C   . GLN A 1 93  ? 6.382   -7.930  10.264  1.00 33.35 ? 144 GLN A C   1 
ATOM   732 O O   . GLN A 1 93  ? 5.671   -6.973  9.959   1.00 31.34 ? 144 GLN A O   1 
ATOM   733 C CB  . GLN A 1 93  ? 5.886   -10.263 9.607   1.00 34.12 ? 144 GLN A CB  1 
ATOM   734 C CG  . GLN A 1 93  ? 5.083   -9.926  8.371   1.00 35.44 ? 144 GLN A CG  1 
ATOM   735 C CD  . GLN A 1 93  ? 3.677   -10.480 8.427   1.00 36.88 ? 144 GLN A CD  1 
ATOM   736 O OE1 . GLN A 1 93  ? 2.728   -9.849  7.961   1.00 37.95 ? 144 GLN A OE1 1 
ATOM   737 N NE2 . GLN A 1 93  ? 3.535   -11.677 8.988   1.00 36.50 ? 144 GLN A NE2 1 
ATOM   738 N N   . GLN A 1 94  ? 7.704   -7.890  10.210  1.00 32.89 ? 145 GLN A N   1 
ATOM   739 C CA  . GLN A 1 94  ? 8.374   -6.686  9.758   1.00 35.38 ? 145 GLN A CA  1 
ATOM   740 C C   . GLN A 1 94  ? 8.383   -6.643  8.240   1.00 33.08 ? 145 GLN A C   1 
ATOM   741 O O   . GLN A 1 94  ? 8.969   -7.508  7.584   1.00 32.37 ? 145 GLN A O   1 
ATOM   742 C CB  . GLN A 1 94  ? 9.812   -6.627  10.273  1.00 39.11 ? 145 GLN A CB  1 
ATOM   743 C CG  . GLN A 1 94  ? 10.493  -5.302  9.947   1.00 48.11 ? 145 GLN A CG  1 
ATOM   744 C CD  . GLN A 1 94  ? 11.913  -5.214  10.466  1.00 52.37 ? 145 GLN A CD  1 
ATOM   745 O OE1 . GLN A 1 94  ? 12.828  -5.835  9.921   1.00 54.62 ? 145 GLN A OE1 1 
ATOM   746 N NE2 . GLN A 1 94  ? 12.105  -4.442  11.531  1.00 54.08 ? 145 GLN A NE2 1 
ATOM   747 N N   . ILE A 1 95  ? 7.708   -5.642  7.685   1.00 30.77 ? 146 ILE A N   1 
ATOM   748 C CA  . ILE A 1 95  ? 7.662   -5.460  6.241   1.00 29.18 ? 146 ILE A CA  1 
ATOM   749 C C   . ILE A 1 95  ? 7.880   -3.985  5.922   1.00 28.18 ? 146 ILE A C   1 
ATOM   750 O O   . ILE A 1 95  ? 7.023   -3.145  6.194   1.00 28.27 ? 146 ILE A O   1 
ATOM   751 C CB  . ILE A 1 95  ? 6.314   -5.902  5.638   1.00 28.14 ? 146 ILE A CB  1 
ATOM   752 C CG1 . ILE A 1 95  ? 6.034   -7.365  5.983   1.00 28.13 ? 146 ILE A CG1 1 
ATOM   753 C CG2 . ILE A 1 95  ? 6.359   -5.750  4.115   1.00 28.94 ? 146 ILE A CG2 1 
ATOM   754 C CD1 . ILE A 1 95  ? 4.709   -7.878  5.445   1.00 25.95 ? 146 ILE A CD1 1 
ATOM   755 N N   . PHE A 1 96  ? 9.048   -3.679  5.371   1.00 27.74 ? 147 PHE A N   1 
ATOM   756 C CA  . PHE A 1 96  ? 9.409   -2.321  4.996   1.00 26.82 ? 147 PHE A CA  1 
ATOM   757 C C   . PHE A 1 96  ? 9.167   -2.171  3.499   1.00 26.13 ? 147 PHE A C   1 
ATOM   758 O O   . PHE A 1 96  ? 9.527   -3.049  2.720   1.00 25.24 ? 147 PHE A O   1 
ATOM   759 C CB  . PHE A 1 96  ? 10.889  -2.071  5.310   1.00 29.23 ? 147 PHE A CB  1 
ATOM   760 C CG  . PHE A 1 96  ? 11.206  -2.060  6.782   1.00 32.35 ? 147 PHE A CG  1 
ATOM   761 C CD1 . PHE A 1 96  ? 12.397  -2.601  7.254   1.00 36.38 ? 147 PHE A CD1 1 
ATOM   762 C CD2 . PHE A 1 96  ? 10.325  -1.492  7.694   1.00 33.25 ? 147 PHE A CD2 1 
ATOM   763 C CE1 . PHE A 1 96  ? 12.703  -2.577  8.616   1.00 36.80 ? 147 PHE A CE1 1 
ATOM   764 C CE2 . PHE A 1 96  ? 10.621  -1.462  9.051   1.00 34.14 ? 147 PHE A CE2 1 
ATOM   765 C CZ  . PHE A 1 96  ? 11.810  -2.005  9.515   1.00 36.05 ? 147 PHE A CZ  1 
ATOM   766 N N   . LEU A 1 97  ? 8.552   -1.067  3.093   1.00 25.40 ? 148 LEU A N   1 
ATOM   767 C CA  . LEU A 1 97  ? 8.285   -0.844  1.675   1.00 25.96 ? 148 LEU A CA  1 
ATOM   768 C C   . LEU A 1 97  ? 9.578   -0.626  0.878   1.00 27.44 ? 148 LEU A C   1 
ATOM   769 O O   . LEU A 1 97  ? 10.479  0.073   1.337   1.00 28.43 ? 148 LEU A O   1 
ATOM   770 C CB  . LEU A 1 97  ? 7.349   0.359   1.505   1.00 24.81 ? 148 LEU A CB  1 
ATOM   771 C CG  . LEU A 1 97  ? 5.975   0.236   2.179   1.00 23.89 ? 148 LEU A CG  1 
ATOM   772 C CD1 . LEU A 1 97  ? 5.118   1.435   1.824   1.00 24.51 ? 148 LEU A CD1 1 
ATOM   773 C CD2 . LEU A 1 97  ? 5.291   -1.047  1.727   1.00 22.29 ? 148 LEU A CD2 1 
ATOM   774 N N   . ARG A 1 98  ? 9.658   -1.249  -0.302  1.00 27.85 ? 149 ARG A N   1 
ATOM   775 C CA  . ARG A 1 98  ? 10.810  -1.155  -1.218  1.00 29.10 ? 149 ARG A CA  1 
ATOM   776 C C   . ARG A 1 98  ? 10.227  -0.946  -2.612  1.00 28.28 ? 149 ARG A C   1 
ATOM   777 O O   . ARG A 1 98  ? 9.273   -1.622  -2.974  1.00 27.50 ? 149 ARG A O   1 
ATOM   778 C CB  . ARG A 1 98  ? 11.589  -2.473  -1.313  1.00 29.86 ? 149 ARG A CB  1 
ATOM   779 C CG  . ARG A 1 98  ? 12.249  -3.033  -0.090  1.00 33.06 ? 149 ARG A CG  1 
ATOM   780 C CD  . ARG A 1 98  ? 12.874  -4.371  -0.493  1.00 33.03 ? 149 ARG A CD  1 
ATOM   781 N NE  . ARG A 1 98  ? 13.658  -4.231  -1.721  1.00 33.49 ? 149 ARG A NE  1 
ATOM   782 C CZ  . ARG A 1 98  ? 14.986  -4.272  -1.772  1.00 35.06 ? 149 ARG A CZ  1 
ATOM   783 N NH1 . ARG A 1 98  ? 15.689  -4.462  -0.664  1.00 33.30 ? 149 ARG A NH1 1 
ATOM   784 N NH2 . ARG A 1 98  ? 15.614  -4.089  -2.925  1.00 36.83 ? 149 ARG A NH2 1 
ATOM   785 N N   . ASP A 1 99  ? 10.813  -0.059  -3.411  1.00 29.84 ? 150 ASP A N   1 
ATOM   786 C CA  . ASP A 1 99  ? 10.294  0.169   -4.764  1.00 30.49 ? 150 ASP A CA  1 
ATOM   787 C C   . ASP A 1 99  ? 10.393  -1.074  -5.644  1.00 29.83 ? 150 ASP A C   1 
ATOM   788 O O   . ASP A 1 99  ? 11.349  -1.834  -5.549  1.00 28.43 ? 150 ASP A O   1 
ATOM   789 C CB  . ASP A 1 99  ? 11.039  1.322   -5.445  1.00 32.91 ? 150 ASP A CB  1 
ATOM   790 C CG  . ASP A 1 99  ? 10.752  2.656   -4.802  1.00 34.92 ? 150 ASP A CG  1 
ATOM   791 O OD1 . ASP A 1 99  ? 9.699   2.779   -4.151  1.00 38.07 ? 150 ASP A OD1 1 
ATOM   792 O OD2 . ASP A 1 99  ? 11.565  3.588   -4.964  1.00 38.30 ? 150 ASP A OD2 1 
ATOM   793 N N   . ILE A 1 100 ? 9.398   -1.279  -6.503  1.00 31.53 ? 151 ILE A N   1 
ATOM   794 C CA  . ILE A 1 100 ? 9.395   -2.426  -7.404  1.00 31.93 ? 151 ILE A CA  1 
ATOM   795 C C   . ILE A 1 100 ? 10.627  -2.373  -8.303  1.00 33.68 ? 151 ILE A C   1 
ATOM   796 O O   . ILE A 1 100 ? 11.258  -1.328  -8.439  1.00 31.78 ? 151 ILE A O   1 
ATOM   797 C CB  . ILE A 1 100 ? 8.148   -2.439  -8.313  1.00 31.47 ? 151 ILE A CB  1 
ATOM   798 C CG1 . ILE A 1 100 ? 7.928   -1.041  -8.901  1.00 33.19 ? 151 ILE A CG1 1 
ATOM   799 C CG2 . ILE A 1 100 ? 6.931   -2.924  -7.534  1.00 30.15 ? 151 ILE A CG2 1 
ATOM   800 C CD1 . ILE A 1 100 ? 7.035   -1.022  -10.121 1.00 35.77 ? 151 ILE A CD1 1 
ATOM   801 N N   . GLU A 1 101 ? 10.958  -3.501  -8.921  1.00 37.16 ? 152 GLU A N   1 
ATOM   802 C CA  . GLU A 1 101 ? 12.115  -3.579  -9.810  1.00 40.72 ? 152 GLU A CA  1 
ATOM   803 C C   . GLU A 1 101 ? 11.707  -3.854  -11.255 1.00 43.12 ? 152 GLU A C   1 
ATOM   804 O O   . GLU A 1 101 ? 10.554  -3.647  -11.632 1.00 46.32 ? 152 GLU A O   1 
ATOM   805 C CB  . GLU A 1 101 ? 13.065  -4.672  -9.334  1.00 41.32 ? 152 GLU A CB  1 
ATOM   806 C CG  . GLU A 1 101 ? 13.698  -4.390  -7.992  1.00 43.47 ? 152 GLU A CG  1 
ATOM   807 C CD  . GLU A 1 101 ? 14.600  -5.513  -7.537  1.00 45.47 ? 152 GLU A CD  1 
ATOM   808 O OE1 . GLU A 1 101 ? 14.240  -6.205  -6.566  1.00 48.00 ? 152 GLU A OE1 1 
ATOM   809 O OE2 . GLU A 1 101 ? 15.667  -5.706  -8.158  1.00 46.79 ? 152 GLU A OE2 1 
ATOM   810 O OXT . GLU A 1 101 ? 12.579  -4.277  -12.042 1.00 33.19 ? 152 GLU A OXT 1 
ATOM   811 N N   . GLY B 2 3   ? -10.183 -9.145  1.353   1.00 40.00 ? 681 GLY L N   1 
ATOM   812 C CA  . GLY B 2 3   ? -10.170 -8.180  2.436   1.00 38.99 ? 681 GLY L CA  1 
ATOM   813 C C   . GLY B 2 3   ? -8.810  -7.547  2.651   1.00 36.74 ? 681 GLY L C   1 
ATOM   814 O O   . GLY B 2 3   ? -7.859  -7.802  1.909   1.00 37.80 ? 681 GLY L O   1 
HETATM 815 N N   . PTR B 2 4   ? -8.706  -6.735  3.693   1.00 36.69 ? 682 PTR L N   1 
HETATM 816 C CA  . PTR B 2 4   ? -7.458  -6.048  3.971   1.00 34.10 ? 682 PTR L CA  1 
HETATM 817 C C   . PTR B 2 4   ? -6.831  -6.439  5.322   1.00 31.40 ? 682 PTR L C   1 
HETATM 818 O O   . PTR B 2 4   ? -7.524  -6.892  6.235   1.00 29.54 ? 682 PTR L O   1 
HETATM 819 C CB  . PTR B 2 4   ? -7.606  -4.574  3.917   1.00 34.10 ? 682 PTR L CB  1 
HETATM 820 C CG  . PTR B 2 4   ? -8.085  -4.088  2.553   1.00 33.74 ? 682 PTR L CG  1 
HETATM 821 C CD1 . PTR B 2 4   ? -9.437  -4.010  2.273   1.00 36.69 ? 682 PTR L CD1 1 
HETATM 822 C CD2 . PTR B 2 4   ? -7.198  -3.664  1.576   1.00 36.76 ? 682 PTR L CD2 1 
HETATM 823 C CE1 . PTR B 2 4   ? -9.891  -3.560  1.028   1.00 37.08 ? 682 PTR L CE1 1 
HETATM 824 C CE2 . PTR B 2 4   ? -7.622  -3.232  0.314   1.00 34.60 ? 682 PTR L CE2 1 
HETATM 825 C CZ  . PTR B 2 4   ? -8.990  -3.167  0.054   1.00 35.24 ? 682 PTR L CZ  1 
HETATM 826 O OH  . PTR B 2 4   ? -9.377  -2.707  -1.098  1.00 36.66 ? 682 PTR L OH  1 
HETATM 827 P P   . PTR B 2 4   ? -9.583  -3.621  -2.415  1.00 37.13 ? 682 PTR L P   1 
HETATM 828 O O1P . PTR B 2 4   ? -11.004 -3.965  -2.505  1.00 31.40 ? 682 PTR L O1P 1 
HETATM 829 O O2P . PTR B 2 4   ? -8.676  -4.828  -2.282  1.00 30.09 ? 682 PTR L O2P 1 
HETATM 830 O O3P . PTR B 2 4   ? -9.115  -2.696  -3.502  1.00 29.54 ? 682 PTR L O3P 1 
ATOM   831 N N   . GLU B 2 5   ? -5.512  -6.286  5.429   1.00 28.84 ? 683 GLU L N   1 
ATOM   832 C CA  . GLU B 2 5   ? -4.786  -6.629  6.655   1.00 28.65 ? 683 GLU L CA  1 
ATOM   833 C C   . GLU B 2 5   ? -5.132  -5.717  7.823   1.00 29.01 ? 683 GLU L C   1 
ATOM   834 O O   . GLU B 2 5   ? -5.116  -6.140  8.980   1.00 29.42 ? 683 GLU L O   1 
ATOM   835 C CB  . GLU B 2 5   ? -3.273  -6.558  6.429   1.00 28.28 ? 683 GLU L CB  1 
ATOM   836 C CG  . GLU B 2 5   ? -2.725  -7.543  5.422   1.00 29.53 ? 683 GLU L CG  1 
ATOM   837 C CD  . GLU B 2 5   ? -2.958  -8.981  5.829   1.00 29.54 ? 683 GLU L CD  1 
ATOM   838 O OE1 . GLU B 2 5   ? -2.569  -9.359  6.954   1.00 31.67 ? 683 GLU L OE1 1 
ATOM   839 O OE2 . GLU B 2 5   ? -3.526  -9.740  5.021   1.00 33.32 ? 683 GLU L OE2 1 
ATOM   840 N N   . ASN B 2 6   ? -5.421  -4.457  7.526   1.00 28.84 ? 684 ASN L N   1 
ATOM   841 C CA  . ASN B 2 6   ? -5.752  -3.506  8.574   1.00 30.98 ? 684 ASN L CA  1 
ATOM   842 C C   . ASN B 2 6   ? -7.257  -3.329  8.690   1.00 35.56 ? 684 ASN L C   1 
ATOM   843 O O   . ASN B 2 6   ? -7.948  -3.122  7.692   1.00 35.35 ? 684 ASN L O   1 
ATOM   844 C CB  . ASN B 2 6   ? -5.075  -2.155  8.294   1.00 27.10 ? 684 ASN L CB  1 
ATOM   845 C CG  . ASN B 2 6   ? -5.462  -1.576  6.949   1.00 25.80 ? 684 ASN L CG  1 
ATOM   846 O OD1 . ASN B 2 6   ? -5.604  -2.305  5.969   1.00 22.96 ? 684 ASN L OD1 1 
ATOM   847 N ND2 . ASN B 2 6   ? -5.619  -0.256  6.891   1.00 22.69 ? 684 ASN L ND2 1 
ATOM   848 N N   . PRO B 2 7   ? -7.798  -3.530  10.060  1.00 38.91 ? 685 PRO L N   1 
ATOM   849 C CA  . PRO B 2 7   ? -9.240  -3.407  10.298  1.00 40.89 ? 685 PRO L CA  1 
ATOM   850 C C   . PRO B 2 7   ? -9.680  -2.099  9.610   1.00 41.08 ? 685 PRO L C   1 
ATOM   851 O O   . PRO B 2 7   ? -8.991  -1.088  9.722   1.00 40.67 ? 685 PRO L O   1 
ATOM   852 C CB  . PRO B 2 7   ? -9.332  -3.394  11.830  1.00 42.51 ? 685 PRO L CB  1 
ATOM   853 C CG  . PRO B 2 7   ? -7.984  -2.863  12.261  1.00 45.90 ? 685 PRO L CG  1 
ATOM   854 C CD  . PRO B 2 7   ? -7.044  -3.554  11.323  1.00 42.32 ? 685 PRO L CD  1 
ATOM   855 N N   . THR B 2 8   ? -10.785 -1.957  8.733   1.00 42.51 ? 686 THR L N   1 
ATOM   856 C CA  . THR B 2 8   ? -11.190 -0.744  7.956   1.00 45.32 ? 686 THR L CA  1 
ATOM   857 C C   . THR B 2 8   ? -12.319 0.205   8.501   1.00 46.67 ? 686 THR L C   1 
ATOM   858 O O   . THR B 2 8   ? -12.697 1.193   7.849   1.00 47.36 ? 686 THR L O   1 
ATOM   859 C CB  . THR B 2 8   ? -11.527 -1.204  6.528   1.00 45.19 ? 686 THR L CB  1 
ATOM   860 O OG1 . THR B 2 8   ? -12.656 -2.087  6.597   1.00 47.16 ? 686 THR L OG1 1 
ATOM   861 C CG2 . THR B 2 8   ? -10.341 -1.914  5.886   1.00 45.68 ? 686 THR L CG2 1 
ATOM   862 N N   . TYR B 2 9   ? -12.788 -0.161  9.671   1.00 49.54 ? 687 TYR L N   1 
ATOM   863 C CA  . TYR B 2 9   ? -13.783 0.537   10.430  1.00 52.60 ? 687 TYR L CA  1 
ATOM   864 C C   . TYR B 2 9   ? -13.174 0.878   11.761  1.00 52.03 ? 687 TYR L C   1 
ATOM   865 O O   . TYR B 2 9   ? -12.379 0.112   12.304  1.00 50.87 ? 687 TYR L O   1 
ATOM   866 C CB  . TYR B 2 9   ? -15.013 -0.337  10.651  1.00 54.99 ? 687 TYR L CB  1 
ATOM   867 C CG  . TYR B 2 9   ? -14.689 -1.482  11.415  1.00 60.45 ? 687 TYR L CG  1 
ATOM   868 O OXT . TYR B 2 9   ? -13.221 2.050   12.135  1.00 33.19 ? 687 TYR L OXT 1 
HETATM 869 O O   . HOH C 3 .   ? -8.807  6.832   -6.221  1.00 23.70 ? 201 HOH A O   1 
HETATM 870 O O   . HOH C 3 .   ? -0.945  4.819   9.756   1.00 21.77 ? 202 HOH A O   1 
HETATM 871 O O   . HOH C 3 .   ? 8.290   7.601   -2.518  1.00 26.70 ? 203 HOH A O   1 
HETATM 872 O O   . HOH C 3 .   ? -0.887  -6.517  9.553   1.00 29.61 ? 204 HOH A O   1 
HETATM 873 O O   . HOH C 3 .   ? 6.518   -7.693  -11.277 1.00 31.10 ? 205 HOH A O   1 
HETATM 874 O O   . HOH C 3 .   ? 0.929   3.320   10.139  1.00 33.54 ? 206 HOH A O   1 
HETATM 875 O O   . HOH C 3 .   ? 1.989   13.948  7.012   1.00 30.80 ? 207 HOH A O   1 
HETATM 876 O O   . HOH C 3 .   ? 9.226   11.100  -2.085  1.00 28.43 ? 208 HOH A O   1 
HETATM 877 O O   . HOH C 3 .   ? 0.390   3.785   13.235  1.00 26.86 ? 209 HOH A O   1 
HETATM 878 O O   . HOH C 3 .   ? 9.041   5.692   9.603   1.00 43.12 ? 210 HOH A O   1 
HETATM 879 O O   . HOH C 3 .   ? -10.812 4.513   -6.679  1.00 28.81 ? 211 HOH A O   1 
HETATM 880 O O   . HOH C 3 .   ? -7.583  -1.535  -7.513  1.00 28.01 ? 212 HOH A O   1 
HETATM 881 O O   . HOH C 3 .   ? -16.666 -0.133  -0.025  1.00 29.55 ? 213 HOH A O   1 
HETATM 882 O O   . HOH C 3 .   ? -10.098 7.650   0.236   1.00 38.16 ? 214 HOH A O   1 
HETATM 883 O O   . HOH C 3 .   ? -12.970 3.007   -8.689  1.00 56.35 ? 215 HOH A O   1 
HETATM 884 O O   . HOH C 3 .   ? -18.592 -1.031  -2.735  1.00 28.56 ? 216 HOH A O   1 
HETATM 885 O O   . HOH C 3 .   ? 11.162  -5.872  4.886   1.00 31.22 ? 218 HOH A O   1 
HETATM 886 O O   . HOH C 3 .   ? 1.291   -12.782 4.166   1.00 30.70 ? 219 HOH A O   1 
HETATM 887 O O   . HOH C 3 .   ? 7.343   12.111  1.735   1.00 31.16 ? 220 HOH A O   1 
HETATM 888 O O   . HOH C 3 .   ? 11.447  -6.701  -5.832  1.00 30.04 ? 221 HOH A O   1 
HETATM 889 O O   . HOH C 3 .   ? -0.807  0.908   -14.183 1.00 41.05 ? 222 HOH A O   1 
HETATM 890 O O   . HOH C 3 .   ? 11.850  -8.171  -8.970  1.00 36.02 ? 223 HOH A O   1 
HETATM 891 O O   . HOH C 3 .   ? 13.877  1.212   10.332  1.00 40.89 ? 224 HOH A O   1 
HETATM 892 O O   . HOH C 3 .   ? -6.563  0.298   10.915  1.00 32.79 ? 225 HOH A O   1 
HETATM 893 O O   . HOH C 3 .   ? -7.943  6.167   0.374   1.00 28.08 ? 226 HOH A O   1 
HETATM 894 O O   . HOH C 3 .   ? -0.786  11.160  13.801  1.00 35.21 ? 227 HOH A O   1 
HETATM 895 O O   . HOH C 3 .   ? 11.487  -5.030  2.468   1.00 33.58 ? 228 HOH A O   1 
HETATM 896 O O   . HOH C 3 .   ? 11.938  -4.404  -4.465  1.00 35.56 ? 229 HOH A O   1 
HETATM 897 O O   . HOH C 3 .   ? 10.302  -13.493 -1.052  1.00 35.29 ? 230 HOH A O   1 
HETATM 898 O O   . HOH C 3 .   ? -9.058  8.639   12.957  1.00 36.50 ? 231 HOH A O   1 
HETATM 899 O O   . HOH C 3 .   ? -2.758  9.625   15.222  1.00 25.57 ? 232 HOH A O   1 
HETATM 900 O O   . HOH C 3 .   ? 2.074   -13.900 -11.269 1.00 41.95 ? 233 HOH A O   1 
HETATM 901 O O   . HOH C 3 .   ? 7.145   0.444   -5.768  1.00 30.25 ? 234 HOH A O   1 
HETATM 902 O O   . HOH C 3 .   ? 14.712  -3.189  -12.298 1.00 46.02 ? 235 HOH A O   1 
HETATM 903 O O   . HOH C 3 .   ? 11.189  -10.410 4.517   1.00 35.89 ? 237 HOH A O   1 
HETATM 904 O O   . HOH C 3 .   ? 7.904   12.388  4.293   1.00 36.59 ? 239 HOH A O   1 
HETATM 905 O O   . HOH C 3 .   ? 9.537   -3.823  12.765  1.00 36.37 ? 240 HOH A O   1 
HETATM 906 O O   . HOH C 3 .   ? -0.120  -8.560  7.826   1.00 38.94 ? 241 HOH A O   1 
HETATM 907 O O   . HOH C 3 .   ? -10.357 -3.080  -5.711  1.00 32.36 ? 242 HOH A O   1 
HETATM 908 O O   . HOH C 3 .   ? 3.414   -7.837  -14.578 1.00 48.83 ? 243 HOH A O   1 
HETATM 909 O O   . HOH C 3 .   ? -19.528 1.136   -4.797  1.00 38.44 ? 244 HOH A O   1 
HETATM 910 O O   . HOH C 3 .   ? 4.707   -7.643  15.499  1.00 43.66 ? 245 HOH A O   1 
HETATM 911 O O   . HOH C 3 .   ? 10.566  -15.745 0.483   1.00 50.85 ? 246 HOH A O   1 
HETATM 912 O O   . HOH C 3 .   ? -2.516  19.394  8.063   1.00 40.76 ? 247 HOH A O   1 
HETATM 913 O O   . HOH C 3 .   ? -11.362 5.890   5.585   1.00 39.11 ? 248 HOH A O   1 
HETATM 914 O O   . HOH C 3 .   ? 9.913   -14.108 2.647   1.00 43.84 ? 249 HOH A O   1 
HETATM 915 O O   . HOH C 3 .   ? 11.129  11.340  -6.815  1.00 48.60 ? 250 HOH A O   1 
HETATM 916 O O   . HOH C 3 .   ? 11.027  1.499   -8.996  1.00 55.11 ? 251 HOH A O   1 
HETATM 917 O O   . HOH C 3 .   ? 2.936   17.337  6.116   1.00 38.15 ? 252 HOH A O   1 
HETATM 918 O O   . HOH C 3 .   ? -7.132  -11.115 -3.054  1.00 47.46 ? 253 HOH A O   1 
HETATM 919 O O   . HOH C 3 .   ? 11.594  8.441   -0.945  1.00 51.88 ? 254 HOH A O   1 
HETATM 920 O O   . HOH C 3 .   ? -9.758  11.994  13.533  1.00 49.59 ? 255 HOH A O   1 
HETATM 921 O O   . HOH C 3 .   ? 2.490   2.506   12.137  1.00 38.62 ? 256 HOH A O   1 
HETATM 922 O O   . HOH C 3 .   ? -3.700  1.020   -15.084 1.00 57.15 ? 257 HOH A O   1 
HETATM 923 O O   . HOH C 3 .   ? -2.429  9.537   17.711  1.00 28.94 ? 258 HOH A O   1 
HETATM 924 O O   . HOH C 3 .   ? 6.116   2.514   15.449  1.00 35.88 ? 259 HOH A O   1 
HETATM 925 O O   . HOH C 3 .   ? 9.285   -15.044 4.962   1.00 51.54 ? 260 HOH A O   1 
HETATM 926 O O   . HOH C 3 .   ? 8.611   -1.165  12.309  1.00 35.00 ? 261 HOH A O   1 
HETATM 927 O O   . HOH C 3 .   ? 4.143   -22.514 1.712   1.00 56.10 ? 262 HOH A O   1 
HETATM 928 O O   . HOH C 3 .   ? -9.370  -8.182  -8.733  1.00 46.21 ? 263 HOH A O   1 
HETATM 929 O O   . HOH C 3 .   ? 11.454  -3.665  -14.884 1.00 43.23 ? 264 HOH A O   1 
HETATM 930 O O   . HOH C 3 .   ? -7.507  12.782  14.039  1.00 53.54 ? 265 HOH A O   1 
HETATM 931 O O   . HOH C 3 .   ? 10.193  -10.676 8.228   1.00 58.31 ? 266 HOH A O   1 
HETATM 932 O O   . HOH C 3 .   ? 6.441   10.481  5.729   1.00 33.41 ? 267 HOH A O   1 
HETATM 933 O O   . HOH C 3 .   ? 10.923  -7.309  -11.927 1.00 44.07 ? 268 HOH A O   1 
HETATM 934 O O   . HOH C 3 .   ? 8.588   -3.263  -13.154 1.00 43.42 ? 269 HOH A O   1 
HETATM 935 O O   . HOH C 3 .   ? 14.105  -1.735  -4.639  1.00 38.35 ? 270 HOH A O   1 
HETATM 936 O O   . HOH C 3 .   ? -11.621 7.948   11.034  1.00 53.07 ? 271 HOH A O   1 
HETATM 937 O O   . HOH C 3 .   ? -10.071 -4.902  -7.767  1.00 44.07 ? 272 HOH A O   1 
HETATM 938 O O   . HOH C 3 .   ? 9.815   8.227   -5.968  1.00 41.01 ? 273 HOH A O   1 
HETATM 939 O O   . HOH C 3 .   ? 6.295   -18.931 0.940   1.00 56.39 ? 274 HOH A O   1 
HETATM 940 O O   . HOH C 3 .   ? 9.630   -10.640 12.106  0.50 53.70 ? 275 HOH A O   1 
HETATM 941 O O   . HOH C 3 .   ? 12.531  -9.041  11.263  1.00 50.41 ? 276 HOH A O   1 
HETATM 942 O O   . HOH C 3 .   ? 10.311  8.951   8.215   1.00 57.23 ? 277 HOH A O   1 
HETATM 943 O O   . HOH C 3 .   ? 9.635   -8.145  4.996   1.00 38.77 ? 278 HOH A O   1 
HETATM 944 O O   . HOH C 3 .   ? -3.694  -13.322 -7.818  1.00 39.12 ? 279 HOH A O   1 
HETATM 945 O O   . HOH C 3 .   ? -11.770 11.495  12.153  1.00 60.45 ? 280 HOH A O   1 
HETATM 946 O O   . HOH C 3 .   ? 7.384   -5.193  12.645  1.00 32.14 ? 281 HOH A O   1 
HETATM 947 O O   . HOH C 3 .   ? 2.639   -20.423 -0.630  1.00 57.38 ? 282 HOH A O   1 
HETATM 948 O O   . HOH C 3 .   ? 8.184   6.584   14.659  1.00 55.36 ? 283 HOH A O   1 
HETATM 949 O O   . HOH C 3 .   ? -14.013 9.560   10.391  1.00 55.85 ? 285 HOH A O   1 
HETATM 950 O O   . HOH C 3 .   ? -6.247  14.348  11.751  1.00 49.21 ? 287 HOH A O   1 
HETATM 951 O O   . HOH C 3 .   ? -4.765  18.352  8.861   1.00 43.59 ? 288 HOH A O   1 
HETATM 952 O O   . HOH C 3 .   ? 8.256   9.370   6.983   1.00 45.78 ? 289 HOH A O   1 
HETATM 953 O O   . HOH C 3 .   ? 9.144   -13.266 -13.332 1.00 55.86 ? 290 HOH A O   1 
HETATM 954 O O   . HOH C 3 .   ? 13.758  -3.752  2.918   1.00 48.19 ? 293 HOH A O   1 
HETATM 955 O O   . HOH C 3 .   ? -1.064  -13.913 -8.052  1.00 43.18 ? 294 HOH A O   1 
HETATM 956 O O   . HOH C 3 .   ? 6.137   14.077  0.456   1.00 40.18 ? 295 HOH A O   1 
HETATM 957 O O   . HOH C 3 .   ? -9.201  0.920   -0.696  1.00 45.86 ? 297 HOH A O   1 
HETATM 958 O O   . HOH C 3 .   ? 9.356   -18.550 6.211   1.00 51.83 ? 299 HOH A O   1 
HETATM 959 O O   . HOH C 3 .   ? 0.444   8.594   17.822  1.00 51.91 ? 300 HOH A O   1 
HETATM 960 O O   . HOH C 3 .   ? 9.812   -13.107 9.447   1.00 57.03 ? 301 HOH A O   1 
HETATM 961 O O   . HOH C 3 .   ? 7.992   -11.917 8.833   1.00 56.83 ? 302 HOH A O   1 
HETATM 962 O O   . HOH C 3 .   ? -0.302  18.596  10.403  1.00 54.92 ? 303 HOH A O   1 
HETATM 963 O O   . HOH C 3 .   ? -5.711  18.096  11.395  1.00 49.11 ? 304 HOH A O   1 
HETATM 964 O O   . HOH C 3 .   ? 8.207   -9.842  -14.215 1.00 55.88 ? 305 HOH A O   1 
HETATM 965 O O   . HOH C 3 .   ? 10.647  -13.523 -10.533 1.00 56.02 ? 306 HOH A O   1 
HETATM 966 O O   . HOH C 3 .   ? 6.905   16.358  1.496   1.00 56.51 ? 307 HOH A O   1 
HETATM 967 O O   . HOH C 3 .   ? 4.659   11.217  10.801  1.00 54.01 ? 308 HOH A O   1 
HETATM 968 O O   . HOH C 3 .   ? 4.268   -13.004 -3.666  1.00 48.94 ? 309 HOH A O   1 
HETATM 969 O O   . HOH C 3 .   ? -15.184 1.033   -10.600 1.00 50.68 ? 310 HOH A O   1 
HETATM 970 O O   . HOH C 3 .   ? 17.974  -6.185  -6.280  1.00 51.35 ? 311 HOH A O   1 
HETATM 971 O O   . HOH C 3 .   ? -9.609  -8.873  -11.406 1.00 54.73 ? 312 HOH A O   1 
HETATM 972 O O   . HOH C 3 .   ? -0.751  -14.269 -5.310  1.00 67.18 ? 313 HOH A O   1 
HETATM 973 O O   . HOH C 3 .   ? 9.317   8.171   10.919  1.00 52.78 ? 314 HOH A O   1 
HETATM 974 O O   . HOH C 3 .   ? 7.532   -15.554 -7.887  0.50 57.78 ? 315 HOH A O   1 
HETATM 975 O O   . HOH C 3 .   ? 7.947   14.457  -1.721  1.00 58.26 ? 317 HOH A O   1 
HETATM 976 O O   . HOH C 3 .   ? -9.486  10.339  -2.950  1.00 55.60 ? 318 HOH A O   1 
HETATM 977 O O   . HOH C 3 .   ? 6.483   -7.748  13.400  1.00 55.69 ? 319 HOH A O   1 
HETATM 978 O O   . HOH C 3 .   ? 11.239  6.540   5.873   1.00 49.67 ? 320 HOH A O   1 
HETATM 979 O O   . HOH C 3 .   ? 0.750   -15.402 -9.442  1.00 60.38 ? 321 HOH A O   1 
HETATM 980 O O   . HOH C 3 .   ? -1.853  -13.497 -2.931  1.00 54.94 ? 322 HOH A O   1 
HETATM 981 O O   . HOH D 3 .   ? -4.377  -8.875  2.505   1.00 31.91 ? 217 HOH L O   1 
HETATM 982 O O   . HOH D 3 .   ? -3.374  -7.583  10.301  1.00 41.18 ? 236 HOH L O   1 
HETATM 983 O O   . HOH D 3 .   ? -11.229 3.630   10.595  1.00 38.67 ? 238 HOH L O   1 
HETATM 984 O O   . HOH D 3 .   ? -9.940  -5.564  7.365   1.00 44.37 ? 284 HOH L O   1 
HETATM 985 O O   . HOH D 3 .   ? -4.230  -10.443 8.944   1.00 55.01 ? 286 HOH L O   1 
HETATM 986 O O   . HOH D 3 .   ? -10.917 -6.907  5.437   1.00 49.23 ? 291 HOH L O   1 
HETATM 987 O O   . HOH D 3 .   ? -2.352  -12.702 4.313   1.00 60.39 ? 292 HOH L O   1 
HETATM 988 O O   . HOH D 3 .   ? -6.151  -16.257 6.436   1.00 49.48 ? 296 HOH L O   1 
HETATM 989 O O   . HOH D 3 .   ? -10.237 1.030   11.180  1.00 43.74 ? 298 HOH L O   1 
HETATM 990 O O   . HOH D 3 .   ? -7.834  -10.947 3.858   1.00 60.16 ? 316 HOH L O   1 
# 
